data_3NE3
# 
_entry.id   3NE3 
# 
_audit_conform.dict_name       mmcif_pdbx.dic 
_audit_conform.dict_version    5.387 
_audit_conform.dict_location   http://mmcif.pdb.org/dictionaries/ascii/mmcif_pdbx.dic 
# 
loop_
_database_2.database_id 
_database_2.database_code 
_database_2.pdbx_database_accession 
_database_2.pdbx_DOI 
PDB   3NE3         pdb_00003ne3 10.2210/pdb3ne3/pdb 
RCSB  RCSB059713   ?            ?                   
WWPDB D_1000059713 ?            ?                   
# 
loop_
_pdbx_audit_revision_history.ordinal 
_pdbx_audit_revision_history.data_content_type 
_pdbx_audit_revision_history.major_revision 
_pdbx_audit_revision_history.minor_revision 
_pdbx_audit_revision_history.revision_date 
1 'Structure model' 1 0 2010-07-28 
2 'Structure model' 1 1 2011-07-13 
3 'Structure model' 1 2 2012-07-25 
4 'Structure model' 1 3 2019-07-17 
5 'Structure model' 1 4 2024-02-21 
# 
_pdbx_audit_revision_details.ordinal             1 
_pdbx_audit_revision_details.revision_ordinal    1 
_pdbx_audit_revision_details.data_content_type   'Structure model' 
_pdbx_audit_revision_details.provider            repository 
_pdbx_audit_revision_details.type                'Initial release' 
_pdbx_audit_revision_details.description         ? 
_pdbx_audit_revision_details.details             ? 
# 
loop_
_pdbx_audit_revision_group.ordinal 
_pdbx_audit_revision_group.revision_ordinal 
_pdbx_audit_revision_group.data_content_type 
_pdbx_audit_revision_group.group 
1 2 'Structure model' 'Version format compliance' 
2 3 'Structure model' 'Database references'       
3 3 'Structure model' 'Structure summary'         
4 4 'Structure model' 'Data collection'           
5 4 'Structure model' 'Refinement description'    
6 5 'Structure model' 'Data collection'           
7 5 'Structure model' 'Database references'       
# 
loop_
_pdbx_audit_revision_category.ordinal 
_pdbx_audit_revision_category.revision_ordinal 
_pdbx_audit_revision_category.data_content_type 
_pdbx_audit_revision_category.category 
1 4 'Structure model' software       
2 5 'Structure model' chem_comp_atom 
3 5 'Structure model' chem_comp_bond 
4 5 'Structure model' database_2     
# 
loop_
_pdbx_audit_revision_item.ordinal 
_pdbx_audit_revision_item.revision_ordinal 
_pdbx_audit_revision_item.data_content_type 
_pdbx_audit_revision_item.item 
1 4 'Structure model' '_software.classification'            
2 4 'Structure model' '_software.name'                      
3 4 'Structure model' '_software.version'                   
4 5 'Structure model' '_database_2.pdbx_DOI'                
5 5 'Structure model' '_database_2.pdbx_database_accession' 
# 
_pdbx_database_status.status_code                     REL 
_pdbx_database_status.entry_id                        3NE3 
_pdbx_database_status.recvd_initial_deposition_date   2010-06-08 
_pdbx_database_status.deposit_site                    RCSB 
_pdbx_database_status.process_site                    RCSB 
_pdbx_database_status.status_code_sf                  REL 
_pdbx_database_status.status_code_mr                  ? 
_pdbx_database_status.SG_entry                        Y 
_pdbx_database_status.status_code_cs                  ? 
_pdbx_database_status.methods_development_category    ? 
_pdbx_database_status.pdb_format_compatible           Y 
_pdbx_database_status.status_code_nmr_data            ? 
# 
loop_
_pdbx_database_related.db_name 
_pdbx_database_related.db_id 
_pdbx_database_related.details 
_pdbx_database_related.content_type 
PDB 3NE1 . unspecified 
PDB 3NE9 . unspecified 
PDB 3NFD . unspecified 
# 
loop_
_audit_author.name 
_audit_author.pdbx_ordinal 
'Gokulan, K.'                                                     1 
'Mycobacterium Tuberculosis Structural Proteomics Project (XMTB)' 2 
# 
_citation.id                        primary 
_citation.title                     
'Mycobacterium tuberculosis acyl carrier protein synthase adopts two different pH-dependent structural conformations.' 
_citation.journal_abbrev            'Acta Crystallogr.,Sect.D' 
_citation.journal_volume            67 
_citation.page_first                657 
_citation.page_last                 669 
_citation.year                      2011 
_citation.journal_id_ASTM           ABCRE6 
_citation.country                   DK 
_citation.journal_id_ISSN           0907-4449 
_citation.journal_id_CSD            0766 
_citation.book_publisher            ? 
_citation.pdbx_database_id_PubMed   21697604 
_citation.pdbx_database_id_DOI      10.1107/S0907444911020221 
# 
loop_
_citation_author.citation_id 
_citation_author.name 
_citation_author.ordinal 
_citation_author.identifier_ORCID 
primary 'Gokulan, K.'       1 ? 
primary 'Aggarwal, A.'      2 ? 
primary 'Shipman, L.'       3 ? 
primary 'Besra, G.S.'       4 ? 
primary 'Sacchettini, J.C.' 5 ? 
# 
loop_
_entity.id 
_entity.type 
_entity.src_method 
_entity.pdbx_description 
_entity.formula_weight 
_entity.pdbx_number_of_molecules 
_entity.pdbx_ec 
_entity.pdbx_mutation 
_entity.pdbx_fragment 
_entity.details 
1 polymer man 'Holo-[acyl-carrier-protein] synthase' 14019.756 1  2.7.8.7 ? ? ? 
2 water   nat water                                  18.015    23 ?       ? ? ? 
# 
_entity_name_com.entity_id   1 
_entity_name_com.name        
;Holo-ACP synthase, 4'-phosphopantetheinyl transferase AcpS
;
# 
_entity_poly.entity_id                      1 
_entity_poly.type                           'polypeptide(L)' 
_entity_poly.nstd_linkage                   no 
_entity_poly.nstd_monomer                   no 
_entity_poly.pdbx_seq_one_letter_code       
;MGIVGVGIDLVSIPDFAEQVDQPGTVFAETFTPGERRDASDKSSSAARHLAARWAAKEAVIKAWSGSRFAQRPVLPEDIH
RDIEVVTDMWGRPRVRLTGAIAEYLADVTIHVSLTHEGDTAAAVAILEAP
;
_entity_poly.pdbx_seq_one_letter_code_can   
;MGIVGVGIDLVSIPDFAEQVDQPGTVFAETFTPGERRDASDKSSSAARHLAARWAAKEAVIKAWSGSRFAQRPVLPEDIH
RDIEVVTDMWGRPRVRLTGAIAEYLADVTIHVSLTHEGDTAAAVAILEAP
;
_entity_poly.pdbx_strand_id                 B 
_entity_poly.pdbx_target_identifier         ? 
# 
_pdbx_entity_nonpoly.entity_id   2 
_pdbx_entity_nonpoly.name        water 
_pdbx_entity_nonpoly.comp_id     HOH 
# 
loop_
_entity_poly_seq.entity_id 
_entity_poly_seq.num 
_entity_poly_seq.mon_id 
_entity_poly_seq.hetero 
1 1   MET n 
1 2   GLY n 
1 3   ILE n 
1 4   VAL n 
1 5   GLY n 
1 6   VAL n 
1 7   GLY n 
1 8   ILE n 
1 9   ASP n 
1 10  LEU n 
1 11  VAL n 
1 12  SER n 
1 13  ILE n 
1 14  PRO n 
1 15  ASP n 
1 16  PHE n 
1 17  ALA n 
1 18  GLU n 
1 19  GLN n 
1 20  VAL n 
1 21  ASP n 
1 22  GLN n 
1 23  PRO n 
1 24  GLY n 
1 25  THR n 
1 26  VAL n 
1 27  PHE n 
1 28  ALA n 
1 29  GLU n 
1 30  THR n 
1 31  PHE n 
1 32  THR n 
1 33  PRO n 
1 34  GLY n 
1 35  GLU n 
1 36  ARG n 
1 37  ARG n 
1 38  ASP n 
1 39  ALA n 
1 40  SER n 
1 41  ASP n 
1 42  LYS n 
1 43  SER n 
1 44  SER n 
1 45  SER n 
1 46  ALA n 
1 47  ALA n 
1 48  ARG n 
1 49  HIS n 
1 50  LEU n 
1 51  ALA n 
1 52  ALA n 
1 53  ARG n 
1 54  TRP n 
1 55  ALA n 
1 56  ALA n 
1 57  LYS n 
1 58  GLU n 
1 59  ALA n 
1 60  VAL n 
1 61  ILE n 
1 62  LYS n 
1 63  ALA n 
1 64  TRP n 
1 65  SER n 
1 66  GLY n 
1 67  SER n 
1 68  ARG n 
1 69  PHE n 
1 70  ALA n 
1 71  GLN n 
1 72  ARG n 
1 73  PRO n 
1 74  VAL n 
1 75  LEU n 
1 76  PRO n 
1 77  GLU n 
1 78  ASP n 
1 79  ILE n 
1 80  HIS n 
1 81  ARG n 
1 82  ASP n 
1 83  ILE n 
1 84  GLU n 
1 85  VAL n 
1 86  VAL n 
1 87  THR n 
1 88  ASP n 
1 89  MET n 
1 90  TRP n 
1 91  GLY n 
1 92  ARG n 
1 93  PRO n 
1 94  ARG n 
1 95  VAL n 
1 96  ARG n 
1 97  LEU n 
1 98  THR n 
1 99  GLY n 
1 100 ALA n 
1 101 ILE n 
1 102 ALA n 
1 103 GLU n 
1 104 TYR n 
1 105 LEU n 
1 106 ALA n 
1 107 ASP n 
1 108 VAL n 
1 109 THR n 
1 110 ILE n 
1 111 HIS n 
1 112 VAL n 
1 113 SER n 
1 114 LEU n 
1 115 THR n 
1 116 HIS n 
1 117 GLU n 
1 118 GLY n 
1 119 ASP n 
1 120 THR n 
1 121 ALA n 
1 122 ALA n 
1 123 ALA n 
1 124 VAL n 
1 125 ALA n 
1 126 ILE n 
1 127 LEU n 
1 128 GLU n 
1 129 ALA n 
1 130 PRO n 
# 
_entity_src_gen.entity_id                          1 
_entity_src_gen.pdbx_src_id                        1 
_entity_src_gen.pdbx_alt_source_flag               sample 
_entity_src_gen.pdbx_seq_type                      ? 
_entity_src_gen.pdbx_beg_seq_num                   ? 
_entity_src_gen.pdbx_end_seq_num                   ? 
_entity_src_gen.gene_src_common_name               ? 
_entity_src_gen.gene_src_genus                     ? 
_entity_src_gen.pdbx_gene_src_gene                 'acpS, MT2599, MTV009.08c' 
_entity_src_gen.gene_src_species                   ? 
_entity_src_gen.gene_src_strain                    H37RV 
_entity_src_gen.gene_src_tissue                    ? 
_entity_src_gen.gene_src_tissue_fraction           ? 
_entity_src_gen.gene_src_details                   ? 
_entity_src_gen.pdbx_gene_src_fragment             ? 
_entity_src_gen.pdbx_gene_src_scientific_name      'Mycobacterium tuberculosis' 
_entity_src_gen.pdbx_gene_src_ncbi_taxonomy_id     1773 
_entity_src_gen.pdbx_gene_src_variant              ? 
_entity_src_gen.pdbx_gene_src_cell_line            ? 
_entity_src_gen.pdbx_gene_src_atcc                 ? 
_entity_src_gen.pdbx_gene_src_organ                ? 
_entity_src_gen.pdbx_gene_src_organelle            ? 
_entity_src_gen.pdbx_gene_src_cell                 ? 
_entity_src_gen.pdbx_gene_src_cellular_location    ? 
_entity_src_gen.host_org_common_name               ? 
_entity_src_gen.pdbx_host_org_scientific_name      'Escherichia coli' 
_entity_src_gen.pdbx_host_org_ncbi_taxonomy_id     469008 
_entity_src_gen.host_org_genus                     ? 
_entity_src_gen.pdbx_host_org_gene                 ? 
_entity_src_gen.pdbx_host_org_organ                ? 
_entity_src_gen.host_org_species                   ? 
_entity_src_gen.pdbx_host_org_tissue               ? 
_entity_src_gen.pdbx_host_org_tissue_fraction      ? 
_entity_src_gen.pdbx_host_org_strain               'BL21 DE3' 
_entity_src_gen.pdbx_host_org_variant              ? 
_entity_src_gen.pdbx_host_org_cell_line            ? 
_entity_src_gen.pdbx_host_org_atcc                 ? 
_entity_src_gen.pdbx_host_org_culture_collection   ? 
_entity_src_gen.pdbx_host_org_cell                 ? 
_entity_src_gen.pdbx_host_org_organelle            ? 
_entity_src_gen.pdbx_host_org_cellular_location    ? 
_entity_src_gen.pdbx_host_org_vector_type          pET3Ob 
_entity_src_gen.pdbx_host_org_vector               ? 
_entity_src_gen.host_org_details                   ? 
_entity_src_gen.expression_system_id               ? 
_entity_src_gen.plasmid_name                       ? 
_entity_src_gen.plasmid_details                    ? 
_entity_src_gen.pdbx_description                   ? 
# 
loop_
_chem_comp.id 
_chem_comp.type 
_chem_comp.mon_nstd_flag 
_chem_comp.name 
_chem_comp.pdbx_synonyms 
_chem_comp.formula 
_chem_comp.formula_weight 
ALA 'L-peptide linking' y ALANINE         ? 'C3 H7 N O2'     89.093  
ARG 'L-peptide linking' y ARGININE        ? 'C6 H15 N4 O2 1' 175.209 
ASP 'L-peptide linking' y 'ASPARTIC ACID' ? 'C4 H7 N O4'     133.103 
GLN 'L-peptide linking' y GLUTAMINE       ? 'C5 H10 N2 O3'   146.144 
GLU 'L-peptide linking' y 'GLUTAMIC ACID' ? 'C5 H9 N O4'     147.129 
GLY 'peptide linking'   y GLYCINE         ? 'C2 H5 N O2'     75.067  
HIS 'L-peptide linking' y HISTIDINE       ? 'C6 H10 N3 O2 1' 156.162 
HOH non-polymer         . WATER           ? 'H2 O'           18.015  
ILE 'L-peptide linking' y ISOLEUCINE      ? 'C6 H13 N O2'    131.173 
LEU 'L-peptide linking' y LEUCINE         ? 'C6 H13 N O2'    131.173 
LYS 'L-peptide linking' y LYSINE          ? 'C6 H15 N2 O2 1' 147.195 
MET 'L-peptide linking' y METHIONINE      ? 'C5 H11 N O2 S'  149.211 
PHE 'L-peptide linking' y PHENYLALANINE   ? 'C9 H11 N O2'    165.189 
PRO 'L-peptide linking' y PROLINE         ? 'C5 H9 N O2'     115.130 
SER 'L-peptide linking' y SERINE          ? 'C3 H7 N O3'     105.093 
THR 'L-peptide linking' y THREONINE       ? 'C4 H9 N O3'     119.119 
TRP 'L-peptide linking' y TRYPTOPHAN      ? 'C11 H12 N2 O2'  204.225 
TYR 'L-peptide linking' y TYROSINE        ? 'C9 H11 N O3'    181.189 
VAL 'L-peptide linking' y VALINE          ? 'C5 H11 N O2'    117.146 
# 
loop_
_pdbx_poly_seq_scheme.asym_id 
_pdbx_poly_seq_scheme.entity_id 
_pdbx_poly_seq_scheme.seq_id 
_pdbx_poly_seq_scheme.mon_id 
_pdbx_poly_seq_scheme.ndb_seq_num 
_pdbx_poly_seq_scheme.pdb_seq_num 
_pdbx_poly_seq_scheme.auth_seq_num 
_pdbx_poly_seq_scheme.pdb_mon_id 
_pdbx_poly_seq_scheme.auth_mon_id 
_pdbx_poly_seq_scheme.pdb_strand_id 
_pdbx_poly_seq_scheme.pdb_ins_code 
_pdbx_poly_seq_scheme.hetero 
A 1 1   MET 1   1   ?   ?   ?   B . n 
A 1 2   GLY 2   2   2   GLY GLY B . n 
A 1 3   ILE 3   3   3   ILE ILE B . n 
A 1 4   VAL 4   4   4   VAL VAL B . n 
A 1 5   GLY 5   5   5   GLY GLY B . n 
A 1 6   VAL 6   6   6   VAL VAL B . n 
A 1 7   GLY 7   7   7   GLY GLY B . n 
A 1 8   ILE 8   8   8   ILE ILE B . n 
A 1 9   ASP 9   9   9   ASP ASP B . n 
A 1 10  LEU 10  10  10  LEU LEU B . n 
A 1 11  VAL 11  11  11  VAL VAL B . n 
A 1 12  SER 12  12  12  SER SER B . n 
A 1 13  ILE 13  13  13  ILE ILE B . n 
A 1 14  PRO 14  14  14  PRO PRO B . n 
A 1 15  ASP 15  15  15  ASP ASP B . n 
A 1 16  PHE 16  16  16  PHE PHE B . n 
A 1 17  ALA 17  17  17  ALA ALA B . n 
A 1 18  GLU 18  18  18  GLU GLU B . n 
A 1 19  GLN 19  19  19  GLN GLN B . n 
A 1 20  VAL 20  20  20  VAL VAL B . n 
A 1 21  ASP 21  21  21  ASP ASP B . n 
A 1 22  GLN 22  22  22  GLN GLN B . n 
A 1 23  PRO 23  23  23  PRO PRO B . n 
A 1 24  GLY 24  24  24  GLY GLY B . n 
A 1 25  THR 25  25  25  THR THR B . n 
A 1 26  VAL 26  26  26  VAL VAL B . n 
A 1 27  PHE 27  27  27  PHE PHE B . n 
A 1 28  ALA 28  28  28  ALA ALA B . n 
A 1 29  GLU 29  29  29  GLU GLU B . n 
A 1 30  THR 30  30  30  THR THR B . n 
A 1 31  PHE 31  31  31  PHE PHE B . n 
A 1 32  THR 32  32  32  THR THR B . n 
A 1 33  PRO 33  33  33  PRO PRO B . n 
A 1 34  GLY 34  34  34  GLY GLY B . n 
A 1 35  GLU 35  35  35  GLU GLU B . n 
A 1 36  ARG 36  36  36  ARG ARG B . n 
A 1 37  ARG 37  37  37  ARG ARG B . n 
A 1 38  ASP 38  38  38  ASP ASP B . n 
A 1 39  ALA 39  39  39  ALA ALA B . n 
A 1 40  SER 40  40  40  SER SER B . n 
A 1 41  ASP 41  41  41  ASP ASP B . n 
A 1 42  LYS 42  42  42  LYS LYS B . n 
A 1 43  SER 43  43  43  SER SER B . n 
A 1 44  SER 44  44  44  SER SER B . n 
A 1 45  SER 45  45  45  SER SER B . n 
A 1 46  ALA 46  46  46  ALA ALA B . n 
A 1 47  ALA 47  47  47  ALA ALA B . n 
A 1 48  ARG 48  48  48  ARG ARG B . n 
A 1 49  HIS 49  49  49  HIS HIS B . n 
A 1 50  LEU 50  50  50  LEU LEU B . n 
A 1 51  ALA 51  51  51  ALA ALA B . n 
A 1 52  ALA 52  52  52  ALA ALA B . n 
A 1 53  ARG 53  53  53  ARG ARG B . n 
A 1 54  TRP 54  54  54  TRP TRP B . n 
A 1 55  ALA 55  55  55  ALA ALA B . n 
A 1 56  ALA 56  56  56  ALA ALA B . n 
A 1 57  LYS 57  57  57  LYS LYS B . n 
A 1 58  GLU 58  58  58  GLU GLU B . n 
A 1 59  ALA 59  59  59  ALA ALA B . n 
A 1 60  VAL 60  60  60  VAL VAL B . n 
A 1 61  ILE 61  61  61  ILE ILE B . n 
A 1 62  LYS 62  62  62  LYS LYS B . n 
A 1 63  ALA 63  63  63  ALA ALA B . n 
A 1 64  TRP 64  64  64  TRP TRP B . n 
A 1 65  SER 65  65  65  SER SER B . n 
A 1 66  GLY 66  66  66  GLY GLY B . n 
A 1 67  SER 67  67  67  SER SER B . n 
A 1 68  ARG 68  68  68  ARG ARG B . n 
A 1 69  PHE 69  69  69  PHE PHE B . n 
A 1 70  ALA 70  70  70  ALA ALA B . n 
A 1 71  GLN 71  71  71  GLN GLN B . n 
A 1 72  ARG 72  72  72  ARG ARG B . n 
A 1 73  PRO 73  73  73  PRO PRO B . n 
A 1 74  VAL 74  74  74  VAL VAL B . n 
A 1 75  LEU 75  75  75  LEU LEU B . n 
A 1 76  PRO 76  76  76  PRO PRO B . n 
A 1 77  GLU 77  77  77  GLU GLU B . n 
A 1 78  ASP 78  78  78  ASP ASP B . n 
A 1 79  ILE 79  79  79  ILE ILE B . n 
A 1 80  HIS 80  80  80  HIS HIS B . n 
A 1 81  ARG 81  81  81  ARG ARG B . n 
A 1 82  ASP 82  82  82  ASP ASP B . n 
A 1 83  ILE 83  83  83  ILE ILE B . n 
A 1 84  GLU 84  84  84  GLU GLU B . n 
A 1 85  VAL 85  85  85  VAL VAL B . n 
A 1 86  VAL 86  86  86  VAL VAL B . n 
A 1 87  THR 87  87  87  THR THR B . n 
A 1 88  ASP 88  88  88  ASP ASP B . n 
A 1 89  MET 89  89  89  MET MET B . n 
A 1 90  TRP 90  90  90  TRP TRP B . n 
A 1 91  GLY 91  91  91  GLY GLY B . n 
A 1 92  ARG 92  92  92  ARG ARG B . n 
A 1 93  PRO 93  93  93  PRO PRO B . n 
A 1 94  ARG 94  94  94  ARG ARG B . n 
A 1 95  VAL 95  95  95  VAL VAL B . n 
A 1 96  ARG 96  96  96  ARG ARG B . n 
A 1 97  LEU 97  97  97  LEU LEU B . n 
A 1 98  THR 98  98  98  THR THR B . n 
A 1 99  GLY 99  99  99  GLY GLY B . n 
A 1 100 ALA 100 100 100 ALA ALA B . n 
A 1 101 ILE 101 101 101 ILE ILE B . n 
A 1 102 ALA 102 102 102 ALA ALA B . n 
A 1 103 GLU 103 103 103 GLU GLU B . n 
A 1 104 TYR 104 104 104 TYR TYR B . n 
A 1 105 LEU 105 105 105 LEU LEU B . n 
A 1 106 ALA 106 106 106 ALA ALA B . n 
A 1 107 ASP 107 107 107 ASP ASP B . n 
A 1 108 VAL 108 108 108 VAL VAL B . n 
A 1 109 THR 109 109 109 THR THR B . n 
A 1 110 ILE 110 110 110 ILE ILE B . n 
A 1 111 HIS 111 111 111 HIS HIS B . n 
A 1 112 VAL 112 112 112 VAL VAL B . n 
A 1 113 SER 113 113 113 SER SER B . n 
A 1 114 LEU 114 114 114 LEU LEU B . n 
A 1 115 THR 115 115 115 THR THR B . n 
A 1 116 HIS 116 116 116 HIS HIS B . n 
A 1 117 GLU 117 117 117 GLU GLU B . n 
A 1 118 GLY 118 118 118 GLY GLY B . n 
A 1 119 ASP 119 119 119 ASP ASP B . n 
A 1 120 THR 120 120 120 THR THR B . n 
A 1 121 ALA 121 121 121 ALA ALA B . n 
A 1 122 ALA 122 122 122 ALA ALA B . n 
A 1 123 ALA 123 123 123 ALA ALA B . n 
A 1 124 VAL 124 124 124 VAL VAL B . n 
A 1 125 ALA 125 125 125 ALA ALA B . n 
A 1 126 ILE 126 126 126 ILE ILE B . n 
A 1 127 LEU 127 127 127 LEU LEU B . n 
A 1 128 GLU 128 128 128 GLU GLU B . n 
A 1 129 ALA 129 129 129 ALA ALA B . n 
A 1 130 PRO 130 130 130 PRO PRO B . n 
# 
loop_
_pdbx_nonpoly_scheme.asym_id 
_pdbx_nonpoly_scheme.entity_id 
_pdbx_nonpoly_scheme.mon_id 
_pdbx_nonpoly_scheme.ndb_seq_num 
_pdbx_nonpoly_scheme.pdb_seq_num 
_pdbx_nonpoly_scheme.auth_seq_num 
_pdbx_nonpoly_scheme.pdb_mon_id 
_pdbx_nonpoly_scheme.auth_mon_id 
_pdbx_nonpoly_scheme.pdb_strand_id 
_pdbx_nonpoly_scheme.pdb_ins_code 
B 2 HOH 1  131 131 HOH HOH B . 
B 2 HOH 2  132 132 HOH HOH B . 
B 2 HOH 3  133 133 HOH HOH B . 
B 2 HOH 4  134 134 HOH HOH B . 
B 2 HOH 5  135 135 HOH HOH B . 
B 2 HOH 6  136 136 HOH HOH B . 
B 2 HOH 7  137 137 HOH HOH B . 
B 2 HOH 8  138 138 HOH HOH B . 
B 2 HOH 9  139 139 HOH HOH B . 
B 2 HOH 10 140 140 HOH HOH B . 
B 2 HOH 11 141 141 HOH HOH B . 
B 2 HOH 12 142 142 HOH HOH B . 
B 2 HOH 13 143 143 HOH HOH B . 
B 2 HOH 14 144 144 HOH HOH B . 
B 2 HOH 15 145 145 HOH HOH B . 
B 2 HOH 16 146 146 HOH HOH B . 
B 2 HOH 17 147 147 HOH HOH B . 
B 2 HOH 18 148 148 HOH HOH B . 
B 2 HOH 19 149 149 HOH HOH B . 
B 2 HOH 20 150 150 HOH HOH B . 
B 2 HOH 21 151 151 HOH HOH B . 
B 2 HOH 22 152 152 HOH HOH B . 
B 2 HOH 23 153 153 HOH HOH B . 
# 
loop_
_software.name 
_software.classification 
_software.version 
_software.citation_id 
_software.pdbx_ordinal 
REFMAC    refinement        5.1.24  ? 1 
CNS       refinement        .       ? 2 
ADSC      'data collection' Quantum ? 3 
HKL-2000  'data reduction'  .       ? 4 
SCALEPACK 'data scaling'    .       ? 5 
CNS       phasing           .       ? 6 
# 
_cell.entry_id           3NE3 
_cell.length_a           67.933 
_cell.length_b           67.933 
_cell.length_c           83.982 
_cell.angle_alpha        90.00 
_cell.angle_beta         90.00 
_cell.angle_gamma        120.00 
_cell.Z_PDB              9 
_cell.pdbx_unique_axis   ? 
_cell.length_a_esd       ? 
_cell.length_b_esd       ? 
_cell.length_c_esd       ? 
_cell.angle_alpha_esd    ? 
_cell.angle_beta_esd     ? 
_cell.angle_gamma_esd    ? 
# 
_symmetry.entry_id                         3NE3 
_symmetry.space_group_name_H-M             'H 3' 
_symmetry.pdbx_full_space_group_name_H-M   ? 
_symmetry.cell_setting                     ? 
_symmetry.Int_Tables_number                146 
_symmetry.space_group_name_Hall            ? 
# 
_exptl.entry_id          3NE3 
_exptl.method            'X-RAY DIFFRACTION' 
_exptl.crystals_number   1 
# 
_exptl_crystal.id                    1 
_exptl_crystal.density_meas          ? 
_exptl_crystal.density_Matthews      2.66 
_exptl_crystal.density_percent_sol   53.76 
_exptl_crystal.description           ? 
_exptl_crystal.F_000                 ? 
_exptl_crystal.preparation           ? 
# 
_exptl_crystal_grow.crystal_id      1 
_exptl_crystal_grow.method          EVAPORATION 
_exptl_crystal_grow.temp            ? 
_exptl_crystal_grow.temp_details    ? 
_exptl_crystal_grow.pH              ? 
_exptl_crystal_grow.pdbx_pH_range   '4 to 6' 
_exptl_crystal_grow.pdbx_details    '5.6% PEG 4K, 0.07 M sodium acetate pH 4.6 to 5.5, 30% glycerol, EVAPORATION' 
# 
_diffrn.id                     1 
_diffrn.ambient_temp           120 
_diffrn.ambient_temp_details   ? 
_diffrn.crystal_id             1 
# 
_diffrn_detector.diffrn_id              1 
_diffrn_detector.detector               CCD 
_diffrn_detector.type                   'ADSC QUANTUM 4' 
_diffrn_detector.pdbx_collection_date   2000-01-01 
_diffrn_detector.details                ? 
# 
_diffrn_radiation.diffrn_id                        1 
_diffrn_radiation.wavelength_id                    1 
_diffrn_radiation.pdbx_monochromatic_or_laue_m_l   M 
_diffrn_radiation.monochromator                    ? 
_diffrn_radiation.pdbx_diffrn_protocol             'SINGLE WAVELENGTH' 
_diffrn_radiation.pdbx_scattering_type             x-ray 
# 
_diffrn_radiation_wavelength.id           1 
_diffrn_radiation_wavelength.wavelength   0.97 
_diffrn_radiation_wavelength.wt           1.0 
# 
_diffrn_source.diffrn_id                   1 
_diffrn_source.source                      SYNCHROTRON 
_diffrn_source.type                        'APS BEAMLINE 14-ID-B' 
_diffrn_source.pdbx_synchrotron_site       APS 
_diffrn_source.pdbx_synchrotron_beamline   14-ID-B 
_diffrn_source.pdbx_wavelength             ? 
_diffrn_source.pdbx_wavelength_list        0.97 
# 
_reflns.entry_id                     3NE3 
_reflns.observed_criterion_sigma_I   ? 
_reflns.observed_criterion_sigma_F   ? 
_reflns.d_resolution_low             48.19 
_reflns.d_resolution_high            1.9 
_reflns.number_obs                   10843 
_reflns.number_all                   ? 
_reflns.percent_possible_obs         100 
_reflns.pdbx_Rmerge_I_obs            0.03 
_reflns.pdbx_Rsym_value              ? 
_reflns.pdbx_netI_over_sigmaI        54 
_reflns.B_iso_Wilson_estimate        ? 
_reflns.pdbx_redundancy              ? 
_reflns.R_free_details               ? 
_reflns.limit_h_max                  ? 
_reflns.limit_h_min                  ? 
_reflns.limit_k_max                  ? 
_reflns.limit_k_min                  ? 
_reflns.limit_l_max                  ? 
_reflns.limit_l_min                  ? 
_reflns.observed_criterion_F_max     ? 
_reflns.observed_criterion_F_min     ? 
_reflns.pdbx_chi_squared             ? 
_reflns.pdbx_scaling_rejects         ? 
_reflns.pdbx_ordinal                 1 
_reflns.pdbx_diffrn_id               1 
# 
_refine.pdbx_refine_id                           'X-RAY DIFFRACTION' 
_refine.entry_id                                 3NE3 
_refine.ls_number_reflns_obs                     10843 
_refine.ls_number_reflns_all                     ? 
_refine.pdbx_ls_sigma_I                          ? 
_refine.pdbx_ls_sigma_F                          ? 
_refine.pdbx_data_cutoff_high_absF               ? 
_refine.pdbx_data_cutoff_low_absF                ? 
_refine.pdbx_data_cutoff_high_rms_absF           ? 
_refine.ls_d_res_low                             48.19 
_refine.ls_d_res_high                            1.90 
_refine.ls_percent_reflns_obs                    100.0 
_refine.ls_R_factor_obs                          0.249 
_refine.ls_R_factor_all                          ? 
_refine.ls_R_factor_R_work                       0.248 
_refine.ls_R_factor_R_free                       0.274 
_refine.ls_R_factor_R_free_error                 ? 
_refine.ls_R_factor_R_free_error_details         ? 
_refine.ls_percent_reflns_R_free                 4.800 
_refine.ls_number_reflns_R_free                  544 
_refine.ls_number_parameters                     ? 
_refine.ls_number_restraints                     ? 
_refine.occupancy_min                            ? 
_refine.occupancy_max                            ? 
_refine.correlation_coeff_Fo_to_Fc               0.917 
_refine.correlation_coeff_Fo_to_Fc_free          0.891 
_refine.B_iso_mean                               43.75 
_refine.aniso_B[1][1]                            0.30000 
_refine.aniso_B[2][2]                            0.30000 
_refine.aniso_B[3][3]                            -0.45000 
_refine.aniso_B[1][2]                            0.15000 
_refine.aniso_B[1][3]                            0.00000 
_refine.aniso_B[2][3]                            0.00000 
_refine.solvent_model_details                    'BABINET MODEL WITH MASK' 
_refine.solvent_model_param_ksol                 ? 
_refine.solvent_model_param_bsol                 ? 
_refine.pdbx_solvent_vdw_probe_radii             1.40 
_refine.pdbx_solvent_ion_probe_radii             0.80 
_refine.pdbx_solvent_shrinkage_radii             0.80 
_refine.pdbx_ls_cross_valid_method               THROUGHOUT 
_refine.details                                  'HYDROGENS HAVE BEEN ADDED IN THE RIDING POSITIONS' 
_refine.pdbx_starting_model                      ? 
_refine.pdbx_method_to_determine_struct          ? 
_refine.pdbx_isotropic_thermal_model             ? 
_refine.pdbx_stereochemistry_target_values       'MAXIMUM LIKELIHOOD' 
_refine.pdbx_stereochem_target_val_spec_case     ? 
_refine.pdbx_R_Free_selection_details            RANDOM 
_refine.pdbx_overall_ESU_R                       0.180 
_refine.pdbx_overall_ESU_R_Free                  0.159 
_refine.overall_SU_ML                            0.150 
_refine.pdbx_overall_phase_error                 ? 
_refine.overall_SU_B                             5.149 
_refine.overall_SU_R_Cruickshank_DPI             ? 
_refine.pdbx_overall_SU_R_free_Cruickshank_DPI   ? 
_refine.pdbx_overall_SU_R_Blow_DPI               ? 
_refine.pdbx_overall_SU_R_free_Blow_DPI          ? 
_refine.ls_redundancy_reflns_obs                 ? 
_refine.B_iso_min                                ? 
_refine.B_iso_max                                ? 
_refine.overall_SU_R_free                        ? 
_refine.ls_wR_factor_R_free                      ? 
_refine.ls_wR_factor_R_work                      ? 
_refine.overall_FOM_free_R_set                   ? 
_refine.overall_FOM_work_R_set                   ? 
_refine.pdbx_diffrn_id                           1 
_refine.pdbx_TLS_residual_ADP_flag               ? 
# 
_refine_hist.pdbx_refine_id                   'X-RAY DIFFRACTION' 
_refine_hist.cycle_id                         LAST 
_refine_hist.pdbx_number_atoms_protein        979 
_refine_hist.pdbx_number_atoms_nucleic_acid   0 
_refine_hist.pdbx_number_atoms_ligand         0 
_refine_hist.number_atoms_solvent             23 
_refine_hist.number_atoms_total               1002 
_refine_hist.d_res_high                       1.90 
_refine_hist.d_res_low                        48.19 
# 
loop_
_refine_ls_restr.type 
_refine_ls_restr.dev_ideal 
_refine_ls_restr.dev_ideal_target 
_refine_ls_restr.weight 
_refine_ls_restr.number 
_refine_ls_restr.pdbx_refine_id 
_refine_ls_restr.pdbx_restraint_function 
r_bond_refined_d             0.036 0.021 ? 1001 'X-RAY DIFFRACTION' ? 
r_bond_other_d               0.003 0.020 ? 927  'X-RAY DIFFRACTION' ? 
r_angle_refined_deg          2.649 1.931 ? 1365 'X-RAY DIFFRACTION' ? 
r_angle_other_deg            1.617 3.000 ? 2135 'X-RAY DIFFRACTION' ? 
r_dihedral_angle_1_deg       9.226 5.000 ? 128  'X-RAY DIFFRACTION' ? 
r_dihedral_angle_2_deg       ?     ?     ? ?    'X-RAY DIFFRACTION' ? 
r_dihedral_angle_3_deg       ?     ?     ? ?    'X-RAY DIFFRACTION' ? 
r_dihedral_angle_4_deg       ?     ?     ? ?    'X-RAY DIFFRACTION' ? 
r_chiral_restr               0.364 0.200 ? 157  'X-RAY DIFFRACTION' ? 
r_gen_planes_refined         0.012 0.020 ? 1135 'X-RAY DIFFRACTION' ? 
r_gen_planes_other           0.009 0.020 ? 208  'X-RAY DIFFRACTION' ? 
r_nbd_refined                0.248 0.200 ? 225  'X-RAY DIFFRACTION' ? 
r_nbd_other                  0.264 0.200 ? 1069 'X-RAY DIFFRACTION' ? 
r_nbtor_refined              ?     ?     ? ?    'X-RAY DIFFRACTION' ? 
r_nbtor_other                0.109 0.200 ? 659  'X-RAY DIFFRACTION' ? 
r_xyhbond_nbd_refined        0.103 0.200 ? 12   'X-RAY DIFFRACTION' ? 
r_xyhbond_nbd_other          ?     ?     ? ?    'X-RAY DIFFRACTION' ? 
r_metal_ion_refined          ?     ?     ? ?    'X-RAY DIFFRACTION' ? 
r_metal_ion_other            ?     ?     ? ?    'X-RAY DIFFRACTION' ? 
r_symmetry_vdw_refined       0.226 0.200 ? 15   'X-RAY DIFFRACTION' ? 
r_symmetry_vdw_other         0.274 0.200 ? 52   'X-RAY DIFFRACTION' ? 
r_symmetry_hbond_refined     0.060 0.200 ? 1    'X-RAY DIFFRACTION' ? 
r_symmetry_hbond_other       ?     ?     ? ?    'X-RAY DIFFRACTION' ? 
r_symmetry_metal_ion_refined ?     ?     ? ?    'X-RAY DIFFRACTION' ? 
r_symmetry_metal_ion_other   ?     ?     ? ?    'X-RAY DIFFRACTION' ? 
r_mcbond_it                  1.954 1.500 ? 643  'X-RAY DIFFRACTION' ? 
r_mcbond_other               ?     ?     ? ?    'X-RAY DIFFRACTION' ? 
r_mcangle_it                 3.424 2.000 ? 1034 'X-RAY DIFFRACTION' ? 
r_scbond_it                  4.218 3.000 ? 358  'X-RAY DIFFRACTION' ? 
r_scangle_it                 6.662 4.500 ? 331  'X-RAY DIFFRACTION' ? 
r_rigid_bond_restr           ?     ?     ? ?    'X-RAY DIFFRACTION' ? 
r_sphericity_free            ?     ?     ? ?    'X-RAY DIFFRACTION' ? 
r_sphericity_bonded          ?     ?     ? ?    'X-RAY DIFFRACTION' ? 
# 
_refine_ls_shell.pdbx_refine_id                   'X-RAY DIFFRACTION' 
_refine_ls_shell.pdbx_total_number_of_bins_used   20 
_refine_ls_shell.d_res_high                       1.90 
_refine_ls_shell.d_res_low                        1.95 
_refine_ls_shell.number_reflns_R_work             804 
_refine_ls_shell.R_factor_R_work                  0.3550 
_refine_ls_shell.percent_reflns_obs               ? 
_refine_ls_shell.R_factor_R_free                  0.4350 
_refine_ls_shell.R_factor_R_free_error            ? 
_refine_ls_shell.percent_reflns_R_free            ? 
_refine_ls_shell.number_reflns_R_free             33 
_refine_ls_shell.number_reflns_all                ? 
_refine_ls_shell.R_factor_all                     ? 
_refine_ls_shell.redundancy_reflns_obs            ? 
_refine_ls_shell.number_reflns_obs                ? 
# 
_struct.entry_id                  3NE3 
_struct.title                     'Mycobacterium tuberculosis Acyl Carrier Protein Synthase Apo structure' 
_struct.pdbx_model_details        ? 
_struct.pdbx_CASP_flag            ? 
_struct.pdbx_model_type_details   ? 
# 
_struct_keywords.entry_id        3NE3 
_struct_keywords.pdbx_keywords   TRANSFERASE 
_struct_keywords.text            
;acyl carrier protein synthase, acyl carrier protein, fatty acid synthase, ACPS, Mycobacterium Tuberculosis Structural Proteomics Project, Transferase, Structural Genomics, XMTB
;
# 
loop_
_struct_asym.id 
_struct_asym.pdbx_blank_PDB_chainid_flag 
_struct_asym.pdbx_modified 
_struct_asym.entity_id 
_struct_asym.details 
A N N 1 ? 
B N N 2 ? 
# 
_struct_ref.id                         1 
_struct_ref.db_name                    UNP 
_struct_ref.db_code                    ACPS_MYCTU 
_struct_ref.pdbx_db_accession          P0A4W8 
_struct_ref.entity_id                  1 
_struct_ref.pdbx_seq_one_letter_code   
;MGIVGVGIDLVSIPDFAEQVDQPGTVFAETFTPGERRDASDKSSSAARHLAARWAAKEAVIKAWSGSRFAQRPVLPEDIH
RDIEVVTDMWGRPRVRLTGAIAEYLADVTIHVSLTHEGDTAAAVAILEAP
;
_struct_ref.pdbx_align_begin           1 
_struct_ref.pdbx_db_isoform            ? 
# 
_struct_ref_seq.align_id                      1 
_struct_ref_seq.ref_id                        1 
_struct_ref_seq.pdbx_PDB_id_code              3NE3 
_struct_ref_seq.pdbx_strand_id                B 
_struct_ref_seq.seq_align_beg                 1 
_struct_ref_seq.pdbx_seq_align_beg_ins_code   ? 
_struct_ref_seq.seq_align_end                 130 
_struct_ref_seq.pdbx_seq_align_end_ins_code   ? 
_struct_ref_seq.pdbx_db_accession             P0A4W8 
_struct_ref_seq.db_align_beg                  1 
_struct_ref_seq.pdbx_db_align_beg_ins_code    ? 
_struct_ref_seq.db_align_end                  130 
_struct_ref_seq.pdbx_db_align_end_ins_code    ? 
_struct_ref_seq.pdbx_auth_seq_align_beg       1 
_struct_ref_seq.pdbx_auth_seq_align_end       130 
# 
loop_
_pdbx_struct_assembly.id 
_pdbx_struct_assembly.details 
_pdbx_struct_assembly.method_details 
_pdbx_struct_assembly.oligomeric_details 
_pdbx_struct_assembly.oligomeric_count 
1 author_defined_assembly   ?    monomeric 1 
2 software_defined_assembly PISA trimeric  3 
# 
loop_
_pdbx_struct_assembly_prop.biol_id 
_pdbx_struct_assembly_prop.type 
_pdbx_struct_assembly_prop.value 
_pdbx_struct_assembly_prop.details 
2 'ABSA (A^2)' 3710  ? 
2 MORE         -21   ? 
2 'SSA (A^2)'  17860 ? 
# 
loop_
_pdbx_struct_assembly_gen.assembly_id 
_pdbx_struct_assembly_gen.oper_expression 
_pdbx_struct_assembly_gen.asym_id_list 
1 1     A,B 
2 1,2,3 A,B 
# 
loop_
_pdbx_struct_oper_list.id 
_pdbx_struct_oper_list.type 
_pdbx_struct_oper_list.name 
_pdbx_struct_oper_list.symmetry_operation 
_pdbx_struct_oper_list.matrix[1][1] 
_pdbx_struct_oper_list.matrix[1][2] 
_pdbx_struct_oper_list.matrix[1][3] 
_pdbx_struct_oper_list.vector[1] 
_pdbx_struct_oper_list.matrix[2][1] 
_pdbx_struct_oper_list.matrix[2][2] 
_pdbx_struct_oper_list.matrix[2][3] 
_pdbx_struct_oper_list.vector[2] 
_pdbx_struct_oper_list.matrix[3][1] 
_pdbx_struct_oper_list.matrix[3][2] 
_pdbx_struct_oper_list.matrix[3][3] 
_pdbx_struct_oper_list.vector[3] 
1 'identity operation'         1_555 x,y,z        1.0000000000 0.0000000000  0.0000000000 0.0000000000   0.0000000000  1.0000000000  0.0000000000  0.0000000000   0.0000000000 0.0000000000  1.0000000000 0.0000000000  
2 'crystal symmetry operation' 2_665 -y+1,x-y+1,z 0.1518293078 0.3943594631  0.9063269141 -15.5598728160 -0.8464357011 -0.4216156276 0.3252489301  -17.5015172194 0.5103865841 -0.8165297768 0.2697863198 8.7334116647  
3 'crystal symmetry operation' 3_565 -x+y,-x+1,z  0.1518293078 -0.8464357011 0.5103865841 -16.9088804265 0.3943594631  -0.4216156276 -0.8165297768 5.8883606030   0.9063269141 0.3252489301  0.2697863198 17.4385262714 
# 
_struct_biol.id        1 
_struct_biol.details   ? 
# 
loop_
_struct_conf.conf_type_id 
_struct_conf.id 
_struct_conf.pdbx_PDB_helix_id 
_struct_conf.beg_label_comp_id 
_struct_conf.beg_label_asym_id 
_struct_conf.beg_label_seq_id 
_struct_conf.pdbx_beg_PDB_ins_code 
_struct_conf.end_label_comp_id 
_struct_conf.end_label_asym_id 
_struct_conf.end_label_seq_id 
_struct_conf.pdbx_end_PDB_ins_code 
_struct_conf.beg_auth_comp_id 
_struct_conf.beg_auth_asym_id 
_struct_conf.beg_auth_seq_id 
_struct_conf.end_auth_comp_id 
_struct_conf.end_auth_asym_id 
_struct_conf.end_auth_seq_id 
_struct_conf.pdbx_PDB_helix_class 
_struct_conf.details 
_struct_conf.pdbx_PDB_helix_length 
HELX_P HELX_P1 1 ILE A 13 ? VAL A 20  ? ILE B 13 VAL B 20  1 ? 8  
HELX_P HELX_P2 2 THR A 25 ? THR A 30  ? THR B 25 THR B 30  5 ? 6  
HELX_P HELX_P3 3 THR A 32 ? SER A 40  ? THR B 32 SER B 40  1 ? 9  
HELX_P HELX_P4 4 SER A 44 ? GLY A 66  ? SER B 44 GLY B 66  1 ? 23 
HELX_P HELX_P5 5 ASP A 78 ? ASP A 82  ? ASP B 78 ASP B 82  1 ? 5  
HELX_P HELX_P6 6 THR A 98 ? LEU A 105 ? THR B 98 LEU B 105 1 ? 8  
# 
_struct_conf_type.id          HELX_P 
_struct_conf_type.criteria    ? 
_struct_conf_type.reference   ? 
# 
_struct_mon_prot_cis.pdbx_id                1 
_struct_mon_prot_cis.label_comp_id          ARG 
_struct_mon_prot_cis.label_seq_id           72 
_struct_mon_prot_cis.label_asym_id          A 
_struct_mon_prot_cis.label_alt_id           . 
_struct_mon_prot_cis.pdbx_PDB_ins_code      ? 
_struct_mon_prot_cis.auth_comp_id           ARG 
_struct_mon_prot_cis.auth_seq_id            72 
_struct_mon_prot_cis.auth_asym_id           B 
_struct_mon_prot_cis.pdbx_label_comp_id_2   PRO 
_struct_mon_prot_cis.pdbx_label_seq_id_2    73 
_struct_mon_prot_cis.pdbx_label_asym_id_2   A 
_struct_mon_prot_cis.pdbx_PDB_ins_code_2    ? 
_struct_mon_prot_cis.pdbx_auth_comp_id_2    PRO 
_struct_mon_prot_cis.pdbx_auth_seq_id_2     73 
_struct_mon_prot_cis.pdbx_auth_asym_id_2    B 
_struct_mon_prot_cis.pdbx_PDB_model_num     1 
_struct_mon_prot_cis.pdbx_omega_angle       -28.26 
# 
loop_
_struct_sheet.id 
_struct_sheet.type 
_struct_sheet.number_strands 
_struct_sheet.details 
A ? 3 ? 
B ? 2 ? 
# 
loop_
_struct_sheet_order.sheet_id 
_struct_sheet_order.range_id_1 
_struct_sheet_order.range_id_2 
_struct_sheet_order.offset 
_struct_sheet_order.sense 
A 1 2 ? anti-parallel 
A 2 3 ? anti-parallel 
B 1 2 ? anti-parallel 
# 
loop_
_struct_sheet_range.sheet_id 
_struct_sheet_range.id 
_struct_sheet_range.beg_label_comp_id 
_struct_sheet_range.beg_label_asym_id 
_struct_sheet_range.beg_label_seq_id 
_struct_sheet_range.pdbx_beg_PDB_ins_code 
_struct_sheet_range.end_label_comp_id 
_struct_sheet_range.end_label_asym_id 
_struct_sheet_range.end_label_seq_id 
_struct_sheet_range.pdbx_end_PDB_ins_code 
_struct_sheet_range.beg_auth_comp_id 
_struct_sheet_range.beg_auth_asym_id 
_struct_sheet_range.beg_auth_seq_id 
_struct_sheet_range.end_auth_comp_id 
_struct_sheet_range.end_auth_asym_id 
_struct_sheet_range.end_auth_seq_id 
A 1 ILE A 3   ? SER A 12  ? ILE B 3   SER B 12  
A 2 THR A 120 ? GLU A 128 ? THR B 120 GLU B 128 
A 3 THR A 109 ? GLU A 117 ? THR B 109 GLU B 117 
B 1 ILE A 83  ? THR A 87  ? ILE B 83  THR B 87  
B 2 PRO A 93  ? LEU A 97  ? PRO B 93  LEU B 97  
# 
loop_
_pdbx_struct_sheet_hbond.sheet_id 
_pdbx_struct_sheet_hbond.range_id_1 
_pdbx_struct_sheet_hbond.range_id_2 
_pdbx_struct_sheet_hbond.range_1_label_atom_id 
_pdbx_struct_sheet_hbond.range_1_label_comp_id 
_pdbx_struct_sheet_hbond.range_1_label_asym_id 
_pdbx_struct_sheet_hbond.range_1_label_seq_id 
_pdbx_struct_sheet_hbond.range_1_PDB_ins_code 
_pdbx_struct_sheet_hbond.range_1_auth_atom_id 
_pdbx_struct_sheet_hbond.range_1_auth_comp_id 
_pdbx_struct_sheet_hbond.range_1_auth_asym_id 
_pdbx_struct_sheet_hbond.range_1_auth_seq_id 
_pdbx_struct_sheet_hbond.range_2_label_atom_id 
_pdbx_struct_sheet_hbond.range_2_label_comp_id 
_pdbx_struct_sheet_hbond.range_2_label_asym_id 
_pdbx_struct_sheet_hbond.range_2_label_seq_id 
_pdbx_struct_sheet_hbond.range_2_PDB_ins_code 
_pdbx_struct_sheet_hbond.range_2_auth_atom_id 
_pdbx_struct_sheet_hbond.range_2_auth_comp_id 
_pdbx_struct_sheet_hbond.range_2_auth_asym_id 
_pdbx_struct_sheet_hbond.range_2_auth_seq_id 
A 1 2 N GLY A 5   ? N GLY B 5   O LEU A 127 ? O LEU B 127 
A 2 3 O GLU A 128 ? O GLU B 128 N THR A 109 ? N THR B 109 
B 1 2 N VAL A 86  ? N VAL B 86  O ARG A 94  ? O ARG B 94  
# 
_pdbx_validate_close_contact.id               1 
_pdbx_validate_close_contact.PDB_model_num    1 
_pdbx_validate_close_contact.auth_atom_id_1   O 
_pdbx_validate_close_contact.auth_asym_id_1   B 
_pdbx_validate_close_contact.auth_comp_id_1   PHE 
_pdbx_validate_close_contact.auth_seq_id_1    69 
_pdbx_validate_close_contact.PDB_ins_code_1   ? 
_pdbx_validate_close_contact.label_alt_id_1   ? 
_pdbx_validate_close_contact.auth_atom_id_2   O 
_pdbx_validate_close_contact.auth_asym_id_2   B 
_pdbx_validate_close_contact.auth_comp_id_2   ALA 
_pdbx_validate_close_contact.auth_seq_id_2    70 
_pdbx_validate_close_contact.PDB_ins_code_2   ? 
_pdbx_validate_close_contact.label_alt_id_2   ? 
_pdbx_validate_close_contact.dist             1.78 
# 
loop_
_pdbx_validate_torsion.id 
_pdbx_validate_torsion.PDB_model_num 
_pdbx_validate_torsion.auth_comp_id 
_pdbx_validate_torsion.auth_asym_id 
_pdbx_validate_torsion.auth_seq_id 
_pdbx_validate_torsion.PDB_ins_code 
_pdbx_validate_torsion.label_alt_id 
_pdbx_validate_torsion.phi 
_pdbx_validate_torsion.psi 
1 1 LYS B 42  ? ? -19.89  -46.13  
2 1 ALA B 70  ? ? -35.82  -98.25  
3 1 GLN B 71  ? ? -76.84  21.67   
4 1 ARG B 72  ? ? 159.39  -158.42 
5 1 PRO B 73  ? ? -43.79  -143.50 
6 1 VAL B 74  ? ? -119.86 -140.77 
7 1 LEU B 75  ? ? 45.09   72.43   
8 1 MET B 89  ? ? 30.88   -68.61  
9 1 HIS B 116 ? ? -171.90 142.18  
# 
loop_
_pdbx_validate_peptide_omega.id 
_pdbx_validate_peptide_omega.PDB_model_num 
_pdbx_validate_peptide_omega.auth_comp_id_1 
_pdbx_validate_peptide_omega.auth_asym_id_1 
_pdbx_validate_peptide_omega.auth_seq_id_1 
_pdbx_validate_peptide_omega.PDB_ins_code_1 
_pdbx_validate_peptide_omega.label_alt_id_1 
_pdbx_validate_peptide_omega.auth_comp_id_2 
_pdbx_validate_peptide_omega.auth_asym_id_2 
_pdbx_validate_peptide_omega.auth_seq_id_2 
_pdbx_validate_peptide_omega.PDB_ins_code_2 
_pdbx_validate_peptide_omega.label_alt_id_2 
_pdbx_validate_peptide_omega.omega 
1 1 ALA B 70 ? ? GLN B 71 ? ? -132.70 
2 1 GLN B 71 ? ? ARG B 72 ? ? 131.01  
3 1 PRO B 73 ? ? VAL B 74 ? ? -138.55 
# 
_pdbx_SG_project.id                    1 
_pdbx_SG_project.project_name          ? 
_pdbx_SG_project.full_name_of_center   'Mycobacterium Tuberculosis Structural Proteomics Project' 
_pdbx_SG_project.initial_of_center     XMTB 
# 
_pdbx_unobs_or_zero_occ_residues.id               1 
_pdbx_unobs_or_zero_occ_residues.PDB_model_num    1 
_pdbx_unobs_or_zero_occ_residues.polymer_flag     Y 
_pdbx_unobs_or_zero_occ_residues.occupancy_flag   1 
_pdbx_unobs_or_zero_occ_residues.auth_asym_id     B 
_pdbx_unobs_or_zero_occ_residues.auth_comp_id     MET 
_pdbx_unobs_or_zero_occ_residues.auth_seq_id      1 
_pdbx_unobs_or_zero_occ_residues.PDB_ins_code     ? 
_pdbx_unobs_or_zero_occ_residues.label_asym_id    A 
_pdbx_unobs_or_zero_occ_residues.label_comp_id    MET 
_pdbx_unobs_or_zero_occ_residues.label_seq_id     1 
# 
loop_
_chem_comp_atom.comp_id 
_chem_comp_atom.atom_id 
_chem_comp_atom.type_symbol 
_chem_comp_atom.pdbx_aromatic_flag 
_chem_comp_atom.pdbx_stereo_config 
_chem_comp_atom.pdbx_ordinal 
ALA N    N N N 1   
ALA CA   C N S 2   
ALA C    C N N 3   
ALA O    O N N 4   
ALA CB   C N N 5   
ALA OXT  O N N 6   
ALA H    H N N 7   
ALA H2   H N N 8   
ALA HA   H N N 9   
ALA HB1  H N N 10  
ALA HB2  H N N 11  
ALA HB3  H N N 12  
ALA HXT  H N N 13  
ARG N    N N N 14  
ARG CA   C N S 15  
ARG C    C N N 16  
ARG O    O N N 17  
ARG CB   C N N 18  
ARG CG   C N N 19  
ARG CD   C N N 20  
ARG NE   N N N 21  
ARG CZ   C N N 22  
ARG NH1  N N N 23  
ARG NH2  N N N 24  
ARG OXT  O N N 25  
ARG H    H N N 26  
ARG H2   H N N 27  
ARG HA   H N N 28  
ARG HB2  H N N 29  
ARG HB3  H N N 30  
ARG HG2  H N N 31  
ARG HG3  H N N 32  
ARG HD2  H N N 33  
ARG HD3  H N N 34  
ARG HE   H N N 35  
ARG HH11 H N N 36  
ARG HH12 H N N 37  
ARG HH21 H N N 38  
ARG HH22 H N N 39  
ARG HXT  H N N 40  
ASP N    N N N 41  
ASP CA   C N S 42  
ASP C    C N N 43  
ASP O    O N N 44  
ASP CB   C N N 45  
ASP CG   C N N 46  
ASP OD1  O N N 47  
ASP OD2  O N N 48  
ASP OXT  O N N 49  
ASP H    H N N 50  
ASP H2   H N N 51  
ASP HA   H N N 52  
ASP HB2  H N N 53  
ASP HB3  H N N 54  
ASP HD2  H N N 55  
ASP HXT  H N N 56  
GLN N    N N N 57  
GLN CA   C N S 58  
GLN C    C N N 59  
GLN O    O N N 60  
GLN CB   C N N 61  
GLN CG   C N N 62  
GLN CD   C N N 63  
GLN OE1  O N N 64  
GLN NE2  N N N 65  
GLN OXT  O N N 66  
GLN H    H N N 67  
GLN H2   H N N 68  
GLN HA   H N N 69  
GLN HB2  H N N 70  
GLN HB3  H N N 71  
GLN HG2  H N N 72  
GLN HG3  H N N 73  
GLN HE21 H N N 74  
GLN HE22 H N N 75  
GLN HXT  H N N 76  
GLU N    N N N 77  
GLU CA   C N S 78  
GLU C    C N N 79  
GLU O    O N N 80  
GLU CB   C N N 81  
GLU CG   C N N 82  
GLU CD   C N N 83  
GLU OE1  O N N 84  
GLU OE2  O N N 85  
GLU OXT  O N N 86  
GLU H    H N N 87  
GLU H2   H N N 88  
GLU HA   H N N 89  
GLU HB2  H N N 90  
GLU HB3  H N N 91  
GLU HG2  H N N 92  
GLU HG3  H N N 93  
GLU HE2  H N N 94  
GLU HXT  H N N 95  
GLY N    N N N 96  
GLY CA   C N N 97  
GLY C    C N N 98  
GLY O    O N N 99  
GLY OXT  O N N 100 
GLY H    H N N 101 
GLY H2   H N N 102 
GLY HA2  H N N 103 
GLY HA3  H N N 104 
GLY HXT  H N N 105 
HIS N    N N N 106 
HIS CA   C N S 107 
HIS C    C N N 108 
HIS O    O N N 109 
HIS CB   C N N 110 
HIS CG   C Y N 111 
HIS ND1  N Y N 112 
HIS CD2  C Y N 113 
HIS CE1  C Y N 114 
HIS NE2  N Y N 115 
HIS OXT  O N N 116 
HIS H    H N N 117 
HIS H2   H N N 118 
HIS HA   H N N 119 
HIS HB2  H N N 120 
HIS HB3  H N N 121 
HIS HD1  H N N 122 
HIS HD2  H N N 123 
HIS HE1  H N N 124 
HIS HE2  H N N 125 
HIS HXT  H N N 126 
HOH O    O N N 127 
HOH H1   H N N 128 
HOH H2   H N N 129 
ILE N    N N N 130 
ILE CA   C N S 131 
ILE C    C N N 132 
ILE O    O N N 133 
ILE CB   C N S 134 
ILE CG1  C N N 135 
ILE CG2  C N N 136 
ILE CD1  C N N 137 
ILE OXT  O N N 138 
ILE H    H N N 139 
ILE H2   H N N 140 
ILE HA   H N N 141 
ILE HB   H N N 142 
ILE HG12 H N N 143 
ILE HG13 H N N 144 
ILE HG21 H N N 145 
ILE HG22 H N N 146 
ILE HG23 H N N 147 
ILE HD11 H N N 148 
ILE HD12 H N N 149 
ILE HD13 H N N 150 
ILE HXT  H N N 151 
LEU N    N N N 152 
LEU CA   C N S 153 
LEU C    C N N 154 
LEU O    O N N 155 
LEU CB   C N N 156 
LEU CG   C N N 157 
LEU CD1  C N N 158 
LEU CD2  C N N 159 
LEU OXT  O N N 160 
LEU H    H N N 161 
LEU H2   H N N 162 
LEU HA   H N N 163 
LEU HB2  H N N 164 
LEU HB3  H N N 165 
LEU HG   H N N 166 
LEU HD11 H N N 167 
LEU HD12 H N N 168 
LEU HD13 H N N 169 
LEU HD21 H N N 170 
LEU HD22 H N N 171 
LEU HD23 H N N 172 
LEU HXT  H N N 173 
LYS N    N N N 174 
LYS CA   C N S 175 
LYS C    C N N 176 
LYS O    O N N 177 
LYS CB   C N N 178 
LYS CG   C N N 179 
LYS CD   C N N 180 
LYS CE   C N N 181 
LYS NZ   N N N 182 
LYS OXT  O N N 183 
LYS H    H N N 184 
LYS H2   H N N 185 
LYS HA   H N N 186 
LYS HB2  H N N 187 
LYS HB3  H N N 188 
LYS HG2  H N N 189 
LYS HG3  H N N 190 
LYS HD2  H N N 191 
LYS HD3  H N N 192 
LYS HE2  H N N 193 
LYS HE3  H N N 194 
LYS HZ1  H N N 195 
LYS HZ2  H N N 196 
LYS HZ3  H N N 197 
LYS HXT  H N N 198 
MET N    N N N 199 
MET CA   C N S 200 
MET C    C N N 201 
MET O    O N N 202 
MET CB   C N N 203 
MET CG   C N N 204 
MET SD   S N N 205 
MET CE   C N N 206 
MET OXT  O N N 207 
MET H    H N N 208 
MET H2   H N N 209 
MET HA   H N N 210 
MET HB2  H N N 211 
MET HB3  H N N 212 
MET HG2  H N N 213 
MET HG3  H N N 214 
MET HE1  H N N 215 
MET HE2  H N N 216 
MET HE3  H N N 217 
MET HXT  H N N 218 
PHE N    N N N 219 
PHE CA   C N S 220 
PHE C    C N N 221 
PHE O    O N N 222 
PHE CB   C N N 223 
PHE CG   C Y N 224 
PHE CD1  C Y N 225 
PHE CD2  C Y N 226 
PHE CE1  C Y N 227 
PHE CE2  C Y N 228 
PHE CZ   C Y N 229 
PHE OXT  O N N 230 
PHE H    H N N 231 
PHE H2   H N N 232 
PHE HA   H N N 233 
PHE HB2  H N N 234 
PHE HB3  H N N 235 
PHE HD1  H N N 236 
PHE HD2  H N N 237 
PHE HE1  H N N 238 
PHE HE2  H N N 239 
PHE HZ   H N N 240 
PHE HXT  H N N 241 
PRO N    N N N 242 
PRO CA   C N S 243 
PRO C    C N N 244 
PRO O    O N N 245 
PRO CB   C N N 246 
PRO CG   C N N 247 
PRO CD   C N N 248 
PRO OXT  O N N 249 
PRO H    H N N 250 
PRO HA   H N N 251 
PRO HB2  H N N 252 
PRO HB3  H N N 253 
PRO HG2  H N N 254 
PRO HG3  H N N 255 
PRO HD2  H N N 256 
PRO HD3  H N N 257 
PRO HXT  H N N 258 
SER N    N N N 259 
SER CA   C N S 260 
SER C    C N N 261 
SER O    O N N 262 
SER CB   C N N 263 
SER OG   O N N 264 
SER OXT  O N N 265 
SER H    H N N 266 
SER H2   H N N 267 
SER HA   H N N 268 
SER HB2  H N N 269 
SER HB3  H N N 270 
SER HG   H N N 271 
SER HXT  H N N 272 
THR N    N N N 273 
THR CA   C N S 274 
THR C    C N N 275 
THR O    O N N 276 
THR CB   C N R 277 
THR OG1  O N N 278 
THR CG2  C N N 279 
THR OXT  O N N 280 
THR H    H N N 281 
THR H2   H N N 282 
THR HA   H N N 283 
THR HB   H N N 284 
THR HG1  H N N 285 
THR HG21 H N N 286 
THR HG22 H N N 287 
THR HG23 H N N 288 
THR HXT  H N N 289 
TRP N    N N N 290 
TRP CA   C N S 291 
TRP C    C N N 292 
TRP O    O N N 293 
TRP CB   C N N 294 
TRP CG   C Y N 295 
TRP CD1  C Y N 296 
TRP CD2  C Y N 297 
TRP NE1  N Y N 298 
TRP CE2  C Y N 299 
TRP CE3  C Y N 300 
TRP CZ2  C Y N 301 
TRP CZ3  C Y N 302 
TRP CH2  C Y N 303 
TRP OXT  O N N 304 
TRP H    H N N 305 
TRP H2   H N N 306 
TRP HA   H N N 307 
TRP HB2  H N N 308 
TRP HB3  H N N 309 
TRP HD1  H N N 310 
TRP HE1  H N N 311 
TRP HE3  H N N 312 
TRP HZ2  H N N 313 
TRP HZ3  H N N 314 
TRP HH2  H N N 315 
TRP HXT  H N N 316 
TYR N    N N N 317 
TYR CA   C N S 318 
TYR C    C N N 319 
TYR O    O N N 320 
TYR CB   C N N 321 
TYR CG   C Y N 322 
TYR CD1  C Y N 323 
TYR CD2  C Y N 324 
TYR CE1  C Y N 325 
TYR CE2  C Y N 326 
TYR CZ   C Y N 327 
TYR OH   O N N 328 
TYR OXT  O N N 329 
TYR H    H N N 330 
TYR H2   H N N 331 
TYR HA   H N N 332 
TYR HB2  H N N 333 
TYR HB3  H N N 334 
TYR HD1  H N N 335 
TYR HD2  H N N 336 
TYR HE1  H N N 337 
TYR HE2  H N N 338 
TYR HH   H N N 339 
TYR HXT  H N N 340 
VAL N    N N N 341 
VAL CA   C N S 342 
VAL C    C N N 343 
VAL O    O N N 344 
VAL CB   C N N 345 
VAL CG1  C N N 346 
VAL CG2  C N N 347 
VAL OXT  O N N 348 
VAL H    H N N 349 
VAL H2   H N N 350 
VAL HA   H N N 351 
VAL HB   H N N 352 
VAL HG11 H N N 353 
VAL HG12 H N N 354 
VAL HG13 H N N 355 
VAL HG21 H N N 356 
VAL HG22 H N N 357 
VAL HG23 H N N 358 
VAL HXT  H N N 359 
# 
loop_
_chem_comp_bond.comp_id 
_chem_comp_bond.atom_id_1 
_chem_comp_bond.atom_id_2 
_chem_comp_bond.value_order 
_chem_comp_bond.pdbx_aromatic_flag 
_chem_comp_bond.pdbx_stereo_config 
_chem_comp_bond.pdbx_ordinal 
ALA N   CA   sing N N 1   
ALA N   H    sing N N 2   
ALA N   H2   sing N N 3   
ALA CA  C    sing N N 4   
ALA CA  CB   sing N N 5   
ALA CA  HA   sing N N 6   
ALA C   O    doub N N 7   
ALA C   OXT  sing N N 8   
ALA CB  HB1  sing N N 9   
ALA CB  HB2  sing N N 10  
ALA CB  HB3  sing N N 11  
ALA OXT HXT  sing N N 12  
ARG N   CA   sing N N 13  
ARG N   H    sing N N 14  
ARG N   H2   sing N N 15  
ARG CA  C    sing N N 16  
ARG CA  CB   sing N N 17  
ARG CA  HA   sing N N 18  
ARG C   O    doub N N 19  
ARG C   OXT  sing N N 20  
ARG CB  CG   sing N N 21  
ARG CB  HB2  sing N N 22  
ARG CB  HB3  sing N N 23  
ARG CG  CD   sing N N 24  
ARG CG  HG2  sing N N 25  
ARG CG  HG3  sing N N 26  
ARG CD  NE   sing N N 27  
ARG CD  HD2  sing N N 28  
ARG CD  HD3  sing N N 29  
ARG NE  CZ   sing N N 30  
ARG NE  HE   sing N N 31  
ARG CZ  NH1  sing N N 32  
ARG CZ  NH2  doub N N 33  
ARG NH1 HH11 sing N N 34  
ARG NH1 HH12 sing N N 35  
ARG NH2 HH21 sing N N 36  
ARG NH2 HH22 sing N N 37  
ARG OXT HXT  sing N N 38  
ASP N   CA   sing N N 39  
ASP N   H    sing N N 40  
ASP N   H2   sing N N 41  
ASP CA  C    sing N N 42  
ASP CA  CB   sing N N 43  
ASP CA  HA   sing N N 44  
ASP C   O    doub N N 45  
ASP C   OXT  sing N N 46  
ASP CB  CG   sing N N 47  
ASP CB  HB2  sing N N 48  
ASP CB  HB3  sing N N 49  
ASP CG  OD1  doub N N 50  
ASP CG  OD2  sing N N 51  
ASP OD2 HD2  sing N N 52  
ASP OXT HXT  sing N N 53  
GLN N   CA   sing N N 54  
GLN N   H    sing N N 55  
GLN N   H2   sing N N 56  
GLN CA  C    sing N N 57  
GLN CA  CB   sing N N 58  
GLN CA  HA   sing N N 59  
GLN C   O    doub N N 60  
GLN C   OXT  sing N N 61  
GLN CB  CG   sing N N 62  
GLN CB  HB2  sing N N 63  
GLN CB  HB3  sing N N 64  
GLN CG  CD   sing N N 65  
GLN CG  HG2  sing N N 66  
GLN CG  HG3  sing N N 67  
GLN CD  OE1  doub N N 68  
GLN CD  NE2  sing N N 69  
GLN NE2 HE21 sing N N 70  
GLN NE2 HE22 sing N N 71  
GLN OXT HXT  sing N N 72  
GLU N   CA   sing N N 73  
GLU N   H    sing N N 74  
GLU N   H2   sing N N 75  
GLU CA  C    sing N N 76  
GLU CA  CB   sing N N 77  
GLU CA  HA   sing N N 78  
GLU C   O    doub N N 79  
GLU C   OXT  sing N N 80  
GLU CB  CG   sing N N 81  
GLU CB  HB2  sing N N 82  
GLU CB  HB3  sing N N 83  
GLU CG  CD   sing N N 84  
GLU CG  HG2  sing N N 85  
GLU CG  HG3  sing N N 86  
GLU CD  OE1  doub N N 87  
GLU CD  OE2  sing N N 88  
GLU OE2 HE2  sing N N 89  
GLU OXT HXT  sing N N 90  
GLY N   CA   sing N N 91  
GLY N   H    sing N N 92  
GLY N   H2   sing N N 93  
GLY CA  C    sing N N 94  
GLY CA  HA2  sing N N 95  
GLY CA  HA3  sing N N 96  
GLY C   O    doub N N 97  
GLY C   OXT  sing N N 98  
GLY OXT HXT  sing N N 99  
HIS N   CA   sing N N 100 
HIS N   H    sing N N 101 
HIS N   H2   sing N N 102 
HIS CA  C    sing N N 103 
HIS CA  CB   sing N N 104 
HIS CA  HA   sing N N 105 
HIS C   O    doub N N 106 
HIS C   OXT  sing N N 107 
HIS CB  CG   sing N N 108 
HIS CB  HB2  sing N N 109 
HIS CB  HB3  sing N N 110 
HIS CG  ND1  sing Y N 111 
HIS CG  CD2  doub Y N 112 
HIS ND1 CE1  doub Y N 113 
HIS ND1 HD1  sing N N 114 
HIS CD2 NE2  sing Y N 115 
HIS CD2 HD2  sing N N 116 
HIS CE1 NE2  sing Y N 117 
HIS CE1 HE1  sing N N 118 
HIS NE2 HE2  sing N N 119 
HIS OXT HXT  sing N N 120 
HOH O   H1   sing N N 121 
HOH O   H2   sing N N 122 
ILE N   CA   sing N N 123 
ILE N   H    sing N N 124 
ILE N   H2   sing N N 125 
ILE CA  C    sing N N 126 
ILE CA  CB   sing N N 127 
ILE CA  HA   sing N N 128 
ILE C   O    doub N N 129 
ILE C   OXT  sing N N 130 
ILE CB  CG1  sing N N 131 
ILE CB  CG2  sing N N 132 
ILE CB  HB   sing N N 133 
ILE CG1 CD1  sing N N 134 
ILE CG1 HG12 sing N N 135 
ILE CG1 HG13 sing N N 136 
ILE CG2 HG21 sing N N 137 
ILE CG2 HG22 sing N N 138 
ILE CG2 HG23 sing N N 139 
ILE CD1 HD11 sing N N 140 
ILE CD1 HD12 sing N N 141 
ILE CD1 HD13 sing N N 142 
ILE OXT HXT  sing N N 143 
LEU N   CA   sing N N 144 
LEU N   H    sing N N 145 
LEU N   H2   sing N N 146 
LEU CA  C    sing N N 147 
LEU CA  CB   sing N N 148 
LEU CA  HA   sing N N 149 
LEU C   O    doub N N 150 
LEU C   OXT  sing N N 151 
LEU CB  CG   sing N N 152 
LEU CB  HB2  sing N N 153 
LEU CB  HB3  sing N N 154 
LEU CG  CD1  sing N N 155 
LEU CG  CD2  sing N N 156 
LEU CG  HG   sing N N 157 
LEU CD1 HD11 sing N N 158 
LEU CD1 HD12 sing N N 159 
LEU CD1 HD13 sing N N 160 
LEU CD2 HD21 sing N N 161 
LEU CD2 HD22 sing N N 162 
LEU CD2 HD23 sing N N 163 
LEU OXT HXT  sing N N 164 
LYS N   CA   sing N N 165 
LYS N   H    sing N N 166 
LYS N   H2   sing N N 167 
LYS CA  C    sing N N 168 
LYS CA  CB   sing N N 169 
LYS CA  HA   sing N N 170 
LYS C   O    doub N N 171 
LYS C   OXT  sing N N 172 
LYS CB  CG   sing N N 173 
LYS CB  HB2  sing N N 174 
LYS CB  HB3  sing N N 175 
LYS CG  CD   sing N N 176 
LYS CG  HG2  sing N N 177 
LYS CG  HG3  sing N N 178 
LYS CD  CE   sing N N 179 
LYS CD  HD2  sing N N 180 
LYS CD  HD3  sing N N 181 
LYS CE  NZ   sing N N 182 
LYS CE  HE2  sing N N 183 
LYS CE  HE3  sing N N 184 
LYS NZ  HZ1  sing N N 185 
LYS NZ  HZ2  sing N N 186 
LYS NZ  HZ3  sing N N 187 
LYS OXT HXT  sing N N 188 
MET N   CA   sing N N 189 
MET N   H    sing N N 190 
MET N   H2   sing N N 191 
MET CA  C    sing N N 192 
MET CA  CB   sing N N 193 
MET CA  HA   sing N N 194 
MET C   O    doub N N 195 
MET C   OXT  sing N N 196 
MET CB  CG   sing N N 197 
MET CB  HB2  sing N N 198 
MET CB  HB3  sing N N 199 
MET CG  SD   sing N N 200 
MET CG  HG2  sing N N 201 
MET CG  HG3  sing N N 202 
MET SD  CE   sing N N 203 
MET CE  HE1  sing N N 204 
MET CE  HE2  sing N N 205 
MET CE  HE3  sing N N 206 
MET OXT HXT  sing N N 207 
PHE N   CA   sing N N 208 
PHE N   H    sing N N 209 
PHE N   H2   sing N N 210 
PHE CA  C    sing N N 211 
PHE CA  CB   sing N N 212 
PHE CA  HA   sing N N 213 
PHE C   O    doub N N 214 
PHE C   OXT  sing N N 215 
PHE CB  CG   sing N N 216 
PHE CB  HB2  sing N N 217 
PHE CB  HB3  sing N N 218 
PHE CG  CD1  doub Y N 219 
PHE CG  CD2  sing Y N 220 
PHE CD1 CE1  sing Y N 221 
PHE CD1 HD1  sing N N 222 
PHE CD2 CE2  doub Y N 223 
PHE CD2 HD2  sing N N 224 
PHE CE1 CZ   doub Y N 225 
PHE CE1 HE1  sing N N 226 
PHE CE2 CZ   sing Y N 227 
PHE CE2 HE2  sing N N 228 
PHE CZ  HZ   sing N N 229 
PHE OXT HXT  sing N N 230 
PRO N   CA   sing N N 231 
PRO N   CD   sing N N 232 
PRO N   H    sing N N 233 
PRO CA  C    sing N N 234 
PRO CA  CB   sing N N 235 
PRO CA  HA   sing N N 236 
PRO C   O    doub N N 237 
PRO C   OXT  sing N N 238 
PRO CB  CG   sing N N 239 
PRO CB  HB2  sing N N 240 
PRO CB  HB3  sing N N 241 
PRO CG  CD   sing N N 242 
PRO CG  HG2  sing N N 243 
PRO CG  HG3  sing N N 244 
PRO CD  HD2  sing N N 245 
PRO CD  HD3  sing N N 246 
PRO OXT HXT  sing N N 247 
SER N   CA   sing N N 248 
SER N   H    sing N N 249 
SER N   H2   sing N N 250 
SER CA  C    sing N N 251 
SER CA  CB   sing N N 252 
SER CA  HA   sing N N 253 
SER C   O    doub N N 254 
SER C   OXT  sing N N 255 
SER CB  OG   sing N N 256 
SER CB  HB2  sing N N 257 
SER CB  HB3  sing N N 258 
SER OG  HG   sing N N 259 
SER OXT HXT  sing N N 260 
THR N   CA   sing N N 261 
THR N   H    sing N N 262 
THR N   H2   sing N N 263 
THR CA  C    sing N N 264 
THR CA  CB   sing N N 265 
THR CA  HA   sing N N 266 
THR C   O    doub N N 267 
THR C   OXT  sing N N 268 
THR CB  OG1  sing N N 269 
THR CB  CG2  sing N N 270 
THR CB  HB   sing N N 271 
THR OG1 HG1  sing N N 272 
THR CG2 HG21 sing N N 273 
THR CG2 HG22 sing N N 274 
THR CG2 HG23 sing N N 275 
THR OXT HXT  sing N N 276 
TRP N   CA   sing N N 277 
TRP N   H    sing N N 278 
TRP N   H2   sing N N 279 
TRP CA  C    sing N N 280 
TRP CA  CB   sing N N 281 
TRP CA  HA   sing N N 282 
TRP C   O    doub N N 283 
TRP C   OXT  sing N N 284 
TRP CB  CG   sing N N 285 
TRP CB  HB2  sing N N 286 
TRP CB  HB3  sing N N 287 
TRP CG  CD1  doub Y N 288 
TRP CG  CD2  sing Y N 289 
TRP CD1 NE1  sing Y N 290 
TRP CD1 HD1  sing N N 291 
TRP CD2 CE2  doub Y N 292 
TRP CD2 CE3  sing Y N 293 
TRP NE1 CE2  sing Y N 294 
TRP NE1 HE1  sing N N 295 
TRP CE2 CZ2  sing Y N 296 
TRP CE3 CZ3  doub Y N 297 
TRP CE3 HE3  sing N N 298 
TRP CZ2 CH2  doub Y N 299 
TRP CZ2 HZ2  sing N N 300 
TRP CZ3 CH2  sing Y N 301 
TRP CZ3 HZ3  sing N N 302 
TRP CH2 HH2  sing N N 303 
TRP OXT HXT  sing N N 304 
TYR N   CA   sing N N 305 
TYR N   H    sing N N 306 
TYR N   H2   sing N N 307 
TYR CA  C    sing N N 308 
TYR CA  CB   sing N N 309 
TYR CA  HA   sing N N 310 
TYR C   O    doub N N 311 
TYR C   OXT  sing N N 312 
TYR CB  CG   sing N N 313 
TYR CB  HB2  sing N N 314 
TYR CB  HB3  sing N N 315 
TYR CG  CD1  doub Y N 316 
TYR CG  CD2  sing Y N 317 
TYR CD1 CE1  sing Y N 318 
TYR CD1 HD1  sing N N 319 
TYR CD2 CE2  doub Y N 320 
TYR CD2 HD2  sing N N 321 
TYR CE1 CZ   doub Y N 322 
TYR CE1 HE1  sing N N 323 
TYR CE2 CZ   sing Y N 324 
TYR CE2 HE2  sing N N 325 
TYR CZ  OH   sing N N 326 
TYR OH  HH   sing N N 327 
TYR OXT HXT  sing N N 328 
VAL N   CA   sing N N 329 
VAL N   H    sing N N 330 
VAL N   H2   sing N N 331 
VAL CA  C    sing N N 332 
VAL CA  CB   sing N N 333 
VAL CA  HA   sing N N 334 
VAL C   O    doub N N 335 
VAL C   OXT  sing N N 336 
VAL CB  CG1  sing N N 337 
VAL CB  CG2  sing N N 338 
VAL CB  HB   sing N N 339 
VAL CG1 HG11 sing N N 340 
VAL CG1 HG12 sing N N 341 
VAL CG1 HG13 sing N N 342 
VAL CG2 HG21 sing N N 343 
VAL CG2 HG22 sing N N 344 
VAL CG2 HG23 sing N N 345 
VAL OXT HXT  sing N N 346 
# 
_atom_sites.entry_id                    3NE3 
_atom_sites.fract_transf_matrix[1][1]   -0.00873810 
_atom_sites.fract_transf_matrix[1][2]   0.00948894 
_atom_sites.fract_transf_matrix[1][3]   0.01106874 
_atom_sites.fract_transf_matrix[2][1]   0.00370903 
_atom_sites.fract_transf_matrix[2][2]   0.01648521 
_atom_sites.fract_transf_matrix[2][3]   0.00184742 
_atom_sites.fract_transf_matrix[3][1]   -0.00784917 
_atom_sites.fract_transf_matrix[3][2]   0.00272190 
_atom_sites.fract_transf_matrix[3][3]   -0.00852986 
_atom_sites.fract_transf_vector[1]      0.178937 
_atom_sites.fract_transf_vector[2]      0.754522 
_atom_sites.fract_transf_vector[3]      -0.836913 
# 
loop_
_atom_type.symbol 
C 
N 
O 
S 
# 
loop_
_atom_site.group_PDB 
_atom_site.id 
_atom_site.type_symbol 
_atom_site.label_atom_id 
_atom_site.label_alt_id 
_atom_site.label_comp_id 
_atom_site.label_asym_id 
_atom_site.label_entity_id 
_atom_site.label_seq_id 
_atom_site.pdbx_PDB_ins_code 
_atom_site.Cartn_x 
_atom_site.Cartn_y 
_atom_site.Cartn_z 
_atom_site.occupancy 
_atom_site.B_iso_or_equiv 
_atom_site.pdbx_formal_charge 
_atom_site.auth_seq_id 
_atom_site.auth_comp_id 
_atom_site.auth_asym_id 
_atom_site.auth_atom_id 
_atom_site.pdbx_PDB_model_num 
ATOM   1    N N   . GLY A 1 2   ? 5.001   -4.980  21.551  1.00 24.64  ? 2   GLY B N   1 
ATOM   2    C CA  . GLY A 1 2   ? 3.682   -4.276  21.599  1.00 25.64  ? 2   GLY B CA  1 
ATOM   3    C C   . GLY A 1 2   ? 3.329   -3.604  20.284  1.00 26.20  ? 2   GLY B C   1 
ATOM   4    O O   . GLY A 1 2   ? 4.209   -3.242  19.505  1.00 26.24  ? 2   GLY B O   1 
ATOM   5    N N   . ILE A 1 3   ? 2.048   -3.430  20.028  1.00 20.00  ? 3   ILE B N   1 
ATOM   6    C CA  . ILE A 1 3   ? 1.616   -2.762  18.816  1.00 20.00  ? 3   ILE B CA  1 
ATOM   7    C C   . ILE A 1 3   ? 2.122   -1.330  18.758  1.00 20.00  ? 3   ILE B C   1 
ATOM   8    O O   . ILE A 1 3   ? 2.015   -0.605  19.709  1.00 22.36  ? 3   ILE B O   1 
ATOM   9    C CB  . ILE A 1 3   ? 0.082   -2.869  18.619  1.00 20.00  ? 3   ILE B CB  1 
ATOM   10   C CG1 . ILE A 1 3   ? -0.294  -4.320  18.297  1.00 20.00  ? 3   ILE B CG1 1 
ATOM   11   C CG2 . ILE A 1 3   ? -0.418  -1.873  17.584  1.00 20.00  ? 3   ILE B CG2 1 
ATOM   12   C CD1 . ILE A 1 3   ? -1.702  -4.527  18.065  1.00 20.00  ? 3   ILE B CD1 1 
ATOM   13   N N   . VAL A 1 4   ? 2.702   -0.934  17.641  1.00 20.10  ? 4   VAL B N   1 
ATOM   14   C CA  . VAL A 1 4   ? 3.173   0.440   17.578  1.00 21.86  ? 4   VAL B CA  1 
ATOM   15   C C   . VAL A 1 4   ? 2.474   1.249   16.495  1.00 24.55  ? 4   VAL B C   1 
ATOM   16   O O   . VAL A 1 4   ? 2.779   2.424   16.300  1.00 24.20  ? 4   VAL B O   1 
ATOM   17   C CB  . VAL A 1 4   ? 4.710   0.516   17.407  1.00 23.49  ? 4   VAL B CB  1 
ATOM   18   C CG1 . VAL A 1 4   ? 5.392   0.030   18.682  1.00 24.95  ? 4   VAL B CG1 1 
ATOM   19   C CG2 . VAL A 1 4   ? 5.162   -0.322  16.223  1.00 25.80  ? 4   VAL B CG2 1 
ATOM   20   N N   . GLY A 1 5   ? 1.523   0.615   15.810  1.00 24.57  ? 5   GLY B N   1 
ATOM   21   C CA  . GLY A 1 5   ? 0.774   1.299   14.774  1.00 24.31  ? 5   GLY B CA  1 
ATOM   22   C C   . GLY A 1 5   ? -0.271  0.423   14.114  1.00 24.86  ? 5   GLY B C   1 
ATOM   23   O O   . GLY A 1 5   ? -0.090  -0.784  13.956  1.00 26.93  ? 5   GLY B O   1 
ATOM   24   N N   . VAL A 1 6   ? -1.392  1.018   13.723  1.00 25.58  ? 6   VAL B N   1 
ATOM   25   C CA  . VAL A 1 6   ? -2.431  0.253   13.052  1.00 25.53  ? 6   VAL B CA  1 
ATOM   26   C C   . VAL A 1 6   ? -3.040  1.125   11.957  1.00 26.15  ? 6   VAL B C   1 
ATOM   27   O O   . VAL A 1 6   ? -3.200  2.345   12.129  1.00 28.16  ? 6   VAL B O   1 
ATOM   28   C CB  . VAL A 1 6   ? -3.522  -0.224  14.060  1.00 26.75  ? 6   VAL B CB  1 
ATOM   29   C CG1 . VAL A 1 6   ? -4.185  0.973   14.718  1.00 31.81  ? 6   VAL B CG1 1 
ATOM   30   C CG2 . VAL A 1 6   ? -4.577  -1.078  13.341  1.00 28.49  ? 6   VAL B CG2 1 
ATOM   31   N N   . GLY A 1 7   ? -3.351  0.504   10.827  1.00 22.73  ? 7   GLY B N   1 
ATOM   32   C CA  . GLY A 1 7   ? -3.944  1.225   9.716   1.00 22.79  ? 7   GLY B CA  1 
ATOM   33   C C   . GLY A 1 7   ? -5.019  0.421   9.019   1.00 21.90  ? 7   GLY B C   1 
ATOM   34   O O   . GLY A 1 7   ? -5.022  -0.809  9.036   1.00 22.12  ? 7   GLY B O   1 
ATOM   35   N N   . ILE A 1 8   ? -5.977  1.088   8.432   1.00 20.00  ? 8   ILE B N   1 
ATOM   36   C CA  . ILE A 1 8   ? -6.979  0.413   7.656   1.00 20.00  ? 8   ILE B CA  1 
ATOM   37   C C   . ILE A 1 8   ? -7.309  1.308   6.494   1.00 20.00  ? 8   ILE B C   1 
ATOM   38   O O   . ILE A 1 8   ? -7.275  2.519   6.625   1.00 19.32  ? 8   ILE B O   1 
ATOM   39   C CB  . ILE A 1 8   ? -8.247  0.062   8.471   1.00 20.00  ? 8   ILE B CB  1 
ATOM   40   C CG1 . ILE A 1 8   ? -9.192  -0.779  7.619   1.00 20.00  ? 8   ILE B CG1 1 
ATOM   41   C CG2 . ILE A 1 8   ? -8.923  1.290   8.983   1.00 20.00  ? 8   ILE B CG2 1 
ATOM   42   C CD1 . ILE A 1 8   ? -10.229 -1.512  8.336   1.00 20.00  ? 8   ILE B CD1 1 
ATOM   43   N N   . ASP A 1 9   ? -7.612  0.709   5.357   1.00 16.48  ? 9   ASP B N   1 
ATOM   44   C CA  . ASP A 1 9   ? -7.900  1.505   4.167   1.00 17.75  ? 9   ASP B CA  1 
ATOM   45   C C   . ASP A 1 9   ? -8.845  0.772   3.225   1.00 17.29  ? 9   ASP B C   1 
ATOM   46   O O   . ASP A 1 9   ? -8.689  -0.428  2.955   1.00 16.47  ? 9   ASP B O   1 
ATOM   47   C CB  . ASP A 1 9   ? -6.575  1.849   3.449   1.00 20.42  ? 9   ASP B CB  1 
ATOM   48   C CG  . ASP A 1 9   ? -6.695  3.035   2.499   1.00 22.05  ? 9   ASP B CG  1 
ATOM   49   O OD1 . ASP A 1 9   ? -6.659  2.841   1.259   1.00 24.69  ? 9   ASP B OD1 1 
ATOM   50   O OD2 . ASP A 1 9   ? -6.816  4.176   2.988   1.00 28.50  ? 9   ASP B OD2 1 
ATOM   51   N N   . LEU A 1 10  ? -9.849  1.506   2.755   1.00 17.97  ? 10  LEU B N   1 
ATOM   52   C CA  . LEU A 1 10  ? -10.836 0.990   1.823   1.00 19.02  ? 10  LEU B CA  1 
ATOM   53   C C   . LEU A 1 10  ? -10.632 1.808   0.558   1.00 22.25  ? 10  LEU B C   1 
ATOM   54   O O   . LEU A 1 10  ? -10.397 3.018   0.622   1.00 22.31  ? 10  LEU B O   1 
ATOM   55   C CB  . LEU A 1 10  ? -12.275 1.194   2.341   1.00 20.60  ? 10  LEU B CB  1 
ATOM   56   C CG  . LEU A 1 10  ? -13.046 -0.064  2.806   1.00 22.96  ? 10  LEU B CG  1 
ATOM   57   C CD1 . LEU A 1 10  ? -12.270 -0.707  3.926   1.00 25.07  ? 10  LEU B CD1 1 
ATOM   58   C CD2 . LEU A 1 10  ? -14.446 0.293   3.277   1.00 24.10  ? 10  LEU B CD2 1 
ATOM   59   N N   . VAL A 1 11  ? -10.724 1.130   -0.580  1.00 21.62  ? 11  VAL B N   1 
ATOM   60   C CA  . VAL A 1 11  ? -10.532 1.735   -1.884  1.00 20.68  ? 11  VAL B CA  1 
ATOM   61   C C   . VAL A 1 11  ? -11.701 1.445   -2.813  1.00 21.41  ? 11  VAL B C   1 
ATOM   62   O O   . VAL A 1 11  ? -12.174 0.315   -2.867  1.00 20.29  ? 11  VAL B O   1 
ATOM   63   C CB  . VAL A 1 11  ? -9.250  1.163   -2.540  1.00 19.96  ? 11  VAL B CB  1 
ATOM   64   C CG1 . VAL A 1 11  ? -9.110  1.677   -3.960  1.00 21.38  ? 11  VAL B CG1 1 
ATOM   65   C CG2 . VAL A 1 11  ? -8.024  1.525   -1.677  1.00 18.15  ? 11  VAL B CG2 1 
ATOM   66   N N   . SER A 1 12  ? -12.169 2.465   -3.534  1.00 21.10  ? 12  SER B N   1 
ATOM   67   C CA  . SER A 1 12  ? -13.252 2.282   -4.500  1.00 21.23  ? 12  SER B CA  1 
ATOM   68   C C   . SER A 1 12  ? -12.557 1.795   -5.770  1.00 21.62  ? 12  SER B C   1 
ATOM   69   O O   . SER A 1 12  ? -11.750 2.520   -6.351  1.00 21.38  ? 12  SER B O   1 
ATOM   70   C CB  . SER A 1 12  ? -13.942 3.619   -4.782  1.00 22.54  ? 12  SER B CB  1 
ATOM   71   O OG  . SER A 1 12  ? -14.586 3.602   -6.050  1.00 25.09  ? 12  SER B OG  1 
ATOM   72   N N   . ILE A 1 13  ? -12.905 0.626   -6.253  1.00 20.00  ? 13  ILE B N   1 
ATOM   73   C CA  . ILE A 1 13  ? -12.253 0.062   -7.402  1.00 20.00  ? 13  ILE B CA  1 
ATOM   74   C C   . ILE A 1 13  ? -12.508 0.877   -8.659  1.00 20.00  ? 13  ILE B C   1 
ATOM   75   O O   . ILE A 1 13  ? -11.619 1.075   -9.451  1.00 24.46  ? 13  ILE B O   1 
ATOM   76   C CB  . ILE A 1 13  ? -12.615 -1.387  -7.563  1.00 20.00  ? 13  ILE B CB  1 
ATOM   77   C CG1 . ILE A 1 13  ? -12.077 -2.179  -6.377  1.00 20.00  ? 13  ILE B CG1 1 
ATOM   78   C CG2 . ILE A 1 13  ? -12.122 -1.921  -8.882  1.00 20.00  ? 13  ILE B CG2 1 
ATOM   79   C CD1 . ILE A 1 13  ? -12.545 -3.567  -6.295  1.00 20.00  ? 13  ILE B CD1 1 
ATOM   80   N N   . PRO A 1 14  ? -13.712 1.415   -8.781  1.00 26.52  ? 14  PRO B N   1 
ATOM   81   C CA  . PRO A 1 14  ? -14.058 2.308   -9.898  1.00 26.54  ? 14  PRO B CA  1 
ATOM   82   C C   . PRO A 1 14  ? -13.272 3.616   -9.848  1.00 27.05  ? 14  PRO B C   1 
ATOM   83   O O   . PRO A 1 14  ? -12.726 4.061   -10.856 1.00 27.92  ? 14  PRO B O   1 
ATOM   84   C CB  . PRO A 1 14  ? -15.555 2.528   -9.711  1.00 27.12  ? 14  PRO B CB  1 
ATOM   85   C CG  . PRO A 1 14  ? -16.003 1.195   -9.205  1.00 28.85  ? 14  PRO B CG  1 
ATOM   86   C CD  . PRO A 1 14  ? -14.928 0.897   -8.136  1.00 27.46  ? 14  PRO B CD  1 
ATOM   87   N N   . ASP A 1 15  ? -13.215 4.228   -8.671  1.00 26.91  ? 15  ASP B N   1 
ATOM   88   C CA  . ASP A 1 15  ? -12.474 5.471   -8.521  1.00 28.73  ? 15  ASP B CA  1 
ATOM   89   C C   . ASP A 1 15  ? -10.982 5.179   -8.676  1.00 28.40  ? 15  ASP B C   1 
ATOM   90   O O   . ASP A 1 15  ? -10.234 6.000   -9.206  1.00 29.90  ? 15  ASP B O   1 
ATOM   91   C CB  . ASP A 1 15  ? -12.750 6.116   -7.156  1.00 28.63  ? 15  ASP B CB  1 
ATOM   92   C CG  . ASP A 1 15  ? -14.212 6.525   -6.986  1.00 32.51  ? 15  ASP B CG  1 
ATOM   93   O OD1 . ASP A 1 15  ? -14.905 6.708   -8.009  1.00 34.14  ? 15  ASP B OD1 1 
ATOM   94   O OD2 . ASP A 1 15  ? -14.663 6.677   -5.835  1.00 32.34  ? 15  ASP B OD2 1 
ATOM   95   N N   . PHE A 1 16  ? -10.548 4.007   -8.232  1.00 25.67  ? 16  PHE B N   1 
ATOM   96   C CA  . PHE A 1 16  ? -9.134  3.649   -8.362  1.00 27.45  ? 16  PHE B CA  1 
ATOM   97   C C   . PHE A 1 16  ? -8.727  3.551   -9.835  1.00 27.17  ? 16  PHE B C   1 
ATOM   98   O O   . PHE A 1 16  ? -7.762  4.188   -10.273 1.00 28.74  ? 16  PHE B O   1 
ATOM   99   C CB  . PHE A 1 16  ? -8.850  2.313   -7.659  1.00 21.69  ? 16  PHE B CB  1 
ATOM   100  C CG  . PHE A 1 16  ? -7.442  1.804   -7.862  1.00 22.56  ? 16  PHE B CG  1 
ATOM   101  C CD1 . PHE A 1 16  ? -7.186  0.762   -8.741  1.00 23.55  ? 16  PHE B CD1 1 
ATOM   102  C CD2 . PHE A 1 16  ? -6.383  2.349   -7.149  1.00 24.02  ? 16  PHE B CD2 1 
ATOM   103  C CE1 . PHE A 1 16  ? -5.884  0.260   -8.906  1.00 24.62  ? 16  PHE B CE1 1 
ATOM   104  C CE2 . PHE A 1 16  ? -5.076  1.863   -7.304  1.00 24.31  ? 16  PHE B CE2 1 
ATOM   105  C CZ  . PHE A 1 16  ? -4.828  0.817   -8.181  1.00 26.37  ? 16  PHE B CZ  1 
ATOM   106  N N   . ALA A 1 17  ? -9.474  2.765   -10.602 1.00 29.82  ? 17  ALA B N   1 
ATOM   107  C CA  . ALA A 1 17  ? -9.179  2.592   -12.015 1.00 33.51  ? 17  ALA B CA  1 
ATOM   108  C C   . ALA A 1 17  ? -9.256  3.909   -12.793 1.00 34.39  ? 17  ALA B C   1 
ATOM   109  O O   . ALA A 1 17  ? -8.597  4.066   -13.814 1.00 33.64  ? 17  ALA B O   1 
ATOM   110  C CB  . ALA A 1 17  ? -10.135 1.579   -12.621 1.00 33.91  ? 17  ALA B CB  1 
ATOM   111  N N   . GLU A 1 18  ? -10.051 4.859   -12.315 1.00 36.89  ? 18  GLU B N   1 
ATOM   112  C CA  . GLU A 1 18  ? -10.176 6.127   -13.025 1.00 37.75  ? 18  GLU B CA  1 
ATOM   113  C C   . GLU A 1 18  ? -8.959  7.029   -12.884 1.00 37.27  ? 18  GLU B C   1 
ATOM   114  O O   . GLU A 1 18  ? -8.681  7.825   -13.774 1.00 37.61  ? 18  GLU B O   1 
ATOM   115  C CB  . GLU A 1 18  ? -11.425 6.897   -12.573 1.00 40.60  ? 18  GLU B CB  1 
ATOM   116  C CG  . GLU A 1 18  ? -11.253 7.690   -11.280 1.00 45.02  ? 18  GLU B CG  1 
ATOM   117  C CD  . GLU A 1 18  ? -12.517 8.439   -10.857 1.00 47.54  ? 18  GLU B CD  1 
ATOM   118  O OE1 . GLU A 1 18  ? -12.466 9.157   -9.835  1.00 47.28  ? 18  GLU B OE1 1 
ATOM   119  O OE2 . GLU A 1 18  ? -13.556 8.307   -11.542 1.00 49.07  ? 18  GLU B OE2 1 
ATOM   120  N N   . GLN A 1 19  ? -8.218  6.913   -11.788 1.00 36.05  ? 19  GLN B N   1 
ATOM   121  C CA  . GLN A 1 19  ? -7.062  7.783   -11.611 1.00 36.65  ? 19  GLN B CA  1 
ATOM   122  C C   . GLN A 1 19  ? -5.723  7.073   -11.512 1.00 35.38  ? 19  GLN B C   1 
ATOM   123  O O   . GLN A 1 19  ? -4.674  7.718   -11.466 1.00 33.80  ? 19  GLN B O   1 
ATOM   124  C CB  . GLN A 1 19  ? -7.263  8.670   -10.381 1.00 38.70  ? 19  GLN B CB  1 
ATOM   125  C CG  . GLN A 1 19  ? -7.293  7.939   -9.061  1.00 40.74  ? 19  GLN B CG  1 
ATOM   126  C CD  . GLN A 1 19  ? -7.889  8.781   -7.941  1.00 41.98  ? 19  GLN B CD  1 
ATOM   127  O OE1 . GLN A 1 19  ? -9.072  9.120   -7.965  1.00 44.76  ? 19  GLN B OE1 1 
ATOM   128  N NE2 . GLN A 1 19  ? -7.068  9.121   -6.951  1.00 43.38  ? 19  GLN B NE2 1 
ATOM   129  N N   . VAL A 1 20  ? -5.755  5.745   -11.511 1.00 32.83  ? 20  VAL B N   1 
ATOM   130  C CA  . VAL A 1 20  ? -4.534  4.970   -11.375 1.00 33.68  ? 20  VAL B CA  1 
ATOM   131  C C   . VAL A 1 20  ? -3.534  5.213   -12.486 1.00 34.88  ? 20  VAL B C   1 
ATOM   132  O O   . VAL A 1 20  ? -2.328  5.100   -12.275 1.00 34.67  ? 20  VAL B O   1 
ATOM   133  C CB  . VAL A 1 20  ? -4.815  3.462   -11.341 1.00 33.75  ? 20  VAL B CB  1 
ATOM   134  C CG1 . VAL A 1 20  ? -5.246  2.973   -12.716 1.00 31.19  ? 20  VAL B CG1 1 
ATOM   135  C CG2 . VAL A 1 20  ? -3.566  2.729   -10.878 1.00 34.28  ? 20  VAL B CG2 1 
ATOM   136  N N   . ASP A 1 21  ? -3.947  5.658   -13.581 1.00 37.11  ? 21  ASP B N   1 
ATOM   137  C CA  . ASP A 1 21  ? -3.075  5.812   -14.733 1.00 38.27  ? 21  ASP B CA  1 
ATOM   138  C C   . ASP A 1 21  ? -2.804  7.217   -15.125 1.00 40.75  ? 21  ASP B C   1 
ATOM   139  O O   . ASP A 1 21  ? -2.721  7.503   -16.289 1.00 42.38  ? 21  ASP B O   1 
ATOM   140  C CB  . ASP A 1 21  ? -3.590  5.102   -15.956 1.00 37.11  ? 21  ASP B CB  1 
ATOM   141  C CG  . ASP A 1 21  ? -2.603  5.141   -17.095 1.00 35.71  ? 21  ASP B CG  1 
ATOM   142  O OD1 . ASP A 1 21  ? -1.508  4.668   -16.903 1.00 37.74  ? 21  ASP B OD1 1 
ATOM   143  O OD2 . ASP A 1 21  ? -2.902  5.657   -18.156 1.00 34.88  ? 21  ASP B OD2 1 
ATOM   144  N N   . GLN A 1 22  ? -2.675  8.020   -14.186 1.00 43.96  ? 22  GLN B N   1 
ATOM   145  C CA  . GLN A 1 22  ? -2.263  9.341   -14.493 1.00 48.10  ? 22  GLN B CA  1 
ATOM   146  C C   . GLN A 1 22  ? -0.896  9.701   -14.083 1.00 49.05  ? 22  GLN B C   1 
ATOM   147  O O   . GLN A 1 22  ? -0.444  9.348   -13.006 1.00 48.91  ? 22  GLN B O   1 
ATOM   148  C CB  . GLN A 1 22  ? -3.301  10.400  -14.192 1.00 50.47  ? 22  GLN B CB  1 
ATOM   149  C CG  . GLN A 1 22  ? -3.592  10.629  -12.777 1.00 55.23  ? 22  GLN B CG  1 
ATOM   150  C CD  . GLN A 1 22  ? -4.942  11.236  -12.619 1.00 57.11  ? 22  GLN B CD  1 
ATOM   151  O OE1 . GLN A 1 22  ? -5.568  11.612  -13.593 1.00 57.52  ? 22  GLN B OE1 1 
ATOM   152  N NE2 . GLN A 1 22  ? -5.409  11.323  -11.396 1.00 58.13  ? 22  GLN B NE2 1 
ATOM   153  N N   . PRO A 1 23  ? -0.230  10.367  -15.017 1.00 49.91  ? 23  PRO B N   1 
ATOM   154  C CA  . PRO A 1 23  ? 1.180   10.732  -14.854 1.00 51.15  ? 23  PRO B CA  1 
ATOM   155  C C   . PRO A 1 23  ? 1.541   11.507  -13.587 1.00 51.05  ? 23  PRO B C   1 
ATOM   156  O O   . PRO A 1 23  ? 0.729   12.246  -13.036 1.00 49.92  ? 23  PRO B O   1 
ATOM   157  C CB  . PRO A 1 23  ? 1.468   11.537  -16.120 1.00 51.24  ? 23  PRO B CB  1 
ATOM   158  C CG  . PRO A 1 23  ? 0.575   10.883  -17.129 1.00 51.25  ? 23  PRO B CG  1 
ATOM   159  C CD  . PRO A 1 23  ? -0.711  10.740  -16.360 1.00 50.20  ? 23  PRO B CD  1 
ATOM   160  N N   . GLY A 1 24  ? 2.777   11.319  -13.135 1.00 52.35  ? 24  GLY B N   1 
ATOM   161  C CA  . GLY A 1 24  ? 3.262   12.012  -11.954 1.00 54.19  ? 24  GLY B CA  1 
ATOM   162  C C   . GLY A 1 24  ? 2.664   11.605  -10.621 1.00 55.23  ? 24  GLY B C   1 
ATOM   163  O O   . GLY A 1 24  ? 3.294   11.800  -9.581  1.00 55.99  ? 24  GLY B O   1 
ATOM   164  N N   . THR A 1 25  ? 1.457   11.047  -10.637 1.00 55.83  ? 25  THR B N   1 
ATOM   165  C CA  . THR A 1 25  ? 0.792   10.634  -9.403  1.00 55.93  ? 25  THR B CA  1 
ATOM   166  C C   . THR A 1 25  ? 1.622   9.623   -8.617  1.00 55.71  ? 25  THR B C   1 
ATOM   167  O O   . THR A 1 25  ? 2.646   9.133   -9.092  1.00 57.05  ? 25  THR B O   1 
ATOM   168  C CB  . THR A 1 25  ? -0.558  9.980   -9.690  1.00 56.30  ? 25  THR B CB  1 
ATOM   169  O OG1 . THR A 1 25  ? -1.279  9.817   -8.463  1.00 58.49  ? 25  THR B OG1 1 
ATOM   170  C CG2 . THR A 1 25  ? -0.348  8.609   -10.316 1.00 56.31  ? 25  THR B CG2 1 
ATOM   171  N N   . VAL A 1 26  ? 1.241   9.353   -7.378  1.00 54.09  ? 26  VAL B N   1 
ATOM   172  C CA  . VAL A 1 26  ? 1.942   8.355   -6.602  1.00 52.55  ? 26  VAL B CA  1 
ATOM   173  C C   . VAL A 1 26  ? 1.757   6.915   -7.104  1.00 51.58  ? 26  VAL B C   1 
ATOM   174  O O   . VAL A 1 26  ? 2.563   6.060   -6.821  1.00 51.62  ? 26  VAL B O   1 
ATOM   175  C CB  . VAL A 1 26  ? 1.656   8.510   -5.122  1.00 52.55  ? 26  VAL B CB  1 
ATOM   176  C CG1 . VAL A 1 26  ? 2.225   7.351   -4.319  1.00 52.06  ? 26  VAL B CG1 1 
ATOM   177  C CG2 . VAL A 1 26  ? 2.189   9.807   -4.639  1.00 51.45  ? 26  VAL B CG2 1 
ATOM   178  N N   . PHE A 1 27  ? 0.714   6.668   -7.888  1.00 50.18  ? 27  PHE B N   1 
ATOM   179  C CA  . PHE A 1 27  ? 0.517   5.365   -8.509  1.00 48.47  ? 27  PHE B CA  1 
ATOM   180  C C   . PHE A 1 27  ? 1.697   4.975   -9.395  1.00 47.00  ? 27  PHE B C   1 
ATOM   181  O O   . PHE A 1 27  ? 2.083   3.804   -9.459  1.00 46.60  ? 27  PHE B O   1 
ATOM   182  C CB  . PHE A 1 27  ? -0.772  5.378   -9.335  1.00 47.71  ? 27  PHE B CB  1 
ATOM   183  C CG  . PHE A 1 27  ? -1.999  5.694   -8.532  1.00 48.90  ? 27  PHE B CG  1 
ATOM   184  C CD1 . PHE A 1 27  ? -2.426  4.837   -7.526  1.00 49.17  ? 27  PHE B CD1 1 
ATOM   185  C CD2 . PHE A 1 27  ? -2.729  6.851   -8.779  1.00 49.05  ? 27  PHE B CD2 1 
ATOM   186  C CE1 . PHE A 1 27  ? -3.567  5.129   -6.776  1.00 50.34  ? 27  PHE B CE1 1 
ATOM   187  C CE2 . PHE A 1 27  ? -3.869  7.153   -8.033  1.00 49.85  ? 27  PHE B CE2 1 
ATOM   188  C CZ  . PHE A 1 27  ? -4.290  6.292   -7.031  1.00 49.84  ? 27  PHE B CZ  1 
ATOM   189  N N   . ALA A 1 28  ? 2.274   5.965   -10.072 1.00 45.70  ? 28  ALA B N   1 
ATOM   190  C CA  . ALA A 1 28  ? 3.404   5.729   -10.967 1.00 45.09  ? 28  ALA B CA  1 
ATOM   191  C C   . ALA A 1 28  ? 4.649   5.231   -10.239 1.00 44.24  ? 28  ALA B C   1 
ATOM   192  O O   . ALA A 1 28  ? 5.496   4.574   -10.835 1.00 43.35  ? 28  ALA B O   1 
ATOM   193  C CB  . ALA A 1 28  ? 3.731   7.005   -11.745 1.00 44.99  ? 28  ALA B CB  1 
ATOM   194  N N   . GLU A 1 29  ? 4.757   5.536   -8.950  1.00 44.29  ? 29  GLU B N   1 
ATOM   195  C CA  . GLU A 1 29  ? 5.917   5.115   -8.175  1.00 44.36  ? 29  GLU B CA  1 
ATOM   196  C C   . GLU A 1 29  ? 5.711   3.779   -7.458  1.00 43.38  ? 29  GLU B C   1 
ATOM   197  O O   . GLU A 1 29  ? 6.576   3.338   -6.692  1.00 43.36  ? 29  GLU B O   1 
ATOM   198  C CB  . GLU A 1 29  ? 6.284   6.200   -7.160  1.00 46.18  ? 29  GLU B CB  1 
ATOM   199  C CG  . GLU A 1 29  ? 6.666   7.525   -7.809  1.00 49.68  ? 29  GLU B CG  1 
ATOM   200  C CD  . GLU A 1 29  ? 7.736   7.351   -8.873  1.00 51.61  ? 29  GLU B CD  1 
ATOM   201  O OE1 . GLU A 1 29  ? 8.782   6.736   -8.568  1.00 53.76  ? 29  GLU B OE1 1 
ATOM   202  O OE2 . GLU A 1 29  ? 7.533   7.825   -10.019 1.00 52.51  ? 29  GLU B OE2 1 
ATOM   203  N N   . THR A 1 30  ? 4.582   3.131   -7.730  1.00 40.18  ? 30  THR B N   1 
ATOM   204  C CA  . THR A 1 30  ? 4.261   1.862   -7.095  1.00 38.53  ? 30  THR B CA  1 
ATOM   205  C C   . THR A 1 30  ? 3.856   0.771   -8.093  1.00 37.25  ? 30  THR B C   1 
ATOM   206  O O   . THR A 1 30  ? 4.045   -0.420  -7.831  1.00 36.77  ? 30  THR B O   1 
ATOM   207  C CB  . THR A 1 30  ? 3.140   2.070   -6.041  1.00 39.39  ? 30  THR B CB  1 
ATOM   208  O OG1 . THR A 1 30  ? 2.643   0.803   -5.581  1.00 41.61  ? 30  THR B OG1 1 
ATOM   209  C CG2 . THR A 1 30  ? 2.014   2.883   -6.632  1.00 41.20  ? 30  THR B CG2 1 
ATOM   210  N N   . PHE A 1 31  ? 3.315   1.174   -9.239  1.00 34.56  ? 31  PHE B N   1 
ATOM   211  C CA  . PHE A 1 31  ? 2.899   0.225   -10.262 1.00 33.25  ? 31  PHE B CA  1 
ATOM   212  C C   . PHE A 1 31  ? 3.532   0.604   -11.605 1.00 33.58  ? 31  PHE B C   1 
ATOM   213  O O   . PHE A 1 31  ? 3.768   1.776   -11.885 1.00 31.21  ? 31  PHE B O   1 
ATOM   214  C CB  . PHE A 1 31  ? 1.365   0.214   -10.389 1.00 33.58  ? 31  PHE B CB  1 
ATOM   215  C CG  . PHE A 1 31  ? 0.650   0.008   -9.079  1.00 30.44  ? 31  PHE B CG  1 
ATOM   216  C CD1 . PHE A 1 31  ? -0.287  0.929   -8.630  1.00 30.45  ? 31  PHE B CD1 1 
ATOM   217  C CD2 . PHE A 1 31  ? 0.952   -1.082  -8.274  1.00 32.88  ? 31  PHE B CD2 1 
ATOM   218  C CE1 . PHE A 1 31  ? -0.913  0.774   -7.387  1.00 29.40  ? 31  PHE B CE1 1 
ATOM   219  C CE2 . PHE A 1 31  ? 0.331   -1.247  -7.028  1.00 30.79  ? 31  PHE B CE2 1 
ATOM   220  C CZ  . PHE A 1 31  ? -0.600  -0.313  -6.589  1.00 30.50  ? 31  PHE B CZ  1 
ATOM   221  N N   . THR A 1 32  ? 3.809   -0.401  -12.425 1.00 32.95  ? 32  THR B N   1 
ATOM   222  C CA  . THR A 1 32  ? 4.407   -0.172  -13.732 1.00 32.68  ? 32  THR B CA  1 
ATOM   223  C C   . THR A 1 32  ? 3.357   0.404   -14.692 1.00 31.40  ? 32  THR B C   1 
ATOM   224  O O   . THR A 1 32  ? 2.158   0.204   -14.501 1.00 29.79  ? 32  THR B O   1 
ATOM   225  C CB  . THR A 1 32  ? 4.977   -1.496  -14.295 1.00 33.88  ? 32  THR B CB  1 
ATOM   226  O OG1 . THR A 1 32  ? 6.066   -1.934  -13.467 1.00 37.12  ? 32  THR B OG1 1 
ATOM   227  C CG2 . THR A 1 32  ? 5.485   -1.318  -15.717 1.00 35.80  ? 32  THR B CG2 1 
ATOM   228  N N   . PRO A 1 33  ? 3.798   1.155   -15.716 1.00 30.35  ? 33  PRO B N   1 
ATOM   229  C CA  . PRO A 1 33  ? 2.878   1.743   -16.691 1.00 28.23  ? 33  PRO B CA  1 
ATOM   230  C C   . PRO A 1 33  ? 1.904   0.705   -17.226 1.00 27.80  ? 33  PRO B C   1 
ATOM   231  O O   . PRO A 1 33  ? 0.707   0.971   -17.359 1.00 29.47  ? 33  PRO B O   1 
ATOM   232  C CB  . PRO A 1 33  ? 3.821   2.256   -17.771 1.00 28.95  ? 33  PRO B CB  1 
ATOM   233  C CG  . PRO A 1 33  ? 4.990   2.746   -16.954 1.00 29.98  ? 33  PRO B CG  1 
ATOM   234  C CD  . PRO A 1 33  ? 5.170   1.668   -15.912 1.00 28.97  ? 33  PRO B CD  1 
ATOM   235  N N   . GLY A 1 34  ? 2.428   -0.478  -17.530 1.00 26.78  ? 34  GLY B N   1 
ATOM   236  C CA  . GLY A 1 34  ? 1.594   -1.556  -18.042 1.00 26.53  ? 34  GLY B CA  1 
ATOM   237  C C   . GLY A 1 34  ? 0.535   -1.918  -17.025 1.00 26.36  ? 34  GLY B C   1 
ATOM   238  O O   . GLY A 1 34  ? -0.633  -2.122  -17.363 1.00 27.80  ? 34  GLY B O   1 
ATOM   239  N N   . GLU A 1 35  ? 0.950   -1.996  -15.768 1.00 28.50  ? 35  GLU B N   1 
ATOM   240  C CA  . GLU A 1 35  ? 0.030   -2.323  -14.687 1.00 29.37  ? 35  GLU B CA  1 
ATOM   241  C C   . GLU A 1 35  ? -1.059  -1.265  -14.540 1.00 28.51  ? 35  GLU B C   1 
ATOM   242  O O   . GLU A 1 35  ? -2.240  -1.587  -14.362 1.00 29.10  ? 35  GLU B O   1 
ATOM   243  C CB  . GLU A 1 35  ? 0.798   -2.460  -13.367 1.00 31.42  ? 35  GLU B CB  1 
ATOM   244  C CG  . GLU A 1 35  ? 1.317   -3.859  -13.084 1.00 31.57  ? 35  GLU B CG  1 
ATOM   245  C CD  . GLU A 1 35  ? 2.048   -3.950  -11.751 1.00 32.51  ? 35  GLU B CD  1 
ATOM   246  O OE1 . GLU A 1 35  ? 2.072   -5.053  -11.160 1.00 33.49  ? 35  GLU B OE1 1 
ATOM   247  O OE2 . GLU A 1 35  ? 2.604   -2.926  -11.302 1.00 30.06  ? 35  GLU B OE2 1 
ATOM   248  N N   . ARG A 1 36  ? -0.668  0.004   -14.635 1.00 28.79  ? 36  ARG B N   1 
ATOM   249  C CA  . ARG A 1 36  ? -1.617  1.098   -14.486 1.00 29.25  ? 36  ARG B CA  1 
ATOM   250  C C   . ARG A 1 36  ? -2.584  1.126   -15.659 1.00 30.33  ? 36  ARG B C   1 
ATOM   251  O O   . ARG A 1 36  ? -3.766  1.467   -15.525 1.00 28.16  ? 36  ARG B O   1 
ATOM   252  C CB  . ARG A 1 36  ? -0.867  2.428   -14.365 1.00 31.86  ? 36  ARG B CB  1 
ATOM   253  C CG  . ARG A 1 36  ? 0.116   2.465   -13.201 1.00 36.55  ? 36  ARG B CG  1 
ATOM   254  C CD  . ARG A 1 36  ? 0.595   3.881   -12.911 1.00 41.08  ? 36  ARG B CD  1 
ATOM   255  N NE  . ARG A 1 36  ? 1.130   4.540   -14.102 1.00 45.42  ? 36  ARG B NE  1 
ATOM   256  C CZ  . ARG A 1 36  ? 2.328   4.301   -14.621 1.00 48.36  ? 36  ARG B CZ  1 
ATOM   257  N NH1 . ARG A 1 36  ? 3.136   3.412   -14.055 1.00 49.43  ? 36  ARG B NH1 1 
ATOM   258  N NH2 . ARG A 1 36  ? 2.721   4.957   -15.708 1.00 49.74  ? 36  ARG B NH2 1 
ATOM   259  N N   . ARG A 1 37  ? -2.062  0.743   -16.812 1.00 30.17  ? 37  ARG B N   1 
ATOM   260  C CA  . ARG A 1 37  ? -2.834  0.691   -18.039 1.00 31.33  ? 37  ARG B CA  1 
ATOM   261  C C   . ARG A 1 37  ? -3.913  -0.376  -17.867 1.00 30.60  ? 37  ARG B C   1 
ATOM   262  O O   . ARG A 1 37  ? -5.108  -0.125  -18.073 1.00 29.62  ? 37  ARG B O   1 
ATOM   263  C CB  . ARG A 1 37  ? -1.892  0.306   -19.179 1.00 33.57  ? 37  ARG B CB  1 
ATOM   264  C CG  . ARG A 1 37  ? -2.358  0.670   -20.552 1.00 37.23  ? 37  ARG B CG  1 
ATOM   265  C CD  . ARG A 1 37  ? -1.471  1.763   -21.144 1.00 36.38  ? 37  ARG B CD  1 
ATOM   266  N NE  . ARG A 1 37  ? -0.047  1.482   -20.986 1.00 39.67  ? 37  ARG B NE  1 
ATOM   267  C CZ  . ARG A 1 37  ? 0.540   0.341   -21.333 1.00 37.51  ? 37  ARG B CZ  1 
ATOM   268  N NH1 . ARG A 1 37  ? -0.179  -0.643  -21.856 1.00 41.94  ? 37  ARG B NH1 1 
ATOM   269  N NH2 . ARG A 1 37  ? 1.851   0.184   -21.166 1.00 39.18  ? 37  ARG B NH2 1 
ATOM   270  N N   . ASP A 1 38  ? -3.493  -1.574  -17.475 1.00 30.30  ? 38  ASP B N   1 
ATOM   271  C CA  . ASP A 1 38  ? -4.441  -2.667  -17.294 1.00 30.08  ? 38  ASP B CA  1 
ATOM   272  C C   . ASP A 1 38  ? -5.468  -2.379  -16.206 1.00 30.40  ? 38  ASP B C   1 
ATOM   273  O O   . ASP A 1 38  ? -6.648  -2.696  -16.361 1.00 32.03  ? 38  ASP B O   1 
ATOM   274  C CB  . ASP A 1 38  ? -3.701  -3.969  -16.980 1.00 31.64  ? 38  ASP B CB  1 
ATOM   275  C CG  . ASP A 1 38  ? -2.829  -4.422  -18.124 1.00 33.69  ? 38  ASP B CG  1 
ATOM   276  O OD1 . ASP A 1 38  ? -3.203  -4.150  -19.285 1.00 36.48  ? 38  ASP B OD1 1 
ATOM   277  O OD2 . ASP A 1 38  ? -1.780  -5.047  -17.872 1.00 31.76  ? 38  ASP B OD2 1 
ATOM   278  N N   . ALA A 1 39  ? -5.020  -1.755  -15.124 1.00 29.21  ? 39  ALA B N   1 
ATOM   279  C CA  . ALA A 1 39  ? -5.879  -1.432  -13.993 1.00 30.62  ? 39  ALA B CA  1 
ATOM   280  C C   . ALA A 1 39  ? -6.896  -0.343  -14.317 1.00 31.80  ? 39  ALA B C   1 
ATOM   281  O O   . ALA A 1 39  ? -7.810  -0.107  -13.542 1.00 30.95  ? 39  ALA B O   1 
ATOM   282  C CB  . ALA A 1 39  ? -5.031  -0.999  -12.806 1.00 29.72  ? 39  ALA B CB  1 
ATOM   283  N N   . SER A 1 40  ? -6.728  0.318   -15.457 1.00 32.27  ? 40  SER B N   1 
ATOM   284  C CA  . SER A 1 40  ? -7.639  1.381   -15.846 1.00 34.66  ? 40  SER B CA  1 
ATOM   285  C C   . SER A 1 40  ? -9.005  0.830   -16.227 1.00 35.50  ? 40  SER B C   1 
ATOM   286  O O   . SER A 1 40  ? -9.972  1.585   -16.385 1.00 34.43  ? 40  SER B O   1 
ATOM   287  C CB  . SER A 1 40  ? -7.042  2.186   -16.999 1.00 35.27  ? 40  SER B CB  1 
ATOM   288  O OG  . SER A 1 40  ? -5.966  2.993   -16.535 1.00 33.75  ? 40  SER B OG  1 
ATOM   289  N N   . ASP A 1 41  ? -9.074  -0.491  -16.356 1.00 35.55  ? 41  ASP B N   1 
ATOM   290  C CA  . ASP A 1 41  ? -10.307 -1.176  -16.704 1.00 38.81  ? 41  ASP B CA  1 
ATOM   291  C C   . ASP A 1 41  ? -11.028 -1.641  -15.446 1.00 38.37  ? 41  ASP B C   1 
ATOM   292  O O   . ASP A 1 41  ? -10.758 -2.727  -14.941 1.00 38.37  ? 41  ASP B O   1 
ATOM   293  C CB  . ASP A 1 41  ? -10.016 -2.395  -17.581 1.00 40.96  ? 41  ASP B CB  1 
ATOM   294  C CG  . ASP A 1 41  ? -11.282 -3.084  -18.052 1.00 43.97  ? 41  ASP B CG  1 
ATOM   295  O OD1 . ASP A 1 41  ? -12.189 -3.322  -17.218 1.00 45.94  ? 41  ASP B OD1 1 
ATOM   296  O OD2 . ASP A 1 41  ? -11.370 -3.391  -19.259 1.00 46.83  ? 41  ASP B OD2 1 
ATOM   297  N N   . LYS A 1 42  ? -11.877 -0.772  -14.915 1.00 39.53  ? 42  LYS B N   1 
ATOM   298  C CA  . LYS A 1 42  ? -12.858 -1.050  -13.874 1.00 41.18  ? 42  LYS B CA  1 
ATOM   299  C C   . LYS A 1 42  ? -13.254 -2.500  -13.667 1.00 40.12  ? 42  LYS B C   1 
ATOM   300  O O   . LYS A 1 42  ? -13.335 -2.980  -12.552 1.00 40.61  ? 42  LYS B O   1 
ATOM   301  C CB  . LYS A 1 42  ? -14.110 -0.227  -14.165 1.00 43.42  ? 42  LYS B CB  1 
ATOM   302  C CG  . LYS A 1 42  ? -15.013 0.044   -13.011 1.00 47.09  ? 42  LYS B CG  1 
ATOM   303  C CD  . LYS A 1 42  ? -16.368 0.460   -13.508 1.00 50.31  ? 42  LYS B CD  1 
ATOM   304  C CE  . LYS A 1 42  ? -16.736 1.855   -13.035 1.00 51.58  ? 42  LYS B CE  1 
ATOM   305  N NZ  . LYS A 1 42  ? -16.902 2.825   -14.163 1.00 54.09  ? 42  LYS B NZ  1 
ATOM   306  N N   . SER A 1 43  ? -13.521 -3.180  -14.762 1.00 40.23  ? 43  SER B N   1 
ATOM   307  C CA  . SER A 1 43  ? -14.019 -4.555  -14.770 1.00 39.79  ? 43  SER B CA  1 
ATOM   308  C C   . SER A 1 43  ? -12.968 -5.651  -14.941 1.00 39.35  ? 43  SER B C   1 
ATOM   309  O O   . SER A 1 43  ? -13.310 -6.819  -15.132 1.00 40.72  ? 43  SER B O   1 
ATOM   310  C CB  . SER A 1 43  ? -15.083 -4.714  -15.869 1.00 39.83  ? 43  SER B CB  1 
ATOM   311  O OG  . SER A 1 43  ? -14.520 -4.558  -17.163 1.00 41.26  ? 43  SER B OG  1 
ATOM   312  N N   . SER A 1 44  ? -11.693 -5.291  -14.879 1.00 37.41  ? 44  SER B N   1 
ATOM   313  C CA  . SER A 1 44  ? -10.640 -6.290  -15.043 1.00 37.13  ? 44  SER B CA  1 
ATOM   314  C C   . SER A 1 44  ? -10.162 -6.814  -13.700 1.00 35.90  ? 44  SER B C   1 
ATOM   315  O O   . SER A 1 44  ? -10.335 -6.166  -12.665 1.00 34.53  ? 44  SER B O   1 
ATOM   316  C CB  . SER A 1 44  ? -9.441  -5.694  -15.767 1.00 36.45  ? 44  SER B CB  1 
ATOM   317  O OG  . SER A 1 44  ? -8.768  -4.785  -14.913 1.00 34.21  ? 44  SER B OG  1 
ATOM   318  N N   . SER A 1 45  ? -9.546  -7.989  -13.736 1.00 35.86  ? 45  SER B N   1 
ATOM   319  C CA  . SER A 1 45  ? -8.999  -8.608  -12.538 1.00 35.58  ? 45  SER B CA  1 
ATOM   320  C C   . SER A 1 45  ? -7.830  -7.745  -12.081 1.00 34.23  ? 45  SER B C   1 
ATOM   321  O O   . SER A 1 45  ? -7.609  -7.557  -10.889 1.00 32.81  ? 45  SER B O   1 
ATOM   322  C CB  . SER A 1 45  ? -8.491  -10.016 -12.849 1.00 37.48  ? 45  SER B CB  1 
ATOM   323  O OG  . SER A 1 45  ? -9.486  -10.773 -13.511 1.00 42.37  ? 45  SER B OG  1 
ATOM   324  N N   . ALA A 1 46  ? -7.082  -7.217  -13.044 1.00 32.18  ? 46  ALA B N   1 
ATOM   325  C CA  . ALA A 1 46  ? -5.938  -6.374  -12.725 1.00 30.01  ? 46  ALA B CA  1 
ATOM   326  C C   . ALA A 1 46  ? -6.363  -5.228  -11.814 1.00 28.37  ? 46  ALA B C   1 
ATOM   327  O O   . ALA A 1 46  ? -5.714  -4.947  -10.815 1.00 29.23  ? 46  ALA B O   1 
ATOM   328  C CB  . ALA A 1 46  ? -5.323  -5.819  -14.002 1.00 32.28  ? 46  ALA B CB  1 
ATOM   329  N N   . ALA A 1 47  ? -7.447  -4.555  -12.176 1.00 27.15  ? 47  ALA B N   1 
ATOM   330  C CA  . ALA A 1 47  ? -7.935  -3.438  -11.374 1.00 27.68  ? 47  ALA B CA  1 
ATOM   331  C C   . ALA A 1 47  ? -8.201  -3.893  -9.935  1.00 27.86  ? 47  ALA B C   1 
ATOM   332  O O   . ALA A 1 47  ? -7.773  -3.242  -8.976  1.00 26.37  ? 47  ALA B O   1 
ATOM   333  C CB  . ALA A 1 47  ? -9.208  -2.871  -11.992 1.00 28.27  ? 47  ALA B CB  1 
ATOM   334  N N   . ARG A 1 48  ? -8.910  -5.012  -9.796  1.00 26.77  ? 48  ARG B N   1 
ATOM   335  C CA  . ARG A 1 48  ? -9.236  -5.575  -8.478  1.00 29.39  ? 48  ARG B CA  1 
ATOM   336  C C   . ARG A 1 48  ? -7.974  -5.844  -7.647  1.00 26.04  ? 48  ARG B C   1 
ATOM   337  O O   . ARG A 1 48  ? -7.813  -5.330  -6.538  1.00 25.09  ? 48  ARG B O   1 
ATOM   338  C CB  . ARG A 1 48  ? -10.007 -6.904  -8.632  1.00 32.21  ? 48  ARG B CB  1 
ATOM   339  C CG  . ARG A 1 48  ? -11.386 -6.819  -9.293  1.00 38.70  ? 48  ARG B CG  1 
ATOM   340  C CD  . ARG A 1 48  ? -12.021 -8.218  -9.362  1.00 42.03  ? 48  ARG B CD  1 
ATOM   341  N NE  . ARG A 1 48  ? -13.461 -8.200  -9.619  1.00 45.79  ? 48  ARG B NE  1 
ATOM   342  C CZ  . ARG A 1 48  ? -14.022 -7.965  -10.805 1.00 47.73  ? 48  ARG B CZ  1 
ATOM   343  N NH1 . ARG A 1 48  ? -13.268 -7.728  -11.872 1.00 47.25  ? 48  ARG B NH1 1 
ATOM   344  N NH2 . ARG A 1 48  ? -15.346 -7.958  -10.920 1.00 46.97  ? 48  ARG B NH2 1 
ATOM   345  N N   . HIS A 1 49  ? -7.079  -6.665  -8.188  1.00 25.21  ? 49  HIS B N   1 
ATOM   346  C CA  . HIS A 1 49  ? -5.848  -7.012  -7.489  1.00 24.92  ? 49  HIS B CA  1 
ATOM   347  C C   . HIS A 1 49  ? -4.997  -5.790  -7.169  1.00 25.21  ? 49  HIS B C   1 
ATOM   348  O O   . HIS A 1 49  ? -4.499  -5.634  -6.047  1.00 22.40  ? 49  HIS B O   1 
ATOM   349  C CB  . HIS A 1 49  ? -5.036  -8.002  -8.333  1.00 29.68  ? 49  HIS B CB  1 
ATOM   350  C CG  . HIS A 1 49  ? -5.716  -9.323  -8.537  1.00 35.54  ? 49  HIS B CG  1 
ATOM   351  N ND1 . HIS A 1 49  ? -7.073  -9.430  -8.751  1.00 37.81  ? 49  HIS B ND1 1 
ATOM   352  C CD2 . HIS A 1 49  ? -5.226  -10.585 -8.589  1.00 38.02  ? 49  HIS B CD2 1 
ATOM   353  C CE1 . HIS A 1 49  ? -7.389  -10.700 -8.925  1.00 39.35  ? 49  HIS B CE1 1 
ATOM   354  N NE2 . HIS A 1 49  ? -6.288  -11.423 -8.834  1.00 39.30  ? 49  HIS B NE2 1 
ATOM   355  N N   . LEU A 1 50  ? -4.815  -4.925  -8.167  1.00 23.98  ? 50  LEU B N   1 
ATOM   356  C CA  . LEU A 1 50  ? -4.015  -3.727  -7.974  1.00 24.22  ? 50  LEU B CA  1 
ATOM   357  C C   . LEU A 1 50  ? -4.669  -2.811  -6.946  1.00 22.33  ? 50  LEU B C   1 
ATOM   358  O O   . LEU A 1 50  ? -3.984  -2.248  -6.083  1.00 22.02  ? 50  LEU B O   1 
ATOM   359  C CB  . LEU A 1 50  ? -3.809  -3.003  -9.314  1.00 24.63  ? 50  LEU B CB  1 
ATOM   360  C CG  . LEU A 1 50  ? -2.683  -3.626  -10.160 1.00 30.82  ? 50  LEU B CG  1 
ATOM   361  C CD1 . LEU A 1 50  ? -2.648  -3.013  -11.550 1.00 32.26  ? 50  LEU B CD1 1 
ATOM   362  C CD2 . LEU A 1 50  ? -1.345  -3.404  -9.453  1.00 33.91  ? 50  LEU B CD2 1 
ATOM   363  N N   . ALA A 1 51  ? -5.989  -2.665  -7.026  1.00 22.03  ? 51  ALA B N   1 
ATOM   364  C CA  . ALA A 1 51  ? -6.701  -1.825  -6.052  1.00 23.64  ? 51  ALA B CA  1 
ATOM   365  C C   . ALA A 1 51  ? -6.387  -2.342  -4.642  1.00 22.56  ? 51  ALA B C   1 
ATOM   366  O O   . ALA A 1 51  ? -6.157  -1.568  -3.716  1.00 24.08  ? 51  ALA B O   1 
ATOM   367  C CB  . ALA A 1 51  ? -8.211  -1.876  -6.301  1.00 22.44  ? 51  ALA B CB  1 
ATOM   368  N N   . ALA A 1 52  ? -6.389  -3.664  -4.480  1.00 22.84  ? 52  ALA B N   1 
ATOM   369  C CA  . ALA A 1 52  ? -6.104  -4.263  -3.170  1.00 20.99  ? 52  ALA B CA  1 
ATOM   370  C C   . ALA A 1 52  ? -4.655  -4.022  -2.725  1.00 20.94  ? 52  ALA B C   1 
ATOM   371  O O   . ALA A 1 52  ? -4.371  -3.892  -1.523  1.00 17.99  ? 52  ALA B O   1 
ATOM   372  C CB  . ALA A 1 52  ? -6.407  -5.766  -3.204  1.00 22.23  ? 52  ALA B CB  1 
ATOM   373  N N   . ARG A 1 53  ? -3.729  -3.963  -3.679  1.00 19.28  ? 53  ARG B N   1 
ATOM   374  C CA  . ARG A 1 53  ? -2.340  -3.728  -3.295  1.00 19.62  ? 53  ARG B CA  1 
ATOM   375  C C   . ARG A 1 53  ? -2.201  -2.283  -2.829  1.00 18.93  ? 53  ARG B C   1 
ATOM   376  O O   . ARG A 1 53  ? -1.451  -1.993  -1.912  1.00 21.30  ? 53  ARG B O   1 
ATOM   377  C CB  . ARG A 1 53  ? -1.386  -3.990  -4.461  1.00 22.53  ? 53  ARG B CB  1 
ATOM   378  C CG  . ARG A 1 53  ? -0.967  -5.441  -4.605  1.00 25.77  ? 53  ARG B CG  1 
ATOM   379  C CD  . ARG A 1 53  ? -0.164  -5.663  -5.888  1.00 28.41  ? 53  ARG B CD  1 
ATOM   380  N NE  . ARG A 1 53  ? 1.033   -4.830  -5.951  1.00 31.54  ? 53  ARG B NE  1 
ATOM   381  C CZ  . ARG A 1 53  ? 1.731   -4.627  -7.064  1.00 32.34  ? 53  ARG B CZ  1 
ATOM   382  N NH1 . ARG A 1 53  ? 1.340   -5.203  -8.198  1.00 30.09  ? 53  ARG B NH1 1 
ATOM   383  N NH2 . ARG A 1 53  ? 2.809   -3.850  -7.044  1.00 31.54  ? 53  ARG B NH2 1 
ATOM   384  N N   . TRP A 1 54  ? -2.932  -1.377  -3.470  1.00 16.56  ? 54  TRP B N   1 
ATOM   385  C CA  . TRP A 1 54  ? -2.866  0.036   -3.089  1.00 20.99  ? 54  TRP B CA  1 
ATOM   386  C C   . TRP A 1 54  ? -3.400  0.224   -1.652  1.00 18.00  ? 54  TRP B C   1 
ATOM   387  O O   . TRP A 1 54  ? -2.824  0.956   -0.838  1.00 19.93  ? 54  TRP B O   1 
ATOM   388  C CB  . TRP A 1 54  ? -3.695  0.867   -4.067  1.00 21.24  ? 54  TRP B CB  1 
ATOM   389  C CG  . TRP A 1 54  ? -3.628  2.322   -3.800  1.00 27.61  ? 54  TRP B CG  1 
ATOM   390  C CD1 . TRP A 1 54  ? -4.668  3.150   -3.492  1.00 27.08  ? 54  TRP B CD1 1 
ATOM   391  C CD2 . TRP A 1 54  ? -2.447  3.132   -3.779  1.00 28.38  ? 54  TRP B CD2 1 
ATOM   392  N NE1 . TRP A 1 54  ? -4.206  4.423   -3.275  1.00 28.98  ? 54  TRP B NE1 1 
ATOM   393  C CE2 . TRP A 1 54  ? -2.847  4.441   -3.444  1.00 29.25  ? 54  TRP B CE2 1 
ATOM   394  C CE3 . TRP A 1 54  ? -1.087  2.877   -4.009  1.00 31.63  ? 54  TRP B CE3 1 
ATOM   395  C CZ2 . TRP A 1 54  ? -1.936  5.501   -3.332  1.00 32.66  ? 54  TRP B CZ2 1 
ATOM   396  C CZ3 . TRP A 1 54  ? -0.174  3.936   -3.896  1.00 32.30  ? 54  TRP B CZ3 1 
ATOM   397  C CH2 . TRP A 1 54  ? -0.609  5.229   -3.559  1.00 32.64  ? 54  TRP B CH2 1 
ATOM   398  N N   . ALA A 1 55  ? -4.503  -0.447  -1.349  1.00 16.84  ? 55  ALA B N   1 
ATOM   399  C CA  . ALA A 1 55  ? -5.108  -0.359  -0.028  1.00 14.18  ? 55  ALA B CA  1 
ATOM   400  C C   . ALA A 1 55  ? -4.074  -0.834  0.994   1.00 12.45  ? 55  ALA B C   1 
ATOM   401  O O   . ALA A 1 55  ? -3.880  -0.213  2.042   1.00 14.62  ? 55  ALA B O   1 
ATOM   402  C CB  . ALA A 1 55  ? -6.364  -1.262  0.035   1.00 16.15  ? 55  ALA B CB  1 
ATOM   403  N N   . ALA A 1 56  ? -3.410  -1.944  0.688   1.00 15.55  ? 56  ALA B N   1 
ATOM   404  C CA  . ALA A 1 56  ? -2.389  -2.477  1.603   1.00 14.55  ? 56  ALA B CA  1 
ATOM   405  C C   . ALA A 1 56  ? -1.360  -1.379  1.881   1.00 17.87  ? 56  ALA B C   1 
ATOM   406  O O   . ALA A 1 56  ? -1.089  -1.030  3.026   1.00 19.87  ? 56  ALA B O   1 
ATOM   407  C CB  . ALA A 1 56  ? -1.691  -3.700  0.972   1.00 17.85  ? 56  ALA B CB  1 
ATOM   408  N N   . LYS A 1 57  ? -0.794  -0.828  0.818   1.00 21.03  ? 57  LYS B N   1 
ATOM   409  C CA  . LYS A 1 57  ? 0.224   0.213   0.970   1.00 19.36  ? 57  LYS B CA  1 
ATOM   410  C C   . LYS A 1 57  ? -0.247  1.419   1.785   1.00 19.75  ? 57  LYS B C   1 
ATOM   411  O O   . LYS A 1 57  ? 0.479   1.913   2.646   1.00 19.71  ? 57  LYS B O   1 
ATOM   412  C CB  . LYS A 1 57  ? 0.727   0.649   -0.411  1.00 21.33  ? 57  LYS B CB  1 
ATOM   413  C CG  . LYS A 1 57  ? 1.827   1.691   -0.391  1.00 21.81  ? 57  LYS B CG  1 
ATOM   414  C CD  . LYS A 1 57  ? 2.358   1.956   -1.784  1.00 24.47  ? 57  LYS B CD  1 
ATOM   415  C CE  . LYS A 1 57  ? 3.431   3.046   -1.753  1.00 26.91  ? 57  LYS B CE  1 
ATOM   416  N NZ  . LYS A 1 57  ? 4.398   2.950   -2.890  1.00 25.69  ? 57  LYS B NZ  1 
ATOM   417  N N   . GLU A 1 58  ? -1.459  1.897   1.514   1.00 19.14  ? 58  GLU B N   1 
ATOM   418  C CA  . GLU A 1 58  ? -2.010  3.039   2.230   1.00 19.11  ? 58  GLU B CA  1 
ATOM   419  C C   . GLU A 1 58  ? -2.214  2.677   3.695   1.00 19.56  ? 58  GLU B C   1 
ATOM   420  O O   . GLU A 1 58  ? -2.045  3.514   4.595   1.00 21.12  ? 58  GLU B O   1 
ATOM   421  C CB  . GLU A 1 58  ? -3.347  3.447   1.605   1.00 21.81  ? 58  GLU B CB  1 
ATOM   422  C CG  . GLU A 1 58  ? -3.237  3.992   0.191   1.00 24.55  ? 58  GLU B CG  1 
ATOM   423  C CD  . GLU A 1 58  ? -2.443  5.286   0.126   1.00 29.98  ? 58  GLU B CD  1 
ATOM   424  O OE1 . GLU A 1 58  ? -1.196  5.227   0.077   1.00 31.43  ? 58  GLU B OE1 1 
ATOM   425  O OE2 . GLU A 1 58  ? -3.074  6.363   0.144   1.00 31.60  ? 58  GLU B OE2 1 
ATOM   426  N N   . ALA A 1 59  ? -2.582  1.421   3.934   1.00 18.84  ? 59  ALA B N   1 
ATOM   427  C CA  . ALA A 1 59  ? -2.796  0.961   5.300   1.00 19.68  ? 59  ALA B CA  1 
ATOM   428  C C   . ALA A 1 59  ? -1.485  1.001   6.084   1.00 21.43  ? 59  ALA B C   1 
ATOM   429  O O   . ALA A 1 59  ? -1.450  1.422   7.240   1.00 22.09  ? 59  ALA B O   1 
ATOM   430  C CB  . ALA A 1 59  ? -3.363  -0.449  5.290   1.00 18.71  ? 59  ALA B CB  1 
ATOM   431  N N   . VAL A 1 60  ? -0.396  0.563   5.463   1.00 20.75  ? 60  VAL B N   1 
ATOM   432  C CA  . VAL A 1 60  ? 0.876   0.590   6.164   1.00 20.16  ? 60  VAL B CA  1 
ATOM   433  C C   . VAL A 1 60  ? 1.312   2.024   6.400   1.00 23.03  ? 60  VAL B C   1 
ATOM   434  O O   . VAL A 1 60  ? 1.829   2.363   7.473   1.00 22.63  ? 60  VAL B O   1 
ATOM   435  C CB  . VAL A 1 60  ? 1.963   -0.123  5.383   1.00 18.91  ? 60  VAL B CB  1 
ATOM   436  C CG1 . VAL A 1 60  ? 3.318   0.096   6.066   1.00 17.67  ? 60  VAL B CG1 1 
ATOM   437  C CG2 . VAL A 1 60  ? 1.633   -1.613  5.309   1.00 16.12  ? 60  VAL B CG2 1 
ATOM   438  N N   . ILE A 1 61  ? 1.129   2.850   5.353   1.00 20.00  ? 61  ILE B N   1 
ATOM   439  C CA  . ILE A 1 61  ? 1.458   4.267   5.457   1.00 20.00  ? 61  ILE B CA  1 
ATOM   440  C C   . ILE A 1 61  ? 0.701   4.927   6.605   1.00 20.00  ? 61  ILE B C   1 
ATOM   441  O O   . ILE A 1 61  ? 1.236   5.667   7.404   1.00 26.81  ? 61  ILE B O   1 
ATOM   442  C CB  . ILE A 1 61  ? 1.146   4.991   4.134   1.00 20.00  ? 61  ILE B CB  1 
ATOM   443  C CG1 . ILE A 1 61  ? 2.031   4.450   3.008   1.00 20.00  ? 61  ILE B CG1 1 
ATOM   444  C CG2 . ILE A 1 61  ? 1.334   6.492   4.291   1.00 20.00  ? 61  ILE B CG2 1 
ATOM   445  C CD1 . ILE A 1 61  ? 1.632   4.934   1.632   1.00 20.00  ? 61  ILE B CD1 1 
ATOM   446  N N   . LYS A 1 62  ? -0.605  4.538   6.720   1.00 28.05  ? 62  LYS B N   1 
ATOM   447  C CA  . LYS A 1 62  ? -1.462  5.044   7.791   1.00 29.26  ? 62  LYS B CA  1 
ATOM   448  C C   . LYS A 1 62  ? -0.932  4.618   9.154   1.00 32.30  ? 62  LYS B C   1 
ATOM   449  O O   . LYS A 1 62  ? -0.913  5.414   10.102  1.00 31.99  ? 62  LYS B O   1 
ATOM   450  C CB  . LYS A 1 62  ? -2.901  4.545   7.629   1.00 30.17  ? 62  LYS B CB  1 
ATOM   451  C CG  . LYS A 1 62  ? -3.734  5.334   6.635   1.00 31.61  ? 62  LYS B CG  1 
ATOM   452  C CD  . LYS A 1 62  ? -5.201  4.899   6.724   1.00 31.41  ? 62  LYS B CD  1 
ATOM   453  C CE  . LYS A 1 62  ? -6.103  5.737   5.841   1.00 30.12  ? 62  LYS B CE  1 
ATOM   454  N NZ  . LYS A 1 62  ? -7.473  5.175   5.845   1.00 28.77  ? 62  LYS B NZ  1 
ATOM   455  N N   . ALA A 1 63  ? -0.500  3.362   9.253   1.00 31.11  ? 63  ALA B N   1 
ATOM   456  C CA  . ALA A 1 63  ? 0.051   2.849   10.500  1.00 31.33  ? 63  ALA B CA  1 
ATOM   457  C C   . ALA A 1 63  ? 1.339   3.626   10.822  1.00 33.42  ? 63  ALA B C   1 
ATOM   458  O O   . ALA A 1 63  ? 1.558   4.019   11.962  1.00 32.77  ? 63  ALA B O   1 
ATOM   459  C CB  . ALA A 1 63  ? 0.325   1.347   10.377  1.00 29.32  ? 63  ALA B CB  1 
ATOM   460  N N   . TRP A 1 64  ? 2.175   3.861   9.808   1.00 35.92  ? 64  TRP B N   1 
ATOM   461  C CA  . TRP A 1 64  ? 3.418   4.621   9.975   1.00 40.04  ? 64  TRP B CA  1 
ATOM   462  C C   . TRP A 1 64  ? 3.151   6.023   10.529  1.00 39.66  ? 64  TRP B C   1 
ATOM   463  O O   . TRP A 1 64  ? 3.748   6.432   11.530  1.00 38.24  ? 64  TRP B O   1 
ATOM   464  C CB  . TRP A 1 64  ? 4.142   4.787   8.635   1.00 42.94  ? 64  TRP B CB  1 
ATOM   465  C CG  . TRP A 1 64  ? 5.434   5.564   8.737   1.00 47.04  ? 64  TRP B CG  1 
ATOM   466  C CD1 . TRP A 1 64  ? 6.641   5.094   9.186   1.00 48.99  ? 64  TRP B CD1 1 
ATOM   467  C CD2 . TRP A 1 64  ? 5.643   6.946   8.411   1.00 48.81  ? 64  TRP B CD2 1 
ATOM   468  N NE1 . TRP A 1 64  ? 7.583   6.095   9.155   1.00 50.68  ? 64  TRP B NE1 1 
ATOM   469  C CE2 . TRP A 1 64  ? 6.999   7.243   8.685   1.00 50.51  ? 64  TRP B CE2 1 
ATOM   470  C CE3 . TRP A 1 64  ? 4.817   7.961   7.914   1.00 51.20  ? 64  TRP B CE3 1 
ATOM   471  C CZ2 . TRP A 1 64  ? 7.549   8.514   8.480   1.00 52.18  ? 64  TRP B CZ2 1 
ATOM   472  C CZ3 . TRP A 1 64  ? 5.365   9.234   7.708   1.00 52.85  ? 64  TRP B CZ3 1 
ATOM   473  C CH2 . TRP A 1 64  ? 6.721   9.496   7.991   1.00 52.84  ? 64  TRP B CH2 1 
ATOM   474  N N   . SER A 1 65  ? 2.265   6.756   9.858   1.00 40.18  ? 65  SER B N   1 
ATOM   475  C CA  . SER A 1 65  ? 1.919   8.124   10.258  1.00 42.62  ? 65  SER B CA  1 
ATOM   476  C C   . SER A 1 65  ? 1.289   8.166   11.643  1.00 43.81  ? 65  SER B C   1 
ATOM   477  O O   . SER A 1 65  ? 1.270   9.212   12.300  1.00 43.55  ? 65  SER B O   1 
ATOM   478  C CB  . SER A 1 65  ? 0.962   8.752   9.241   1.00 42.16  ? 65  SER B CB  1 
ATOM   479  O OG  . SER A 1 65  ? -0.269  8.052   9.196   1.00 45.33  ? 65  SER B OG  1 
ATOM   480  N N   . GLY A 1 66  ? 0.772   7.023   12.080  1.00 45.14  ? 66  GLY B N   1 
ATOM   481  C CA  . GLY A 1 66  ? 0.154   6.941   13.387  1.00 45.82  ? 66  GLY B CA  1 
ATOM   482  C C   . GLY A 1 66  ? 1.092   6.356   14.421  1.00 47.67  ? 66  GLY B C   1 
ATOM   483  O O   . GLY A 1 66  ? 0.653   5.913   15.486  1.00 47.73  ? 66  GLY B O   1 
ATOM   484  N N   . SER A 1 67  ? 2.385   6.345   14.114  1.00 48.03  ? 67  SER B N   1 
ATOM   485  C CA  . SER A 1 67  ? 3.379   5.805   15.038  1.00 50.04  ? 67  SER B CA  1 
ATOM   486  C C   . SER A 1 67  ? 4.393   6.875   15.431  1.00 52.95  ? 67  SER B C   1 
ATOM   487  O O   . SER A 1 67  ? 4.266   8.037   15.050  1.00 52.10  ? 67  SER B O   1 
ATOM   488  C CB  . SER A 1 67  ? 4.121   4.637   14.400  1.00 47.26  ? 67  SER B CB  1 
ATOM   489  O OG  . SER A 1 67  ? 5.015   5.112   13.414  1.00 42.31  ? 67  SER B OG  1 
ATOM   490  N N   . ARG A 1 68  ? 5.359   6.472   16.242  1.00 57.29  ? 68  ARG B N   1 
ATOM   491  C CA  . ARG A 1 68  ? 6.477   7.307   16.662  1.00 62.19  ? 68  ARG B CA  1 
ATOM   492  C C   . ARG A 1 68  ? 7.438   7.708   15.555  1.00 64.68  ? 68  ARG B C   1 
ATOM   493  O O   . ARG A 1 68  ? 8.335   8.497   15.779  1.00 64.30  ? 68  ARG B O   1 
ATOM   494  C CB  . ARG A 1 68  ? 7.249   6.666   17.831  1.00 63.16  ? 68  ARG B CB  1 
ATOM   495  C CG  . ARG A 1 68  ? 7.320   5.142   17.833  1.00 65.37  ? 68  ARG B CG  1 
ATOM   496  C CD  . ARG A 1 68  ? 8.637   4.655   18.395  1.00 67.27  ? 68  ARG B CD  1 
ATOM   497  N NE  . ARG A 1 68  ? 9.133   3.447   17.738  1.00 68.99  ? 68  ARG B NE  1 
ATOM   498  C CZ  . ARG A 1 68  ? 10.365  3.289   17.256  1.00 70.02  ? 68  ARG B CZ  1 
ATOM   499  N NH1 . ARG A 1 68  ? 10.705  2.158   16.688  1.00 70.81  ? 68  ARG B NH1 1 
ATOM   500  N NH2 . ARG A 1 68  ? 11.263  4.249   17.331  1.00 70.43  ? 68  ARG B NH2 1 
ATOM   501  N N   . PHE A 1 69  ? 7.240   7.173   14.361  1.00 67.98  ? 69  PHE B N   1 
ATOM   502  C CA  . PHE A 1 69  ? 8.089   7.491   13.218  1.00 72.14  ? 69  PHE B CA  1 
ATOM   503  C C   . PHE A 1 69  ? 7.488   8.610   12.374  1.00 75.45  ? 69  PHE B C   1 
ATOM   504  O O   . PHE A 1 69  ? 8.138   9.134   11.471  1.00 75.69  ? 69  PHE B O   1 
ATOM   505  C CB  . PHE A 1 69  ? 8.294   6.255   12.336  1.00 71.06  ? 69  PHE B CB  1 
ATOM   506  C CG  . PHE A 1 69  ? 8.820   5.061   13.071  1.00 70.29  ? 69  PHE B CG  1 
ATOM   507  C CD1 . PHE A 1 69  ? 7.970   4.261   13.827  1.00 69.92  ? 69  PHE B CD1 1 
ATOM   508  C CD2 . PHE A 1 69  ? 10.170  4.736   13.016  1.00 70.22  ? 69  PHE B CD2 1 
ATOM   509  C CE1 . PHE A 1 69  ? 8.456   3.153   14.515  1.00 70.33  ? 69  PHE B CE1 1 
ATOM   510  C CE2 . PHE A 1 69  ? 10.667  3.630   13.701  1.00 70.12  ? 69  PHE B CE2 1 
ATOM   511  C CZ  . PHE A 1 69  ? 9.810   2.837   14.453  1.00 70.07  ? 69  PHE B CZ  1 
ATOM   512  N N   . ALA A 1 70  ? 6.220   8.876   12.565  1.00 79.81  ? 70  ALA B N   1 
ATOM   513  C CA  . ALA A 1 70  ? 5.747   10.127  12.085  1.00 84.42  ? 70  ALA B CA  1 
ATOM   514  C C   . ALA A 1 70  ? 6.976   10.943  12.377  1.00 87.77  ? 70  ALA B C   1 
ATOM   515  O O   . ALA A 1 70  ? 7.960   10.892  11.654  1.00 87.95  ? 70  ALA B O   1 
ATOM   516  C CB  . ALA A 1 70  ? 4.602   10.592  12.910  1.00 84.34  ? 70  ALA B CB  1 
ATOM   517  N N   . GLN A 1 71  ? 6.934   11.637  13.496  1.00 91.95  ? 71  GLN B N   1 
ATOM   518  C CA  . GLN A 1 71  ? 7.315   13.031  13.550  1.00 96.00  ? 71  GLN B CA  1 
ATOM   519  C C   . GLN A 1 71  ? 8.821   13.074  13.527  1.00 99.16  ? 71  GLN B C   1 
ATOM   520  O O   . GLN A 1 71  ? 9.435   14.053  13.886  1.00 99.55  ? 71  GLN B O   1 
ATOM   521  C CB  . GLN A 1 71  ? 6.806   13.612  14.845  1.00 95.78  ? 71  GLN B CB  1 
ATOM   522  C CG  . GLN A 1 71  ? 6.145   12.566  15.671  1.00 95.94  ? 71  GLN B CG  1 
ATOM   523  C CD  . GLN A 1 71  ? 4.876   13.048  16.232  1.00 96.29  ? 71  GLN B CD  1 
ATOM   524  O OE1 . GLN A 1 71  ? 4.209   12.331  16.948  1.00 96.50  ? 71  GLN B OE1 1 
ATOM   525  N NE2 . GLN A 1 71  ? 4.523   14.284  15.921  1.00 96.54  ? 71  GLN B NE2 1 
ATOM   526  N N   . ARG A 1 72  ? 9.415   12.013  13.034  1.00 103.04 ? 72  ARG B N   1 
ATOM   527  C CA  . ARG A 1 72  ? 10.414  12.245  12.064  1.00 106.72 ? 72  ARG B CA  1 
ATOM   528  C C   . ARG A 1 72  ? 11.369  11.097  11.904  1.00 108.65 ? 72  ARG B C   1 
ATOM   529  O O   . ARG A 1 72  ? 11.088  9.944   12.242  1.00 108.68 ? 72  ARG B O   1 
ATOM   530  C CB  . ARG A 1 72  ? 11.185  13.459  12.519  1.00 108.11 ? 72  ARG B CB  1 
ATOM   531  C CG  . ARG A 1 72  ? 11.621  13.363  13.975  1.00 109.84 ? 72  ARG B CG  1 
ATOM   532  C CD  . ARG A 1 72  ? 13.138  13.327  14.120  1.00 110.89 ? 72  ARG B CD  1 
ATOM   533  N NE  . ARG A 1 72  ? 13.751  14.336  13.277  1.00 111.94 ? 72  ARG B NE  1 
ATOM   534  C CZ  . ARG A 1 72  ? 14.235  15.474  13.729  1.00 112.67 ? 72  ARG B CZ  1 
ATOM   535  N NH1 . ARG A 1 72  ? 14.761  16.348  12.897  1.00 113.05 ? 72  ARG B NH1 1 
ATOM   536  N NH2 . ARG A 1 72  ? 14.188  15.728  15.019  1.00 113.11 ? 72  ARG B NH2 1 
ATOM   537  N N   . PRO A 1 73  ? 12.519  11.465  11.370  1.00 110.46 ? 73  PRO B N   1 
ATOM   538  C CA  . PRO A 1 73  ? 12.544  12.604  10.480  1.00 111.64 ? 73  PRO B CA  1 
ATOM   539  C C   . PRO A 1 73  ? 11.409  12.651  9.461   1.00 112.49 ? 73  PRO B C   1 
ATOM   540  O O   . PRO A 1 73  ? 10.288  12.274  9.769   1.00 112.62 ? 73  PRO B O   1 
ATOM   541  C CB  . PRO A 1 73  ? 13.895  12.441  9.831   1.00 111.89 ? 73  PRO B CB  1 
ATOM   542  C CG  . PRO A 1 73  ? 14.741  11.972  10.986  1.00 111.78 ? 73  PRO B CG  1 
ATOM   543  C CD  . PRO A 1 73  ? 13.843  11.286  11.969  1.00 111.21 ? 73  PRO B CD  1 
ATOM   544  N N   . VAL A 1 74  ? 11.725  13.123  8.255   1.00 113.22 ? 74  VAL B N   1 
ATOM   545  C CA  . VAL A 1 74  ? 10.884  14.028  7.477   1.00 113.82 ? 74  VAL B CA  1 
ATOM   546  C C   . VAL A 1 74  ? 10.428  13.504  6.106   1.00 113.87 ? 74  VAL B C   1 
ATOM   547  O O   . VAL A 1 74  ? 10.075  12.345  5.948   1.00 113.92 ? 74  VAL B O   1 
ATOM   548  C CB  . VAL A 1 74  ? 11.555  15.401  7.304   1.00 114.13 ? 74  VAL B CB  1 
ATOM   549  C CG1 . VAL A 1 74  ? 10.794  16.469  8.069   1.00 114.62 ? 74  VAL B CG1 1 
ATOM   550  C CG2 . VAL A 1 74  ? 13.000  15.345  7.750   1.00 114.38 ? 74  VAL B CG2 1 
ATOM   551  N N   . LEU A 1 75  ? 10.416  14.407  5.128   1.00 113.90 ? 75  LEU B N   1 
ATOM   552  C CA  . LEU A 1 75  ? 10.256  14.060  3.719   1.00 113.55 ? 75  LEU B CA  1 
ATOM   553  C C   . LEU A 1 75  ? 9.136   13.044  3.505   1.00 112.85 ? 75  LEU B C   1 
ATOM   554  O O   . LEU A 1 75  ? 9.388   11.875  3.211   1.00 112.78 ? 75  LEU B O   1 
ATOM   555  C CB  . LEU A 1 75  ? 11.575  13.520  3.157   1.00 114.15 ? 75  LEU B CB  1 
ATOM   556  C CG  . LEU A 1 75  ? 12.752  14.503  3.142   1.00 114.58 ? 75  LEU B CG  1 
ATOM   557  C CD1 . LEU A 1 75  ? 14.017  13.777  2.731   1.00 114.97 ? 75  LEU B CD1 1 
ATOM   558  C CD2 . LEU A 1 75  ? 12.458  15.652  2.190   1.00 114.81 ? 75  LEU B CD2 1 
ATOM   559  N N   . PRO A 1 76  ? 7.875   13.485  3.651   1.00 112.01 ? 76  PRO B N   1 
ATOM   560  C CA  . PRO A 1 76  ? 6.716   12.609  3.473   1.00 111.06 ? 76  PRO B CA  1 
ATOM   561  C C   . PRO A 1 76  ? 6.491   12.205  2.018   1.00 109.87 ? 76  PRO B C   1 
ATOM   562  O O   . PRO A 1 76  ? 5.439   11.669  1.672   1.00 110.14 ? 76  PRO B O   1 
ATOM   563  C CB  . PRO A 1 76  ? 5.569   13.449  4.028   1.00 111.48 ? 76  PRO B CB  1 
ATOM   564  C CG  . PRO A 1 76  ? 5.984   14.836  3.671   1.00 111.81 ? 76  PRO B CG  1 
ATOM   565  C CD  . PRO A 1 76  ? 7.451   14.839  4.046   1.00 112.00 ? 76  PRO B CD  1 
ATOM   566  N N   . GLU A 1 77  ? 7.481   12.465  1.169   1.00 108.18 ? 77  GLU B N   1 
ATOM   567  C CA  . GLU A 1 77  ? 7.382   12.109  -0.241  1.00 106.16 ? 77  GLU B CA  1 
ATOM   568  C C   . GLU A 1 77  ? 8.146   10.813  -0.490  1.00 103.99 ? 77  GLU B C   1 
ATOM   569  O O   . GLU A 1 77  ? 7.822   10.050  -1.401  1.00 103.93 ? 77  GLU B O   1 
ATOM   570  C CB  . GLU A 1 77  ? 7.963   13.215  -1.125  1.00 107.16 ? 77  GLU B CB  1 
ATOM   571  C CG  . GLU A 1 77  ? 9.457   13.425  -0.951  1.00 108.24 ? 77  GLU B CG  1 
ATOM   572  C CD  . GLU A 1 77  ? 10.082  14.163  -2.119  1.00 108.79 ? 77  GLU B CD  1 
ATOM   573  O OE1 . GLU A 1 77  ? 9.961   13.675  -3.262  1.00 108.87 ? 77  GLU B OE1 1 
ATOM   574  O OE2 . GLU A 1 77  ? 10.698  15.224  -1.895  1.00 109.28 ? 77  GLU B OE2 1 
ATOM   575  N N   . ASP A 1 78  ? 9.167   10.574  0.325   1.00 101.13 ? 78  ASP B N   1 
ATOM   576  C CA  . ASP A 1 78  ? 9.971   9.369   0.199   1.00 98.20  ? 78  ASP B CA  1 
ATOM   577  C C   . ASP A 1 78  ? 9.288   8.211   0.909   1.00 95.87  ? 78  ASP B C   1 
ATOM   578  O O   . ASP A 1 78  ? 9.426   7.057   0.503   1.00 95.55  ? 78  ASP B O   1 
ATOM   579  C CB  . ASP A 1 78  ? 11.358  9.594   0.798   1.00 98.87  ? 78  ASP B CB  1 
ATOM   580  C CG  . ASP A 1 78  ? 12.135  10.673  0.077   1.00 99.14  ? 78  ASP B CG  1 
ATOM   581  O OD1 . ASP A 1 78  ? 13.286  10.947  0.476   1.00 99.36  ? 78  ASP B OD1 1 
ATOM   582  O OD2 . ASP A 1 78  ? 11.596  11.249  -0.892  1.00 99.29  ? 78  ASP B OD2 1 
ATOM   583  N N   . ILE A 1 79  ? 8.522   8.428   1.976   1.00 20.00  ? 79  ILE B N   1 
ATOM   584  C CA  . ILE A 1 79  ? 7.876   7.265   2.597   1.00 20.00  ? 79  ILE B CA  1 
ATOM   585  C C   . ILE A 1 79  ? 6.896   6.678   1.642   1.00 20.00  ? 79  ILE B C   1 
ATOM   586  O O   . ILE A 1 79  ? 6.738   5.483   1.515   1.00 86.43  ? 79  ILE B O   1 
ATOM   587  C CB  . ILE A 1 79  ? 7.108   7.584   3.873   1.00 20.00  ? 79  ILE B CB  1 
ATOM   588  C CG1 . ILE A 1 79  ? 7.854   7.026   5.071   1.00 20.00  ? 79  ILE B CG1 1 
ATOM   589  C CG2 . ILE A 1 79  ? 5.688   7.007   3.812   1.00 20.00  ? 79  ILE B CG2 1 
ATOM   590  C CD1 . ILE A 1 79  ? 8.875   6.038   4.725   1.00 20.00  ? 79  ILE B CD1 1 
ATOM   591  N N   . HIS A 1 80  ? 6.150   7.502   0.943   1.00 83.01  ? 80  HIS B N   1 
ATOM   592  C CA  . HIS A 1 80  ? 5.217   6.979   -0.042  1.00 78.91  ? 80  HIS B CA  1 
ATOM   593  C C   . HIS A 1 80  ? 5.960   6.181   -1.110  1.00 75.45  ? 80  HIS B C   1 
ATOM   594  O O   . HIS A 1 80  ? 5.383   5.452   -1.895  1.00 75.85  ? 80  HIS B O   1 
ATOM   595  C CB  . HIS A 1 80  ? 4.443   8.128   -0.689  1.00 79.76  ? 80  HIS B CB  1 
ATOM   596  C CG  . HIS A 1 80  ? 3.106   8.401   -0.065  1.00 80.19  ? 80  HIS B CG  1 
ATOM   597  N ND1 . HIS A 1 80  ? 2.949   9.215   1.030   1.00 80.52  ? 80  HIS B ND1 1 
ATOM   598  C CD2 . HIS A 1 80  ? 1.864   7.981   -0.400  1.00 80.70  ? 80  HIS B CD2 1 
ATOM   599  C CE1 . HIS A 1 80  ? 1.669   9.284   1.346   1.00 81.07  ? 80  HIS B CE1 1 
ATOM   600  N NE2 . HIS A 1 80  ? 0.990   8.541   0.495   1.00 81.08  ? 80  HIS B NE2 1 
ATOM   601  N N   . ARG A 1 81  ? 7.263   6.333   -1.143  1.00 70.80  ? 81  ARG B N   1 
ATOM   602  C CA  . ARG A 1 81  ? 8.036   5.737   -2.219  1.00 66.07  ? 81  ARG B CA  1 
ATOM   603  C C   . ARG A 1 81  ? 8.913   4.613   -1.692  1.00 61.93  ? 81  ARG B C   1 
ATOM   604  O O   . ARG A 1 81  ? 9.315   3.723   -2.436  1.00 61.89  ? 81  ARG B O   1 
ATOM   605  C CB  . ARG A 1 81  ? 8.889   6.814   -2.890  1.00 68.03  ? 81  ARG B CB  1 
ATOM   606  C CG  . ARG A 1 81  ? 9.817   6.302   -3.971  1.00 69.45  ? 81  ARG B CG  1 
ATOM   607  C CD  . ARG A 1 81  ? 11.206  6.069   -3.419  1.00 71.45  ? 81  ARG B CD  1 
ATOM   608  N NE  . ARG A 1 81  ? 11.808  7.313   -2.944  1.00 73.11  ? 81  ARG B NE  1 
ATOM   609  C CZ  . ARG A 1 81  ? 12.988  7.391   -2.342  1.00 73.25  ? 81  ARG B CZ  1 
ATOM   610  N NH1 . ARG A 1 81  ? 13.456  8.563   -1.944  1.00 73.73  ? 81  ARG B NH1 1 
ATOM   611  N NH2 . ARG A 1 81  ? 13.704  6.292   -2.136  1.00 73.21  ? 81  ARG B NH2 1 
ATOM   612  N N   . ASP A 1 82  ? 9.192   4.659   -0.397  1.00 56.35  ? 82  ASP B N   1 
ATOM   613  C CA  . ASP A 1 82  ? 10.020  3.657   0.250   1.00 51.36  ? 82  ASP B CA  1 
ATOM   614  C C   . ASP A 1 82  ? 9.195   2.435   0.626   1.00 48.41  ? 82  ASP B C   1 
ATOM   615  O O   . ASP A 1 82  ? 9.737   1.419   1.051   1.00 47.61  ? 82  ASP B O   1 
ATOM   616  C CB  . ASP A 1 82  ? 10.657  4.237   1.511   1.00 50.65  ? 82  ASP B CB  1 
ATOM   617  C CG  . ASP A 1 82  ? 11.625  5.354   1.215   1.00 50.33  ? 82  ASP B CG  1 
ATOM   618  O OD1 . ASP A 1 82  ? 12.102  5.980   2.183   1.00 48.90  ? 82  ASP B OD1 1 
ATOM   619  O OD2 . ASP A 1 82  ? 11.909  5.601   0.021   1.00 49.92  ? 82  ASP B OD2 1 
ATOM   620  N N   . ILE A 1 83  ? 7.886   2.548   0.485   1.00 20.00  ? 83  ILE B N   1 
ATOM   621  C CA  . ILE A 1 83  ? 6.993   1.445   0.818   1.00 20.00  ? 83  ILE B CA  1 
ATOM   622  C C   . ILE A 1 83  ? 6.404   0.811   -0.438  1.00 20.00  ? 83  ILE B C   1 
ATOM   623  O O   . ILE A 1 83  ? 6.083   1.512   -1.410  1.00 41.04  ? 83  ILE B O   1 
ATOM   624  C CB  . ILE A 1 83  ? 5.861   1.928   1.745   1.00 20.00  ? 83  ILE B CB  1 
ATOM   625  C CG1 . ILE A 1 83  ? 6.433   2.405   3.082   1.00 20.00  ? 83  ILE B CG1 1 
ATOM   626  C CG2 . ILE A 1 83  ? 4.841   0.821   1.962   1.00 20.00  ? 83  ILE B CG2 1 
ATOM   627  C CD1 . ILE A 1 83  ? 5.426   3.113   3.959   1.00 20.00  ? 83  ILE B CD1 1 
ATOM   628  N N   . GLU A 1 84  ? 6.286   -0.505  -0.418  1.00 40.24  ? 84  GLU B N   1 
ATOM   629  C CA  . GLU A 1 84  ? 5.736   -1.253  -1.538  1.00 38.91  ? 84  GLU B CA  1 
ATOM   630  C C   . GLU A 1 84  ? 5.107   -2.532  -1.018  1.00 35.55  ? 84  GLU B C   1 
ATOM   631  O O   . GLU A 1 84  ? 5.575   -3.094  -0.031  1.00 35.59  ? 84  GLU B O   1 
ATOM   632  C CB  . GLU A 1 84  ? 6.848   -1.602  -2.521  1.00 40.86  ? 84  GLU B CB  1 
ATOM   633  C CG  . GLU A 1 84  ? 6.396   -2.430  -3.704  1.00 44.39  ? 84  GLU B CG  1 
ATOM   634  C CD  . GLU A 1 84  ? 7.546   -2.766  -4.619  1.00 45.43  ? 84  GLU B CD  1 
ATOM   635  O OE1 . GLU A 1 84  ? 8.190   -1.820  -5.119  1.00 47.44  ? 84  GLU B OE1 1 
ATOM   636  O OE2 . GLU A 1 84  ? 7.810   -3.968  -4.833  1.00 47.38  ? 84  GLU B OE2 1 
ATOM   637  N N   . VAL A 1 85  ? 4.047   -2.988  -1.673  1.00 32.44  ? 85  VAL B N   1 
ATOM   638  C CA  . VAL A 1 85  ? 3.387   -4.224  -1.266  1.00 32.00  ? 85  VAL B CA  1 
ATOM   639  C C   . VAL A 1 85  ? 3.084   -5.075  -2.481  1.00 32.32  ? 85  VAL B C   1 
ATOM   640  O O   . VAL A 1 85  ? 2.421   -4.624  -3.417  1.00 31.66  ? 85  VAL B O   1 
ATOM   641  C CB  . VAL A 1 85  ? 2.055   -3.954  -0.503  1.00 30.28  ? 85  VAL B CB  1 
ATOM   642  C CG1 . VAL A 1 85  ? 1.382   -5.285  -0.131  1.00 29.86  ? 85  VAL B CG1 1 
ATOM   643  C CG2 . VAL A 1 85  ? 2.327   -3.157  0.756   1.00 31.00  ? 85  VAL B CG2 1 
ATOM   644  N N   . VAL A 1 86  ? 3.572   -6.310  -2.465  1.00 32.65  ? 86  VAL B N   1 
ATOM   645  C CA  . VAL A 1 86  ? 3.344   -7.226  -3.573  1.00 36.80  ? 86  VAL B CA  1 
ATOM   646  C C   . VAL A 1 86  ? 2.622   -8.467  -3.063  1.00 40.50  ? 86  VAL B C   1 
ATOM   647  O O   . VAL A 1 86  ? 2.497   -8.667  -1.855  1.00 39.31  ? 86  VAL B O   1 
ATOM   648  C CB  . VAL A 1 86  ? 4.681   -7.638  -4.233  1.00 37.68  ? 86  VAL B CB  1 
ATOM   649  C CG1 . VAL A 1 86  ? 5.487   -8.519  -3.290  1.00 36.49  ? 86  VAL B CG1 1 
ATOM   650  C CG2 . VAL A 1 86  ? 4.414   -8.348  -5.545  1.00 40.35  ? 86  VAL B CG2 1 
ATOM   651  N N   . THR A 1 87  ? 2.141   -9.291  -3.989  1.00 44.45  ? 87  THR B N   1 
ATOM   652  C CA  . THR A 1 87  ? 1.426   -10.520 -3.655  1.00 50.00  ? 87  THR B CA  1 
ATOM   653  C C   . THR A 1 87  ? 2.191   -11.721 -4.206  1.00 54.37  ? 87  THR B C   1 
ATOM   654  O O   . THR A 1 87  ? 2.656   -11.693 -5.343  1.00 54.67  ? 87  THR B O   1 
ATOM   655  C CB  . THR A 1 87  ? 0.007   -10.529 -4.277  1.00 50.82  ? 87  THR B CB  1 
ATOM   656  O OG1 . THR A 1 87  ? -0.767  -9.446  -3.740  1.00 52.20  ? 87  THR B OG1 1 
ATOM   657  C CG2 . THR A 1 87  ? -0.693  -11.843 -3.978  1.00 51.68  ? 87  THR B CG2 1 
ATOM   658  N N   . ASP A 1 88  ? 2.320   -12.775 -3.404  1.00 59.05  ? 88  ASP B N   1 
ATOM   659  C CA  . ASP A 1 88  ? 3.029   -13.978 -3.834  1.00 63.38  ? 88  ASP B CA  1 
ATOM   660  C C   . ASP A 1 88  ? 2.083   -15.112 -4.202  1.00 65.37  ? 88  ASP B C   1 
ATOM   661  O O   . ASP A 1 88  ? 1.449   -15.713 -3.334  1.00 65.89  ? 88  ASP B O   1 
ATOM   662  C CB  . ASP A 1 88  ? 3.990   -14.454 -2.747  1.00 65.09  ? 88  ASP B CB  1 
ATOM   663  C CG  . ASP A 1 88  ? 5.135   -13.493 -2.524  1.00 67.01  ? 88  ASP B CG  1 
ATOM   664  O OD1 . ASP A 1 88  ? 6.055   -13.827 -1.748  1.00 68.34  ? 88  ASP B OD1 1 
ATOM   665  O OD2 . ASP A 1 88  ? 5.113   -12.399 -3.127  1.00 68.26  ? 88  ASP B OD2 1 
ATOM   666  N N   . MET A 1 89  ? 2.083   -15.469 -5.487  1.00 68.02  ? 89  MET B N   1 
ATOM   667  C CA  . MET A 1 89  ? 1.281   -16.573 -6.048  1.00 69.50  ? 89  MET B CA  1 
ATOM   668  C C   . MET A 1 89  ? -0.073  -16.998 -5.496  1.00 70.05  ? 89  MET B C   1 
ATOM   669  O O   . MET A 1 89  ? -1.099  -16.785 -6.127  1.00 70.67  ? 89  MET B O   1 
ATOM   670  C CB  . MET A 1 89  ? 2.047   -17.642 -6.858  1.00 71.43  ? 89  MET B CB  1 
ATOM   671  C CG  . MET A 1 89  ? 3.182   -18.429 -6.165  1.00 73.69  ? 89  MET B CG  1 
ATOM   672  S SD  . MET A 1 89  ? 3.911   -19.790 -7.169  1.00 77.38  ? 89  MET B SD  1 
ATOM   673  C CE  . MET A 1 89  ? 5.628   -19.693 -6.776  1.00 75.83  ? 89  MET B CE  1 
ATOM   674  N N   . TRP A 1 90  ? -0.052  -17.563 -4.297  1.00 69.98  ? 90  TRP B N   1 
ATOM   675  C CA  . TRP A 1 90  ? -1.225  -17.938 -3.511  1.00 69.54  ? 90  TRP B CA  1 
ATOM   676  C C   . TRP A 1 90  ? -2.161  -16.774 -3.218  1.00 67.83  ? 90  TRP B C   1 
ATOM   677  O O   . TRP A 1 90  ? -3.372  -16.956 -3.112  1.00 68.03  ? 90  TRP B O   1 
ATOM   678  C CB  . TRP A 1 90  ? -0.788  -18.591 -2.195  1.00 72.28  ? 90  TRP B CB  1 
ATOM   679  C CG  . TRP A 1 90  ? -0.066  -19.889 -2.400  1.00 74.97  ? 90  TRP B CG  1 
ATOM   680  C CD1 . TRP A 1 90  ? -0.561  -21.018 -2.989  1.00 75.71  ? 90  TRP B CD1 1 
ATOM   681  C CD2 . TRP A 1 90  ? 1.290   -20.184 -2.042  1.00 76.21  ? 90  TRP B CD2 1 
ATOM   682  N NE1 . TRP A 1 90  ? 0.403   -21.997 -3.022  1.00 76.31  ? 90  TRP B NE1 1 
ATOM   683  C CE2 . TRP A 1 90  ? 1.550   -21.512 -2.449  1.00 76.40  ? 90  TRP B CE2 1 
ATOM   684  C CE3 . TRP A 1 90  ? 2.313   -19.455 -1.419  1.00 76.74  ? 90  TRP B CE3 1 
ATOM   685  C CZ2 . TRP A 1 90  ? 2.789   -22.128 -2.252  1.00 76.71  ? 90  TRP B CZ2 1 
ATOM   686  C CZ3 . TRP A 1 90  ? 3.548   -20.069 -1.224  1.00 77.14  ? 90  TRP B CZ3 1 
ATOM   687  C CH2 . TRP A 1 90  ? 3.773   -21.395 -1.641  1.00 76.95  ? 90  TRP B CH2 1 
ATOM   688  N N   . GLY A 1 91  ? -1.600  -15.578 -3.091  1.00 65.76  ? 91  GLY B N   1 
ATOM   689  C CA  . GLY A 1 91  ? -2.418  -14.413 -2.814  1.00 62.51  ? 91  GLY B CA  1 
ATOM   690  C C   . GLY A 1 91  ? -2.044  -13.736 -1.513  1.00 59.95  ? 91  GLY B C   1 
ATOM   691  O O   . GLY A 1 91  ? -2.761  -12.861 -1.036  1.00 59.35  ? 91  GLY B O   1 
ATOM   692  N N   . ARG A 1 92  ? -0.933  -14.120 -0.923  1.00 57.94  ? 92  ARG B N   1 
ATOM   693  C CA  . ARG A 1 92  ? -0.559  -13.502 0.316   1.00 55.49  ? 92  ARG B CA  1 
ATOM   694  C C   . ARG A 1 92  ? 0.207   -12.217 0.055   1.00 53.47  ? 92  ARG B C   1 
ATOM   695  O O   . ARG A 1 92  ? 1.050   -12.153 -0.801  1.00 52.70  ? 92  ARG B O   1 
ATOM   696  C CB  . ARG A 1 92  ? 0.213   -14.432 1.241   1.00 57.14  ? 92  ARG B CB  1 
ATOM   697  C CG  . ARG A 1 92  ? 0.238   -15.892 0.865   1.00 59.25  ? 92  ARG B CG  1 
ATOM   698  C CD  . ARG A 1 92  ? 1.368   -16.624 1.590   1.00 61.26  ? 92  ARG B CD  1 
ATOM   699  N NE  . ARG A 1 92  ? 0.900   -17.892 2.151   1.00 63.71  ? 92  ARG B NE  1 
ATOM   700  C CZ  . ARG A 1 92  ? 1.603   -18.696 2.941   1.00 63.71  ? 92  ARG B CZ  1 
ATOM   701  N NH1 . ARG A 1 92  ? 2.826   -18.399 3.298   1.00 62.98  ? 92  ARG B NH1 1 
ATOM   702  N NH2 . ARG A 1 92  ? 1.060   -19.797 3.390   1.00 64.79  ? 92  ARG B NH2 1 
ATOM   703  N N   . PRO A 1 93  ? -0.118  -11.191 0.809   1.00 51.06  ? 93  PRO B N   1 
ATOM   704  C CA  . PRO A 1 93  ? 0.523   -9.882  0.667   1.00 49.60  ? 93  PRO B CA  1 
ATOM   705  C C   . PRO A 1 93  ? 1.913   -9.888  1.298   1.00 47.33  ? 93  PRO B C   1 
ATOM   706  O O   . PRO A 1 93  ? 2.135   -10.529 2.323   1.00 46.28  ? 93  PRO B O   1 
ATOM   707  C CB  . PRO A 1 93  ? -0.440  -8.951  1.392   1.00 49.96  ? 93  PRO B CB  1 
ATOM   708  C CG  . PRO A 1 93  ? -0.952  -9.820  2.496   1.00 50.95  ? 93  PRO B CG  1 
ATOM   709  C CD  . PRO A 1 93  ? -1.224  -11.128 1.784   1.00 50.77  ? 93  PRO B CD  1 
ATOM   710  N N   . ARG A 1 94  ? 2.852   -9.218  0.660   1.00 45.54  ? 94  ARG B N   1 
ATOM   711  C CA  . ARG A 1 94  ? 4.190   -9.079  1.188   1.00 43.32  ? 94  ARG B CA  1 
ATOM   712  C C   . ARG A 1 94  ? 4.637   -7.637  1.157   1.00 41.61  ? 94  ARG B C   1 
ATOM   713  O O   . ARG A 1 94  ? 4.564   -6.986  0.124   1.00 39.53  ? 94  ARG B O   1 
ATOM   714  C CB  . ARG A 1 94  ? 5.173   -9.915  0.385   1.00 45.74  ? 94  ARG B CB  1 
ATOM   715  C CG  . ARG A 1 94  ? 6.031   -10.805 1.231   1.00 48.58  ? 94  ARG B CG  1 
ATOM   716  C CD  . ARG A 1 94  ? 5.691   -12.264 1.036   1.00 51.96  ? 94  ARG B CD  1 
ATOM   717  N NE  . ARG A 1 94  ? 5.541   -12.960 2.296   1.00 53.06  ? 94  ARG B NE  1 
ATOM   718  C CZ  . ARG A 1 94  ? 5.313   -14.254 2.398   1.00 54.87  ? 94  ARG B CZ  1 
ATOM   719  N NH1 . ARG A 1 94  ? 5.216   -14.999 1.317   1.00 55.18  ? 94  ARG B NH1 1 
ATOM   720  N NH2 . ARG A 1 94  ? 5.189   -14.805 3.580   1.00 52.84  ? 94  ARG B NH2 1 
ATOM   721  N N   . VAL A 1 95  ? 5.117   -7.149  2.291   1.00 37.33  ? 95  VAL B N   1 
ATOM   722  C CA  . VAL A 1 95  ? 5.615   -5.782  2.373   1.00 36.44  ? 95  VAL B CA  1 
ATOM   723  C C   . VAL A 1 95  ? 7.120   -5.680  2.100   1.00 36.37  ? 95  VAL B C   1 
ATOM   724  O O   . VAL A 1 95  ? 7.923   -6.356  2.745   1.00 37.72  ? 95  VAL B O   1 
ATOM   725  C CB  . VAL A 1 95  ? 5.317   -5.170  3.759   1.00 35.70  ? 95  VAL B CB  1 
ATOM   726  C CG1 . VAL A 1 95  ? 5.830   -3.733  3.819   1.00 31.79  ? 95  VAL B CG1 1 
ATOM   727  C CG2 . VAL A 1 95  ? 3.809   -5.215  4.030   1.00 32.07  ? 95  VAL B CG2 1 
ATOM   728  N N   . ARG A 1 96  ? 7.477   -4.835  1.137   1.00 36.20  ? 96  ARG B N   1 
ATOM   729  C CA  . ARG A 1 96  ? 8.868   -4.599  0.749   1.00 37.16  ? 96  ARG B CA  1 
ATOM   730  C C   . ARG A 1 96  ? 9.249   -3.161  1.104   1.00 36.16  ? 96  ARG B C   1 
ATOM   731  O O   . ARG A 1 96  ? 8.540   -2.220  0.746   1.00 36.15  ? 96  ARG B O   1 
ATOM   732  C CB  . ARG A 1 96  ? 9.052   -4.810  -0.757  1.00 39.43  ? 96  ARG B CB  1 
ATOM   733  C CG  . ARG A 1 96  ? 9.043   -6.262  -1.201  1.00 43.06  ? 96  ARG B CG  1 
ATOM   734  C CD  . ARG A 1 96  ? 9.333   -6.433  -2.698  1.00 46.23  ? 96  ARG B CD  1 
ATOM   735  N NE  . ARG A 1 96  ? 10.726  -6.142  -3.065  1.00 49.26  ? 96  ARG B NE  1 
ATOM   736  C CZ  . ARG A 1 96  ? 11.218  -4.924  -3.280  1.00 50.62  ? 96  ARG B CZ  1 
ATOM   737  N NH1 . ARG A 1 96  ? 10.438  -3.853  -3.171  1.00 51.31  ? 96  ARG B NH1 1 
ATOM   738  N NH2 . ARG A 1 96  ? 12.492  -4.779  -3.616  1.00 48.61  ? 96  ARG B NH2 1 
ATOM   739  N N   . LEU A 1 97  ? 10.373  -2.999  1.797   1.00 34.93  ? 97  LEU B N   1 
ATOM   740  C CA  . LEU A 1 97  ? 10.838  -1.680  2.221   1.00 35.45  ? 97  LEU B CA  1 
ATOM   741  C C   . LEU A 1 97  ? 12.185  -1.267  1.621   1.00 36.38  ? 97  LEU B C   1 
ATOM   742  O O   . LEU A 1 97  ? 13.039  -2.106  1.320   1.00 35.09  ? 97  LEU B O   1 
ATOM   743  C CB  . LEU A 1 97  ? 10.938  -1.630  3.751   1.00 34.74  ? 97  LEU B CB  1 
ATOM   744  C CG  . LEU A 1 97  ? 9.740   -1.203  4.614   1.00 35.41  ? 97  LEU B CG  1 
ATOM   745  C CD1 . LEU A 1 97  ? 8.436   -1.761  4.083   1.00 34.57  ? 97  LEU B CD1 1 
ATOM   746  C CD2 . LEU A 1 97  ? 9.996   -1.650  6.044   1.00 32.30  ? 97  LEU B CD2 1 
ATOM   747  N N   . THR A 1 98  ? 12.366  0.039   1.461   1.00 36.97  ? 98  THR B N   1 
ATOM   748  C CA  . THR A 1 98  ? 13.603  0.599   0.922   1.00 38.59  ? 98  THR B CA  1 
ATOM   749  C C   . THR A 1 98  ? 13.777  1.994   1.502   1.00 39.92  ? 98  THR B C   1 
ATOM   750  O O   . THR A 1 98  ? 12.931  2.467   2.259   1.00 40.56  ? 98  THR B O   1 
ATOM   751  C CB  . THR A 1 98  ? 13.558  0.723   -0.619  1.00 38.44  ? 98  THR B CB  1 
ATOM   752  O OG1 . THR A 1 98  ? 12.529  1.648   -0.988  1.00 38.49  ? 98  THR B OG1 1 
ATOM   753  C CG2 . THR A 1 98  ? 13.280  -0.637  -1.268  1.00 38.78  ? 98  THR B CG2 1 
ATOM   754  N N   . GLY A 1 99  ? 14.870  2.662   1.145   1.00 40.57  ? 99  GLY B N   1 
ATOM   755  C CA  . GLY A 1 99  ? 15.096  4.003   1.655   1.00 41.13  ? 99  GLY B CA  1 
ATOM   756  C C   . GLY A 1 99  ? 15.191  4.059   3.167   1.00 41.08  ? 99  GLY B C   1 
ATOM   757  O O   . GLY A 1 99  ? 15.634  3.109   3.807   1.00 41.26  ? 99  GLY B O   1 
ATOM   758  N N   . ALA A 1 100 ? 14.752  5.174   3.744   1.00 42.33  ? 100 ALA B N   1 
ATOM   759  C CA  . ALA A 1 100 ? 14.814  5.369   5.191   1.00 42.68  ? 100 ALA B CA  1 
ATOM   760  C C   . ALA A 1 100 ? 13.878  4.467   5.985   1.00 42.54  ? 100 ALA B C   1 
ATOM   761  O O   . ALA A 1 100 ? 14.242  3.960   7.046   1.00 43.46  ? 100 ALA B O   1 
ATOM   762  C CB  . ALA A 1 100 ? 14.528  6.828   5.524   1.00 42.76  ? 100 ALA B CB  1 
ATOM   763  N N   . ILE A 1 101 ? 12.701  4.236   5.451   1.00 20.00  ? 101 ILE B N   1 
ATOM   764  C CA  . ILE A 1 101 ? 11.707  3.463   6.142   1.00 20.00  ? 101 ILE B CA  1 
ATOM   765  C C   . ILE A 1 101 ? 12.171  2.043   6.436   1.00 20.00  ? 101 ILE B C   1 
ATOM   766  O O   . ILE A 1 101 ? 11.918  1.524   7.486   1.00 39.23  ? 101 ILE B O   1 
ATOM   767  C CB  . ILE A 1 101 ? 10.349  3.523   5.415   1.00 20.00  ? 101 ILE B CB  1 
ATOM   768  C CG1 . ILE A 1 101 ? 9.333   2.600   6.034   1.00 20.00  ? 101 ILE B CG1 1 
ATOM   769  C CG2 . ILE A 1 101 ? 10.479  3.208   4.002   1.00 20.00  ? 101 ILE B CG2 1 
ATOM   770  C CD1 . ILE A 1 101 ? 8.074   2.710   5.388   1.00 20.00  ? 101 ILE B CD1 1 
ATOM   771  N N   . ALA A 1 102 ? 12.887  1.432   5.511   1.00 38.24  ? 102 ALA B N   1 
ATOM   772  C CA  . ALA A 1 102 ? 13.457  0.105   5.746   1.00 37.55  ? 102 ALA B CA  1 
ATOM   773  C C   . ALA A 1 102 ? 14.380  0.129   6.971   1.00 37.78  ? 102 ALA B C   1 
ATOM   774  O O   . ALA A 1 102 ? 14.394  -0.804  7.769   1.00 34.28  ? 102 ALA B O   1 
ATOM   775  C CB  . ALA A 1 102 ? 14.215  -0.372  4.514   1.00 36.09  ? 102 ALA B CB  1 
ATOM   776  N N   . GLU A 1 103 ? 15.143  1.208   7.121   1.00 39.58  ? 103 GLU B N   1 
ATOM   777  C CA  . GLU A 1 103 ? 16.052  1.345   8.253   1.00 40.92  ? 103 GLU B CA  1 
ATOM   778  C C   . GLU A 1 103 ? 15.315  1.541   9.576   1.00 40.25  ? 103 GLU B C   1 
ATOM   779  O O   . GLU A 1 103 ? 15.570  0.826   10.551  1.00 40.87  ? 103 GLU B O   1 
ATOM   780  C CB  . GLU A 1 103 ? 17.005  2.516   8.009   1.00 44.27  ? 103 GLU B CB  1 
ATOM   781  C CG  . GLU A 1 103 ? 18.098  2.186   7.007   1.00 47.65  ? 103 GLU B CG  1 
ATOM   782  C CD  . GLU A 1 103 ? 19.167  1.291   7.608   1.00 50.19  ? 103 GLU B CD  1 
ATOM   783  O OE1 . GLU A 1 103 ? 20.045  1.824   8.327   1.00 51.41  ? 103 GLU B OE1 1 
ATOM   784  O OE2 . GLU A 1 103 ? 19.125  0.061   7.377   1.00 49.72  ? 103 GLU B OE2 1 
ATOM   785  N N   . TYR A 1 104 ? 14.398  2.500   9.607   1.00 38.72  ? 104 TYR B N   1 
ATOM   786  C CA  . TYR A 1 104 ? 13.634  2.780   10.821  1.00 40.15  ? 104 TYR B CA  1 
ATOM   787  C C   . TYR A 1 104 ? 12.690  1.654   11.269  1.00 38.88  ? 104 TYR B C   1 
ATOM   788  O O   . TYR A 1 104 ? 12.379  1.538   12.453  1.00 38.45  ? 104 TYR B O   1 
ATOM   789  C CB  . TYR A 1 104 ? 12.825  4.074   10.662  1.00 41.84  ? 104 TYR B CB  1 
ATOM   790  C CG  . TYR A 1 104 ? 13.675  5.325   10.581  1.00 44.99  ? 104 TYR B CG  1 
ATOM   791  C CD1 . TYR A 1 104 ? 14.265  5.716   9.378   1.00 46.99  ? 104 TYR B CD1 1 
ATOM   792  C CD2 . TYR A 1 104 ? 13.903  6.108   11.713  1.00 46.18  ? 104 TYR B CD2 1 
ATOM   793  C CE1 . TYR A 1 104 ? 15.064  6.864   9.305   1.00 47.75  ? 104 TYR B CE1 1 
ATOM   794  C CE2 . TYR A 1 104 ? 14.699  7.255   11.651  1.00 47.45  ? 104 TYR B CE2 1 
ATOM   795  C CZ  . TYR A 1 104 ? 15.275  7.624   10.444  1.00 47.46  ? 104 TYR B CZ  1 
ATOM   796  O OH  . TYR A 1 104 ? 16.065  8.750   10.375  1.00 48.18  ? 104 TYR B OH  1 
ATOM   797  N N   . LEU A 1 105 ? 12.223  0.833   10.336  1.00 37.75  ? 105 LEU B N   1 
ATOM   798  C CA  . LEU A 1 105 ? 11.311  -0.252  10.702  1.00 35.64  ? 105 LEU B CA  1 
ATOM   799  C C   . LEU A 1 105 ? 12.031  -1.576  10.602  1.00 35.14  ? 105 LEU B C   1 
ATOM   800  O O   . LEU A 1 105 ? 11.410  -2.630  10.496  1.00 33.29  ? 105 LEU B O   1 
ATOM   801  C CB  . LEU A 1 105 ? 10.094  -0.262  9.778   1.00 34.71  ? 105 LEU B CB  1 
ATOM   802  C CG  . LEU A 1 105 ? 9.190   0.967   9.817   1.00 35.28  ? 105 LEU B CG  1 
ATOM   803  C CD1 . LEU A 1 105 ? 8.127   0.833   8.733   1.00 34.75  ? 105 LEU B CD1 1 
ATOM   804  C CD2 . LEU A 1 105 ? 8.549   1.115   11.191  1.00 32.34  ? 105 LEU B CD2 1 
ATOM   805  N N   . ALA A 1 106 ? 13.356  -1.503  10.638  1.00 34.33  ? 106 ALA B N   1 
ATOM   806  C CA  . ALA A 1 106 ? 14.198  -2.682  10.542  1.00 33.84  ? 106 ALA B CA  1 
ATOM   807  C C   . ALA A 1 106 ? 13.844  -3.692  11.623  1.00 32.46  ? 106 ALA B C   1 
ATOM   808  O O   . ALA A 1 106 ? 13.867  -4.893  11.376  1.00 34.72  ? 106 ALA B O   1 
ATOM   809  C CB  . ALA A 1 106 ? 15.657  -2.277  10.653  1.00 34.00  ? 106 ALA B CB  1 
ATOM   810  N N   . ASP A 1 107 ? 13.503  -3.214  12.815  1.00 32.50  ? 107 ASP B N   1 
ATOM   811  C CA  . ASP A 1 107 ? 13.156  -4.112  13.908  1.00 31.79  ? 107 ASP B CA  1 
ATOM   812  C C   . ASP A 1 107 ? 11.657  -4.165  14.180  1.00 30.55  ? 107 ASP B C   1 
ATOM   813  O O   . ASP A 1 107 ? 11.237  -4.629  15.241  1.00 32.08  ? 107 ASP B O   1 
ATOM   814  C CB  . ASP A 1 107 ? 13.896  -3.709  15.188  1.00 34.53  ? 107 ASP B CB  1 
ATOM   815  C CG  . ASP A 1 107 ? 15.393  -3.659  14.996  1.00 37.08  ? 107 ASP B CG  1 
ATOM   816  O OD1 . ASP A 1 107 ? 15.958  -4.630  14.447  1.00 37.97  ? 107 ASP B OD1 1 
ATOM   817  O OD2 . ASP A 1 107 ? 16.006  -2.651  15.398  1.00 40.47  ? 107 ASP B OD2 1 
ATOM   818  N N   . VAL A 1 108 ? 10.849  -3.702  13.225  1.00 27.91  ? 108 VAL B N   1 
ATOM   819  C CA  . VAL A 1 108 ? 9.390   -3.713  13.379  1.00 25.56  ? 108 VAL B CA  1 
ATOM   820  C C   . VAL A 1 108 ? 8.743   -4.758  12.457  1.00 24.69  ? 108 VAL B C   1 
ATOM   821  O O   . VAL A 1 108 ? 9.041   -4.787  11.279  1.00 23.97  ? 108 VAL B O   1 
ATOM   822  C CB  . VAL A 1 108 ? 8.785   -2.331  13.036  1.00 27.05  ? 108 VAL B CB  1 
ATOM   823  C CG1 . VAL A 1 108 ? 7.281   -2.422  13.054  1.00 24.50  ? 108 VAL B CG1 1 
ATOM   824  C CG2 . VAL A 1 108 ? 9.277   -1.269  14.029  1.00 28.18  ? 108 VAL B CG2 1 
ATOM   825  N N   . THR A 1 109 ? 7.873   -5.609  13.003  1.00 23.54  ? 109 THR B N   1 
ATOM   826  C CA  . THR A 1 109 ? 7.187   -6.626  12.210  1.00 24.23  ? 109 THR B CA  1 
ATOM   827  C C   . THR A 1 109 ? 5.928   -5.979  11.625  1.00 25.05  ? 109 THR B C   1 
ATOM   828  O O   . THR A 1 109 ? 5.179   -5.322  12.347  1.00 23.24  ? 109 THR B O   1 
ATOM   829  C CB  . THR A 1 109 ? 6.764   -7.837  13.082  1.00 26.02  ? 109 THR B CB  1 
ATOM   830  O OG1 . THR A 1 109 ? 7.919   -8.416  13.707  1.00 25.88  ? 109 THR B OG1 1 
ATOM   831  C CG2 . THR A 1 109 ? 6.071   -8.902  12.233  1.00 25.51  ? 109 THR B CG2 1 
ATOM   832  N N   . ILE A 1 110 ? 5.707   -6.116  10.322  1.00 20.00  ? 110 ILE B N   1 
ATOM   833  C CA  . ILE A 1 110 ? 4.522   -5.549  9.692   1.00 20.00  ? 110 ILE B CA  1 
ATOM   834  C C   . ILE A 1 110 ? 3.523   -6.638  9.310   1.00 20.00  ? 110 ILE B C   1 
ATOM   835  O O   . ILE A 1 110 ? 3.868   -7.575  8.567   1.00 21.55  ? 110 ILE B O   1 
ATOM   836  C CB  . ILE A 1 110 ? 4.910   -4.729  8.447   1.00 20.00  ? 110 ILE B CB  1 
ATOM   837  C CG1 . ILE A 1 110 ? 5.771   -3.529  8.846   1.00 20.00  ? 110 ILE B CG1 1 
ATOM   838  C CG2 . ILE A 1 110 ? 3.667   -4.274  7.700   1.00 20.00  ? 110 ILE B CG2 1 
ATOM   839  C CD1 . ILE A 1 110 ? 6.393   -2.805  7.673   1.00 20.00  ? 110 ILE B CD1 1 
ATOM   840  N N   . HIS A 1 111 ? 2.321   -6.584  9.866   1.00 20.35  ? 111 HIS B N   1 
ATOM   841  C CA  . HIS A 1 111 ? 1.299   -7.577  9.587   1.00 19.61  ? 111 HIS B CA  1 
ATOM   842  C C   . HIS A 1 111 ? 0.261   -6.936  8.684   1.00 19.42  ? 111 HIS B C   1 
ATOM   843  O O   . HIS A 1 111 ? -0.332  -5.928  9.049   1.00 20.57  ? 111 HIS B O   1 
ATOM   844  C CB  . HIS A 1 111 ? 0.635   -8.042  10.893  1.00 19.34  ? 111 HIS B CB  1 
ATOM   845  C CG  . HIS A 1 111 ? 1.587   -8.646  11.879  1.00 18.70  ? 111 HIS B CG  1 
ATOM   846  N ND1 . HIS A 1 111 ? 2.142   -7.931  12.915  1.00 19.56  ? 111 HIS B ND1 1 
ATOM   847  C CD2 . HIS A 1 111 ? 2.066   -9.909  11.997  1.00 19.38  ? 111 HIS B CD2 1 
ATOM   848  C CE1 . HIS A 1 111 ? 2.916   -8.723  13.634  1.00 19.15  ? 111 HIS B CE1 1 
ATOM   849  N NE2 . HIS A 1 111 ? 2.888   -9.931  13.100  1.00 23.03  ? 111 HIS B NE2 1 
ATOM   850  N N   . VAL A 1 112 ? 0.045   -7.508  7.504   1.00 20.48  ? 112 VAL B N   1 
ATOM   851  C CA  . VAL A 1 112 ? -0.937  -6.949  6.590   1.00 19.89  ? 112 VAL B CA  1 
ATOM   852  C C   . VAL A 1 112 ? -1.852  -8.011  5.999   1.00 21.17  ? 112 VAL B C   1 
ATOM   853  O O   . VAL A 1 112 ? -1.446  -9.146  5.788   1.00 19.01  ? 112 VAL B O   1 
ATOM   854  C CB  . VAL A 1 112 ? -0.270  -6.196  5.397   1.00 21.75  ? 112 VAL B CB  1 
ATOM   855  C CG1 . VAL A 1 112 ? 0.664   -5.114  5.918   1.00 25.67  ? 112 VAL B CG1 1 
ATOM   856  C CG2 . VAL A 1 112 ? 0.506   -7.189  4.507   1.00 23.42  ? 112 VAL B CG2 1 
ATOM   857  N N   . SER A 1 113 ? -3.096  -7.625  5.735   1.00 20.12  ? 113 SER B N   1 
ATOM   858  C CA  . SER A 1 113 ? -4.058  -8.515  5.122   1.00 19.96  ? 113 SER B CA  1 
ATOM   859  C C   . SER A 1 113 ? -4.868  -7.683  4.152   1.00 20.21  ? 113 SER B C   1 
ATOM   860  O O   . SER A 1 113 ? -5.140  -6.497  4.400   1.00 21.15  ? 113 SER B O   1 
ATOM   861  C CB  . SER A 1 113 ? -4.990  -9.136  6.159   1.00 20.84  ? 113 SER B CB  1 
ATOM   862  O OG  . SER A 1 113 ? -5.982  -9.908  5.513   1.00 19.62  ? 113 SER B OG  1 
ATOM   863  N N   . LEU A 1 114 ? -5.249  -8.300  3.044   1.00 20.32  ? 114 LEU B N   1 
ATOM   864  C CA  . LEU A 1 114 ? -6.026  -7.590  2.043   1.00 20.72  ? 114 LEU B CA  1 
ATOM   865  C C   . LEU A 1 114 ? -7.197  -8.406  1.517   1.00 21.78  ? 114 LEU B C   1 
ATOM   866  O O   . LEU A 1 114 ? -7.194  -9.633  1.590   1.00 24.57  ? 114 LEU B O   1 
ATOM   867  C CB  . LEU A 1 114 ? -5.110  -7.128  0.890   1.00 21.60  ? 114 LEU B CB  1 
ATOM   868  C CG  . LEU A 1 114 ? -4.163  -8.102  0.194   1.00 23.00  ? 114 LEU B CG  1 
ATOM   869  C CD1 . LEU A 1 114 ? -4.973  -9.093  -0.617  1.00 26.13  ? 114 LEU B CD1 1 
ATOM   870  C CD2 . LEU A 1 114 ? -3.209  -7.345  -0.718  1.00 22.18  ? 114 LEU B CD2 1 
ATOM   871  N N   . THR A 1 115 ? -8.203  -7.703  1.003   1.00 22.92  ? 115 THR B N   1 
ATOM   872  C CA  . THR A 1 115 ? -9.406  -8.329  0.473   1.00 23.12  ? 115 THR B CA  1 
ATOM   873  C C   . THR A 1 115 ? -10.018 -7.442  -0.599  1.00 25.66  ? 115 THR B C   1 
ATOM   874  O O   . THR A 1 115 ? -9.508  -6.361  -0.893  1.00 23.70  ? 115 THR B O   1 
ATOM   875  C CB  . THR A 1 115 ? -10.461 -8.556  1.605   1.00 21.91  ? 115 THR B CB  1 
ATOM   876  O OG1 . THR A 1 115 ? -11.568 -9.312  1.102   1.00 24.78  ? 115 THR B OG1 1 
ATOM   877  C CG2 . THR A 1 115 ? -10.958 -7.223  2.147   1.00 19.76  ? 115 THR B CG2 1 
ATOM   878  N N   . HIS A 1 116 ? -11.098 -7.913  -1.191  1.00 26.81  ? 116 HIS B N   1 
ATOM   879  C CA  . HIS A 1 116 ? -11.820 -7.143  -2.175  1.00 30.09  ? 116 HIS B CA  1 
ATOM   880  C C   . HIS A 1 116 ? -13.121 -7.819  -2.555  1.00 29.86  ? 116 HIS B C   1 
ATOM   881  O O   . HIS A 1 116 ? -13.190 -9.011  -2.672  1.00 30.61  ? 116 HIS B O   1 
ATOM   882  C CB  . HIS A 1 116 ? -10.958 -6.885  -3.419  1.00 30.23  ? 116 HIS B CB  1 
ATOM   883  C CG  . HIS A 1 116 ? -10.825 -8.063  -4.322  1.00 34.12  ? 116 HIS B CG  1 
ATOM   884  N ND1 . HIS A 1 116 ? -9.839  -9.010  -4.167  1.00 34.90  ? 116 HIS B ND1 1 
ATOM   885  C CD2 . HIS A 1 116 ? -11.547 -8.446  -5.395  1.00 34.34  ? 116 HIS B CD2 1 
ATOM   886  C CE1 . HIS A 1 116 ? -9.966  -9.926  -5.103  1.00 36.98  ? 116 HIS B CE1 1 
ATOM   887  N NE2 . HIS A 1 116 ? -10.995 -9.606  -5.860  1.00 36.92  ? 116 HIS B NE2 1 
ATOM   888  N N   . GLU A 1 117 ? -14.134 -7.011  -2.757  1.00 27.98  ? 117 GLU B N   1 
ATOM   889  C CA  . GLU A 1 117 ? -15.456 -7.481  -3.112  1.00 29.53  ? 117 GLU B CA  1 
ATOM   890  C C   . GLU A 1 117 ? -16.265 -6.357  -3.745  1.00 28.67  ? 117 GLU B C   1 
ATOM   891  O O   . GLU A 1 117 ? -16.233 -5.211  -3.283  1.00 25.35  ? 117 GLU B O   1 
ATOM   892  C CB  . GLU A 1 117 ? -16.190 -7.997  -1.878  1.00 28.39  ? 117 GLU B CB  1 
ATOM   893  C CG  . GLU A 1 117 ? -17.671 -7.741  -1.924  1.00 32.29  ? 117 GLU B CG  1 
ATOM   894  C CD  . GLU A 1 117 ? -18.021 -6.346  -1.430  1.00 29.43  ? 117 GLU B CD  1 
ATOM   895  O OE1 . GLU A 1 117 ? -18.991 -5.761  -1.923  1.00 33.36  ? 117 GLU B OE1 1 
ATOM   896  O OE2 . GLU A 1 117 ? -17.323 -5.847  -0.536  1.00 33.72  ? 117 GLU B OE2 1 
ATOM   897  N N   . GLY A 1 118 ? -17.012 -6.704  -4.789  1.00 28.53  ? 118 GLY B N   1 
ATOM   898  C CA  . GLY A 1 118 ? -17.825 -5.717  -5.472  1.00 29.99  ? 118 GLY B CA  1 
ATOM   899  C C   . GLY A 1 118 ? -16.988 -4.552  -5.963  1.00 29.47  ? 118 GLY B C   1 
ATOM   900  O O   . GLY A 1 118 ? -15.981 -4.756  -6.625  1.00 28.15  ? 118 GLY B O   1 
ATOM   901  N N   . ASP A 1 119 ? -17.401 -3.333  -5.639  1.00 33.37  ? 119 ASP B N   1 
ATOM   902  C CA  . ASP A 1 119 ? -16.675 -2.143  -6.070  1.00 35.52  ? 119 ASP B CA  1 
ATOM   903  C C   . ASP A 1 119 ? -15.655 -1.656  -5.034  1.00 32.97  ? 119 ASP B C   1 
ATOM   904  O O   . ASP A 1 119 ? -15.291 -0.478  -5.021  1.00 34.01  ? 119 ASP B O   1 
ATOM   905  C CB  . ASP A 1 119 ? -17.660 -1.013  -6.388  1.00 39.86  ? 119 ASP B CB  1 
ATOM   906  C CG  . ASP A 1 119 ? -18.595 -1.347  -7.552  1.00 45.62  ? 119 ASP B CG  1 
ATOM   907  O OD1 . ASP A 1 119 ? -18.092 -1.602  -8.673  1.00 47.15  ? 119 ASP B OD1 1 
ATOM   908  O OD2 . ASP A 1 119 ? -19.831 -1.350  -7.348  1.00 48.28  ? 119 ASP B OD2 1 
ATOM   909  N N   . THR A 1 120 ? -15.178 -2.547  -4.170  1.00 31.65  ? 120 THR B N   1 
ATOM   910  C CA  . THR A 1 120 ? -14.208 -2.120  -3.162  1.00 30.74  ? 120 THR B CA  1 
ATOM   911  C C   . THR A 1 120 ? -13.140 -3.130  -2.727  1.00 27.37  ? 120 THR B C   1 
ATOM   912  O O   . THR A 1 120 ? -13.375 -4.342  -2.682  1.00 27.03  ? 120 THR B O   1 
ATOM   913  C CB  . THR A 1 120 ? -14.933 -1.609  -1.889  1.00 33.44  ? 120 THR B CB  1 
ATOM   914  O OG1 . THR A 1 120 ? -14.054 -1.714  -0.761  1.00 36.22  ? 120 THR B OG1 1 
ATOM   915  C CG2 . THR A 1 120 ? -16.187 -2.405  -1.637  1.00 35.48  ? 120 THR B CG2 1 
ATOM   916  N N   . ALA A 1 121 ? -11.967 -2.600  -2.389  1.00 23.73  ? 121 ALA B N   1 
ATOM   917  C CA  . ALA A 1 121 ? -10.842 -3.409  -1.909  1.00 21.02  ? 121 ALA B CA  1 
ATOM   918  C C   . ALA A 1 121 ? -10.510 -2.891  -0.527  1.00 20.75  ? 121 ALA B C   1 
ATOM   919  O O   . ALA A 1 121 ? -10.842 -1.755  -0.183  1.00 20.29  ? 121 ALA B O   1 
ATOM   920  C CB  . ALA A 1 121 ? -9.633  -3.248  -2.822  1.00 21.59  ? 121 ALA B CB  1 
ATOM   921  N N   . ALA A 1 122 ? -9.853  -3.719  0.272   1.00 20.85  ? 122 ALA B N   1 
ATOM   922  C CA  . ALA A 1 122 ? -9.522  -3.284  1.613   1.00 20.21  ? 122 ALA B CA  1 
ATOM   923  C C   . ALA A 1 122 ? -8.311  -4.005  2.120   1.00 17.51  ? 122 ALA B C   1 
ATOM   924  O O   . ALA A 1 122 ? -7.892  -5.027  1.569   1.00 16.17  ? 122 ALA B O   1 
ATOM   925  C CB  . ALA A 1 122 ? -10.707 -3.523  2.562   1.00 15.60  ? 122 ALA B CB  1 
ATOM   926  N N   . ALA A 1 123 ? -7.801  -3.483  3.227   1.00 20.78  ? 123 ALA B N   1 
ATOM   927  C CA  . ALA A 1 123 ? -6.618  -4.024  3.837   1.00 18.82  ? 123 ALA B CA  1 
ATOM   928  C C   . ALA A 1 123 ? -6.429  -3.394  5.209   1.00 20.88  ? 123 ALA B C   1 
ATOM   929  O O   . ALA A 1 123 ? -6.933  -2.302  5.495   1.00 21.73  ? 123 ALA B O   1 
ATOM   930  C CB  . ALA A 1 123 ? -5.413  -3.717  2.951   1.00 20.46  ? 123 ALA B CB  1 
ATOM   931  N N   . VAL A 1 124 ? -5.691  -4.098  6.050   1.00 18.94  ? 124 VAL B N   1 
ATOM   932  C CA  . VAL A 1 124 ? -5.394  -3.645  7.389   1.00 19.62  ? 124 VAL B CA  1 
ATOM   933  C C   . VAL A 1 124 ? -3.916  -3.928  7.602   1.00 18.76  ? 124 VAL B C   1 
ATOM   934  O O   . VAL A 1 124 ? -3.370  -4.865  7.021   1.00 22.07  ? 124 VAL B O   1 
ATOM   935  C CB  . VAL A 1 124 ? -6.212  -4.418  8.430   1.00 19.99  ? 124 VAL B CB  1 
ATOM   936  C CG1 . VAL A 1 124 ? -6.040  -5.927  8.203   1.00 23.62  ? 124 VAL B CG1 1 
ATOM   937  C CG2 . VAL A 1 124 ? -5.736  -4.051  9.819   1.00 17.66  ? 124 VAL B CG2 1 
ATOM   938  N N   . ALA A 1 125 ? -3.264  -3.102  8.407   1.00 18.03  ? 125 ALA B N   1 
ATOM   939  C CA  . ALA A 1 125 ? -1.851  -3.281  8.681   1.00 18.66  ? 125 ALA B CA  1 
ATOM   940  C C   . ALA A 1 125 ? -1.654  -3.039  10.165  1.00 20.01  ? 125 ALA B C   1 
ATOM   941  O O   . ALA A 1 125 ? -2.274  -2.147  10.740  1.00 17.44  ? 125 ALA B O   1 
ATOM   942  C CB  . ALA A 1 125 ? -1.010  -2.294  7.877   1.00 18.18  ? 125 ALA B CB  1 
ATOM   943  N N   . ILE A 1 126 ? -0.812  -3.829  10.775  1.00 20.00  ? 126 ILE B N   1 
ATOM   944  C CA  . ILE A 1 126 ? -0.505  -3.702  12.194  1.00 20.00  ? 126 ILE B CA  1 
ATOM   945  C C   . ILE A 1 126 ? 0.997   -3.772  12.443  1.00 20.00  ? 126 ILE B C   1 
ATOM   946  O O   . ILE A 1 126 ? 1.625   -4.784  12.081  1.00 25.69  ? 126 ILE B O   1 
ATOM   947  C CB  . ILE A 1 126 ? -1.227  -4.795  13.003  1.00 20.00  ? 126 ILE B CB  1 
ATOM   948  C CG1 . ILE A 1 126 ? -2.745  -4.623  12.898  1.00 20.00  ? 126 ILE B CG1 1 
ATOM   949  C CG2 . ILE A 1 126 ? -0.782  -4.763  14.457  1.00 20.00  ? 126 ILE B CG2 1 
ATOM   950  C CD1 . ILE A 1 126 ? -3.531  -5.785  13.463  1.00 20.00  ? 126 ILE B CD1 1 
ATOM   951  N N   . LEU A 1 127 ? 1.539   -2.683  12.951  1.00 23.81  ? 127 LEU B N   1 
ATOM   952  C CA  . LEU A 1 127 ? 2.959   -2.535  13.248  1.00 23.19  ? 127 LEU B CA  1 
ATOM   953  C C   . LEU A 1 127 ? 3.175   -3.106  14.638  1.00 21.76  ? 127 LEU B C   1 
ATOM   954  O O   . LEU A 1 127 ? 2.468   -2.749  15.577  1.00 19.20  ? 127 LEU B O   1 
ATOM   955  C CB  . LEU A 1 127 ? 3.352   -1.044  13.212  1.00 24.39  ? 127 LEU B CB  1 
ATOM   956  C CG  . LEU A 1 127 ? 4.013   -0.518  11.922  1.00 27.44  ? 127 LEU B CG  1 
ATOM   957  C CD1 . LEU A 1 127 ? 3.443   -1.245  10.742  1.00 25.75  ? 127 LEU B CD1 1 
ATOM   958  C CD2 . LEU A 1 127 ? 3.856   0.986   11.785  1.00 25.43  ? 127 LEU B CD2 1 
ATOM   959  N N   . GLU A 1 128 ? 4.153   -3.993  14.770  1.00 20.83  ? 128 GLU B N   1 
ATOM   960  C CA  . GLU A 1 128 ? 4.413   -4.628  16.053  1.00 23.12  ? 128 GLU B CA  1 
ATOM   961  C C   . GLU A 1 128 ? 5.898   -4.751  16.320  1.00 26.34  ? 128 GLU B C   1 
ATOM   962  O O   . GLU A 1 128 ? 6.680   -5.135  15.441  1.00 24.54  ? 128 GLU B O   1 
ATOM   963  C CB  . GLU A 1 128 ? 3.765   -6.021  16.074  1.00 23.47  ? 128 GLU B CB  1 
ATOM   964  C CG  . GLU A 1 128 ? 4.017   -6.840  17.341  1.00 26.08  ? 128 GLU B CG  1 
ATOM   965  C CD  . GLU A 1 128 ? 3.688   -8.323  17.153  1.00 28.51  ? 128 GLU B CD  1 
ATOM   966  O OE1 . GLU A 1 128 ? 4.220   -8.933  16.199  1.00 28.17  ? 128 GLU B OE1 1 
ATOM   967  O OE2 . GLU A 1 128 ? 2.914   -8.878  17.955  1.00 27.90  ? 128 GLU B OE2 1 
ATOM   968  N N   . ALA A 1 129 ? 6.279   -4.425  17.548  1.00 30.57  ? 129 ALA B N   1 
ATOM   969  C CA  . ALA A 1 129 ? 7.665   -4.495  17.967  1.00 34.09  ? 129 ALA B CA  1 
ATOM   970  C C   . ALA A 1 129 ? 7.770   -5.610  18.998  1.00 38.10  ? 129 ALA B C   1 
ATOM   971  O O   . ALA A 1 129 ? 6.960   -5.683  19.920  1.00 37.94  ? 129 ALA B O   1 
ATOM   972  C CB  . ALA A 1 129 ? 8.078   -3.174  18.575  1.00 33.38  ? 129 ALA B CB  1 
ATOM   973  N N   . PRO A 1 130 ? 8.764   -6.501  18.851  1.00 42.46  ? 130 PRO B N   1 
ATOM   974  C CA  . PRO A 1 130 ? 8.962   -7.619  19.777  1.00 45.00  ? 130 PRO B CA  1 
ATOM   975  C C   . PRO A 1 130 ? 9.255   -7.190  21.214  1.00 47.41  ? 130 PRO B C   1 
ATOM   976  O O   . PRO A 1 130 ? 10.406  -7.407  21.665  1.00 49.83  ? 130 PRO B O   1 
ATOM   977  C CB  . PRO A 1 130 ? 10.131  -8.379  19.148  1.00 45.67  ? 130 PRO B CB  1 
ATOM   978  C CG  . PRO A 1 130 ? 10.924  -7.287  18.507  1.00 44.84  ? 130 PRO B CG  1 
ATOM   979  C CD  . PRO A 1 130 ? 9.841   -6.468  17.844  1.00 43.72  ? 130 PRO B CD  1 
HETATM 980  O O   . HOH B 2 .   ? 6.914   -9.190  19.824  1.00 33.76  ? 131 HOH B O   1 
HETATM 981  O O   . HOH B 2 .   ? -8.839  6.688   4.242   1.00 27.83  ? 132 HOH B O   1 
HETATM 982  O O   . HOH B 2 .   ? 0.867   7.327   -16.599 1.00 38.32  ? 133 HOH B O   1 
HETATM 983  O O   . HOH B 2 .   ? -0.925  11.557  -19.364 1.00 27.31  ? 134 HOH B O   1 
HETATM 984  O O   . HOH B 2 .   ? -0.575  11.604  -6.158  1.00 40.96  ? 135 HOH B O   1 
HETATM 985  O O   . HOH B 2 .   ? -10.769 5.646   -3.169  1.00 39.73  ? 136 HOH B O   1 
HETATM 986  O O   . HOH B 2 .   ? -10.276 -9.889  -16.045 1.00 33.98  ? 137 HOH B O   1 
HETATM 987  O O   . HOH B 2 .   ? -13.861 0.667   -18.095 1.00 33.69  ? 138 HOH B O   1 
HETATM 988  O O   . HOH B 2 .   ? -16.415 1.744   -18.173 1.00 46.04  ? 139 HOH B O   1 
HETATM 989  O O   . HOH B 2 .   ? -15.329 5.667   -12.877 1.00 36.67  ? 140 HOH B O   1 
HETATM 990  O O   . HOH B 2 .   ? -11.407 -7.454  -18.358 1.00 33.48  ? 141 HOH B O   1 
HETATM 991  O O   . HOH B 2 .   ? -14.833 -10.930 -19.303 1.00 30.90  ? 142 HOH B O   1 
HETATM 992  O O   . HOH B 2 .   ? -6.610  -8.303  -16.237 1.00 33.11  ? 143 HOH B O   1 
HETATM 993  O O   . HOH B 2 .   ? -10.354 -12.285 -8.794  1.00 25.92  ? 144 HOH B O   1 
HETATM 994  O O   . HOH B 2 .   ? -7.447  4.721   -0.591  1.00 34.80  ? 145 HOH B O   1 
HETATM 995  O O   . HOH B 2 .   ? 4.131   -2.252  -5.944  1.00 35.83  ? 146 HOH B O   1 
HETATM 996  O O   . HOH B 2 .   ? -4.432  -11.322 3.296   1.00 21.54  ? 147 HOH B O   1 
HETATM 997  O O   . HOH B 2 .   ? 13.512  -3.133  7.159   1.00 18.52  ? 148 HOH B O   1 
HETATM 998  O O   . HOH B 2 .   ? 16.687  -1.604  -1.578  1.00 40.96  ? 149 HOH B O   1 
HETATM 999  O O   . HOH B 2 .   ? 17.800  0.700   0.598   1.00 35.25  ? 150 HOH B O   1 
HETATM 1000 O O   . HOH B 2 .   ? 7.661   -7.609  8.731   1.00 26.28  ? 151 HOH B O   1 
HETATM 1001 O O   . HOH B 2 .   ? -19.862 2.658   -8.964  1.00 36.23  ? 152 HOH B O   1 
HETATM 1002 O O   . HOH B 2 .   ? 1.752   -0.815  22.547  1.00 39.96  ? 153 HOH B O   1 
# 
